data_6V0R
#
_entry.id   6V0R
#
loop_
_entity.id
_entity.type
_entity.pdbx_description
1 polymer 'BG505 SOSIPv5.2 gp120'
2 polymer 'BG505 SOSIPv5.2 gp41'
3 branched 2-acetamido-2-deoxy-beta-D-glucopyranose-(1-4)-2-acetamido-2-deoxy-beta-D-glucopyranose
4 branched alpha-D-mannopyranose-(1-2)-alpha-D-mannopyranose-(1-3)-[alpha-D-mannopyranose-(1-6)]beta-D-mannopyranose-(1-4)-2-acetamido-2-deoxy-beta-D-glucopyranose-(1-4)-2-acetamido-2-deoxy-beta-D-glucopyranose
5 branched beta-D-mannopyranose-(1-4)-2-acetamido-2-deoxy-beta-D-glucopyranose-(1-4)-2-acetamido-2-deoxy-beta-D-glucopyranose
6 branched 2-acetamido-2-deoxy-beta-D-glucopyranose-(1-4)-[alpha-L-fucopyranose-(1-6)]2-acetamido-2-deoxy-beta-D-glucopyranose
7 branched alpha-L-fucopyranose-(1-6)-2-acetamido-2-deoxy-beta-D-glucopyranose
8 non-polymer 2-acetamido-2-deoxy-beta-D-glucopyranose
#
loop_
_entity_poly.entity_id
_entity_poly.type
_entity_poly.pdbx_seq_one_letter_code
_entity_poly.pdbx_strand_id
1 'polypeptide(L)'
;AENLWVTVYYGVPVWKDAETTLFCASDAKAYETEKHNVWATHCCVPTDPNPQEIHLENVTEEFNMWKNNMVEQMHTDIIS
LWDQSLKPCVKLTPLCVTLQCTNVTNNITDDMRGELKNCSFNMTTELRDKKQKVYSLFYRLDVVQINENQGNRSNNSNKE
YRLINCNTSAITQACPKVSFEPIPIHYCAPAGFAILKCKDKKFNGTGPCPSVSTVQCTHGIKPVVSTQLLLNGSLAEEEV
MIRSENITNNAKNILVQFNTPVQINCTRPNNNTRKSIRIGPGQWFYATGDIIGDIRQAHCNVSKATWNETLGKVVKQLRK
HFGNNTIIRFANSSGGDLEVTTHSFNCGGEFFYCNTSGLFNSTWISNTSVQGSNSTGSNDSITLPCRIKQIINMWQRIGQ
AMYAPPIQGVIRCVSNITGLILTRDGGSTNSTTETFRPGGGDMRDNWRSELYKYKVVKIEPLGVAPTRCKRRVVG
;
A,C,D
2 'polypeptide(L)'
;AVGIGAVFLGFLGAAGSTMGAASMTLTVQARNLLSGIVQQQSNLLRAPECQQHLLKLTVWGIKQLQARVLAVERYLRDQQ
LLGIWGCSGKLICCTNVPWNSSWSNRNLSEIWDNMTWLQWDKEISNYTQIIYGLLEESQNQQEKNEQDLLALD
;
B,E,F
#
loop_
_chem_comp.id
_chem_comp.type
_chem_comp.name
_chem_comp.formula
BMA D-saccharide, beta linking beta-D-mannopyranose 'C6 H12 O6'
FUC L-saccharide, alpha linking alpha-L-fucopyranose 'C6 H12 O5'
MAN D-saccharide, alpha linking alpha-D-mannopyranose 'C6 H12 O6'
NAG D-saccharide, beta linking 2-acetamido-2-deoxy-beta-D-glucopyranose 'C8 H15 N O6'
#
# COMPACT_ATOMS: atom_id res chain seq x y z
N ALA A 1 18.19 38.95 -38.84
CA ALA A 1 17.65 40.11 -39.55
C ALA A 1 16.27 40.44 -39.06
N GLU A 2 15.49 39.39 -38.81
CA GLU A 2 14.12 39.49 -38.34
C GLU A 2 14.06 39.93 -36.89
N ASN A 3 15.17 39.79 -36.17
CA ASN A 3 15.26 40.17 -34.76
C ASN A 3 14.18 39.54 -33.90
N LEU A 4 14.01 38.23 -34.04
CA LEU A 4 13.00 37.53 -33.26
C LEU A 4 13.62 36.91 -32.05
N TRP A 5 12.81 36.71 -31.02
CA TRP A 5 13.24 36.12 -29.76
C TRP A 5 12.34 34.98 -29.34
N VAL A 6 12.89 34.09 -28.54
CA VAL A 6 12.12 32.97 -28.04
C VAL A 6 11.08 33.45 -27.06
N THR A 7 9.81 33.08 -27.29
CA THR A 7 8.74 33.40 -26.36
C THR A 7 8.21 32.10 -25.81
N VAL A 8 8.09 32.04 -24.51
CA VAL A 8 7.65 30.85 -23.85
C VAL A 8 6.17 30.86 -23.60
N TYR A 9 5.50 29.80 -23.97
CA TYR A 9 4.08 29.69 -23.74
C TYR A 9 3.78 28.50 -22.87
N TYR A 10 2.84 28.68 -21.95
CA TYR A 10 2.38 27.59 -21.12
C TYR A 10 0.89 27.46 -21.23
N GLY A 11 0.42 26.26 -21.50
CA GLY A 11 -0.99 26.00 -21.70
C GLY A 11 -1.24 25.73 -23.17
N VAL A 12 -0.21 25.29 -23.87
CA VAL A 12 -0.29 24.98 -25.27
C VAL A 12 -1.09 23.69 -25.51
N PRO A 13 -2.09 23.65 -26.40
CA PRO A 13 -2.93 22.49 -26.67
C PRO A 13 -2.23 21.46 -27.55
N VAL A 14 -1.18 20.88 -27.02
CA VAL A 14 -0.40 19.89 -27.73
C VAL A 14 -0.28 18.63 -26.88
N TRP A 15 -0.29 17.47 -27.54
CA TRP A 15 -0.20 16.21 -26.82
C TRP A 15 0.56 15.16 -27.57
N LYS A 16 1.00 14.15 -26.83
CA LYS A 16 1.75 13.00 -27.33
C LYS A 16 1.14 11.71 -26.83
N ASP A 17 1.31 10.64 -27.60
CA ASP A 17 0.77 9.34 -27.22
C ASP A 17 1.35 8.89 -25.90
N ALA A 18 0.53 8.29 -25.04
CA ALA A 18 1.06 7.86 -23.76
C ALA A 18 0.33 6.69 -23.15
N GLU A 19 1.01 5.95 -22.28
CA GLU A 19 0.36 4.84 -21.61
C GLU A 19 0.34 5.05 -20.11
N THR A 20 -0.85 5.17 -19.57
CA THR A 20 -1.01 5.39 -18.15
C THR A 20 -2.10 4.55 -17.59
N THR A 21 -2.32 4.70 -16.30
CA THR A 21 -3.36 3.94 -15.64
C THR A 21 -4.62 4.78 -15.63
N LEU A 22 -5.65 4.17 -16.21
CA LEU A 22 -6.98 4.77 -16.19
C LEU A 22 -7.62 4.36 -14.88
N PHE A 23 -8.51 5.20 -14.36
CA PHE A 23 -9.22 4.86 -13.11
C PHE A 23 -10.66 4.57 -13.51
N CYS A 24 -11.32 3.62 -12.86
CA CYS A 24 -12.65 3.19 -13.35
C CYS A 24 -13.75 4.04 -12.74
N ALA A 25 -14.99 3.82 -13.16
CA ALA A 25 -16.12 4.64 -12.65
C ALA A 25 -17.47 4.19 -13.19
N SER A 26 -18.40 3.78 -12.32
CA SER A 26 -19.72 3.27 -12.79
C SER A 26 -20.75 4.38 -12.84
N ASP A 27 -22.01 4.03 -12.58
CA ASP A 27 -23.05 5.09 -12.50
C ASP A 27 -23.51 5.26 -11.06
N HIS A 36 -23.88 -5.94 -4.47
CA HIS A 36 -22.89 -6.92 -4.06
C HIS A 36 -22.06 -7.35 -5.24
N ASN A 37 -22.28 -6.64 -6.33
CA ASN A 37 -21.57 -6.83 -7.57
C ASN A 37 -20.15 -6.35 -7.43
N VAL A 38 -19.20 -7.07 -7.99
CA VAL A 38 -17.82 -6.63 -7.84
C VAL A 38 -17.58 -5.26 -8.50
N TRP A 39 -18.32 -4.95 -9.56
CA TRP A 39 -18.11 -3.70 -10.25
C TRP A 39 -18.96 -2.62 -9.65
N ALA A 40 -19.65 -2.94 -8.55
CA ALA A 40 -20.41 -1.94 -7.86
C ALA A 40 -19.47 -1.13 -7.00
N THR A 41 -18.34 -1.77 -6.73
CA THR A 41 -17.41 -1.27 -5.72
C THR A 41 -16.18 -0.84 -6.47
N HIS A 42 -15.71 -1.64 -7.42
CA HIS A 42 -14.44 -1.24 -8.08
C HIS A 42 -14.69 -0.19 -9.16
N CYS A 43 -15.83 0.46 -9.12
CA CYS A 43 -16.10 1.57 -10.08
C CYS A 43 -16.99 2.57 -9.36
N CYS A 44 -16.62 2.96 -8.15
CA CYS A 44 -17.54 3.82 -7.37
C CYS A 44 -17.59 5.25 -7.90
N VAL A 45 -16.44 5.92 -7.94
CA VAL A 45 -16.37 7.34 -8.42
C VAL A 45 -17.40 7.55 -9.54
N PRO A 46 -18.54 8.23 -9.34
CA PRO A 46 -19.56 8.32 -10.41
C PRO A 46 -19.09 9.08 -11.65
N THR A 47 -19.55 8.75 -12.88
CA THR A 47 -19.11 9.54 -14.00
C THR A 47 -19.90 10.81 -13.91
N ASP A 48 -19.46 11.82 -14.65
CA ASP A 48 -20.29 12.99 -14.76
C ASP A 48 -21.54 12.46 -15.48
N PRO A 49 -22.77 12.81 -15.08
CA PRO A 49 -23.99 12.38 -15.76
C PRO A 49 -24.09 12.95 -17.19
N ASN A 50 -23.32 14.01 -17.47
CA ASN A 50 -23.30 14.64 -18.78
C ASN A 50 -21.87 14.90 -19.23
N PRO A 51 -21.14 13.87 -19.70
CA PRO A 51 -19.73 13.90 -20.03
C PRO A 51 -19.44 15.00 -21.03
N GLN A 52 -18.33 15.67 -20.81
CA GLN A 52 -17.98 16.80 -21.64
C GLN A 52 -17.23 16.42 -22.88
N GLU A 53 -17.98 15.93 -23.86
CA GLU A 53 -17.39 15.55 -25.12
C GLU A 53 -17.15 16.78 -25.98
N ILE A 54 -15.89 16.98 -26.38
CA ILE A 54 -15.54 18.15 -27.18
C ILE A 54 -15.06 17.79 -28.58
N HIS A 55 -15.76 18.27 -29.59
CA HIS A 55 -15.31 17.97 -30.95
C HIS A 55 -14.09 18.78 -31.29
N LEU A 56 -13.08 18.17 -31.89
CA LEU A 56 -11.92 18.95 -32.26
C LEU A 56 -11.94 19.24 -33.74
N GLU A 57 -12.07 20.49 -34.09
CA GLU A 57 -12.12 20.78 -35.50
C GLU A 57 -10.73 20.62 -36.08
N ASN A 58 -10.67 20.10 -37.30
CA ASN A 58 -9.43 19.93 -38.06
C ASN A 58 -8.35 19.10 -37.35
N VAL A 59 -8.74 18.03 -36.67
CA VAL A 59 -7.75 17.17 -36.04
C VAL A 59 -7.81 15.77 -36.62
N THR A 60 -6.68 15.29 -37.11
CA THR A 60 -6.59 13.95 -37.66
C THR A 60 -5.55 13.16 -36.90
N GLU A 61 -5.91 11.98 -36.43
CA GLU A 61 -4.94 11.17 -35.70
C GLU A 61 -4.92 9.72 -36.10
N GLU A 62 -3.77 9.08 -35.89
CA GLU A 62 -3.62 7.66 -36.15
C GLU A 62 -4.00 6.81 -34.94
N PHE A 63 -4.89 5.85 -35.19
CA PHE A 63 -5.36 4.91 -34.19
C PHE A 63 -4.94 3.50 -34.56
N ASN A 64 -4.79 2.63 -33.55
CA ASN A 64 -4.47 1.23 -33.82
C ASN A 64 -5.07 0.31 -32.76
N MET A 65 -6.16 -0.36 -33.10
CA MET A 65 -6.89 -1.17 -32.13
C MET A 65 -6.12 -2.41 -31.68
N TRP A 66 -5.09 -2.77 -32.43
CA TRP A 66 -4.38 -4.00 -32.13
C TRP A 66 -3.22 -3.76 -31.16
N LYS A 67 -2.94 -2.49 -30.89
CA LYS A 67 -1.83 -2.09 -30.04
C LYS A 67 -2.34 -1.19 -28.93
N ASN A 68 -3.62 -1.29 -28.64
CA ASN A 68 -4.26 -0.41 -27.68
C ASN A 68 -4.10 -0.91 -26.24
N ASN A 69 -3.36 -0.15 -25.43
CA ASN A 69 -3.07 -0.57 -24.08
C ASN A 69 -4.28 -0.48 -23.16
N MET A 70 -5.38 0.08 -23.65
CA MET A 70 -6.59 0.13 -22.84
C MET A 70 -7.17 -1.26 -22.78
N VAL A 71 -6.88 -2.07 -23.80
CA VAL A 71 -7.40 -3.41 -23.90
C VAL A 71 -6.62 -4.24 -22.93
N GLU A 72 -5.32 -4.01 -22.92
CA GLU A 72 -4.46 -4.72 -21.99
C GLU A 72 -4.79 -4.30 -20.56
N GLN A 73 -5.09 -3.01 -20.36
CA GLN A 73 -5.42 -2.55 -19.02
C GLN A 73 -6.69 -3.21 -18.53
N MET A 74 -7.70 -3.33 -19.38
CA MET A 74 -8.90 -3.97 -18.90
C MET A 74 -8.61 -5.39 -18.53
N HIS A 75 -7.86 -6.11 -19.35
CA HIS A 75 -7.61 -7.50 -19.08
C HIS A 75 -6.93 -7.70 -17.74
N THR A 76 -5.90 -6.90 -17.46
CA THR A 76 -5.22 -7.07 -16.20
C THR A 76 -6.16 -6.80 -15.04
N ASP A 77 -6.97 -5.75 -15.13
CA ASP A 77 -7.86 -5.42 -14.04
C ASP A 77 -9.04 -6.36 -13.88
N ILE A 78 -9.56 -6.96 -14.95
CA ILE A 78 -10.66 -7.88 -14.74
C ILE A 78 -10.15 -9.06 -13.97
N ILE A 79 -8.96 -9.56 -14.32
CA ILE A 79 -8.45 -10.71 -13.59
C ILE A 79 -8.10 -10.34 -12.17
N SER A 80 -7.45 -9.20 -11.98
CA SER A 80 -7.07 -8.81 -10.66
C SER A 80 -8.28 -8.64 -9.77
N LEU A 81 -9.36 -8.03 -10.26
CA LEU A 81 -10.53 -7.88 -9.43
C LEU A 81 -11.14 -9.23 -9.12
N TRP A 82 -11.22 -10.10 -10.13
CA TRP A 82 -11.84 -11.40 -9.98
C TRP A 82 -11.24 -12.16 -8.80
N ASP A 83 -9.91 -12.20 -8.76
CA ASP A 83 -9.24 -12.96 -7.72
C ASP A 83 -9.14 -12.28 -6.39
N GLN A 84 -9.62 -11.05 -6.28
CA GLN A 84 -9.60 -10.39 -5.01
C GLN A 84 -10.95 -10.60 -4.37
N SER A 85 -12.02 -10.54 -5.17
CA SER A 85 -13.35 -10.67 -4.56
C SER A 85 -13.58 -12.07 -4.05
N LEU A 86 -12.90 -13.06 -4.63
CA LEU A 86 -13.07 -14.42 -4.18
C LEU A 86 -12.03 -14.84 -3.16
N LYS A 87 -11.13 -13.95 -2.82
CA LYS A 87 -10.06 -14.26 -1.91
C LYS A 87 -10.47 -14.79 -0.54
N PRO A 88 -11.47 -14.21 0.16
CA PRO A 88 -11.84 -14.60 1.50
C PRO A 88 -12.78 -15.78 1.61
N CYS A 89 -13.16 -16.42 0.50
CA CYS A 89 -14.14 -17.48 0.64
C CYS A 89 -13.51 -18.84 0.85
N VAL A 90 -14.33 -19.73 1.38
CA VAL A 90 -13.95 -21.07 1.79
C VAL A 90 -13.35 -21.91 0.69
N LYS A 91 -12.29 -22.61 1.04
CA LYS A 91 -11.60 -23.49 0.13
C LYS A 91 -12.35 -24.80 0.14
N LEU A 92 -12.33 -25.53 -0.96
CA LEU A 92 -13.01 -26.80 -0.97
C LEU A 92 -12.05 -27.96 -0.97
N THR A 93 -10.83 -27.73 -0.52
CA THR A 93 -9.83 -28.78 -0.46
C THR A 93 -10.40 -30.09 0.11
N PRO A 94 -11.15 -30.13 1.23
CA PRO A 94 -11.68 -31.33 1.85
C PRO A 94 -12.58 -32.16 0.95
N LEU A 95 -13.10 -31.58 -0.14
CA LEU A 95 -13.98 -32.28 -1.07
C LEU A 95 -13.18 -33.16 -2.00
N CYS A 96 -11.87 -33.01 -2.03
CA CYS A 96 -11.09 -33.82 -2.94
C CYS A 96 -10.80 -35.18 -2.33
N VAL A 97 -11.84 -36.01 -2.37
CA VAL A 97 -11.90 -37.33 -1.77
C VAL A 97 -12.34 -38.33 -2.78
N THR A 98 -12.26 -39.60 -2.43
CA THR A 98 -12.72 -40.60 -3.35
C THR A 98 -14.24 -40.58 -3.30
N LEU A 99 -14.90 -40.50 -4.45
CA LEU A 99 -16.35 -40.46 -4.49
C LEU A 99 -16.91 -41.79 -4.95
N GLN A 100 -18.09 -42.16 -4.44
CA GLN A 100 -18.81 -43.35 -4.92
C GLN A 100 -19.94 -42.86 -5.80
N CYS A 101 -19.92 -43.12 -7.10
CA CYS A 101 -20.97 -42.50 -7.90
C CYS A 101 -21.78 -43.46 -8.76
N THR A 102 -23.03 -43.08 -8.96
CA THR A 102 -23.91 -43.77 -9.90
C THR A 102 -24.60 -42.79 -10.84
N ASN A 103 -25.34 -43.31 -11.79
CA ASN A 103 -26.03 -42.47 -12.77
C ASN A 103 -27.32 -41.89 -12.24
N VAL A 104 -27.65 -40.66 -12.62
CA VAL A 104 -28.96 -40.13 -12.25
C VAL A 104 -29.97 -40.63 -13.26
N THR A 105 -30.97 -41.36 -12.79
CA THR A 105 -31.98 -41.93 -13.67
C THR A 105 -33.42 -41.49 -13.41
N ASN A 106 -33.69 -40.88 -12.27
CA ASN A 106 -35.06 -40.58 -11.92
C ASN A 106 -35.60 -39.45 -12.77
N ASN A 107 -36.51 -39.81 -13.67
CA ASN A 107 -37.12 -38.90 -14.63
C ASN A 107 -36.10 -38.16 -15.47
N ILE A 108 -35.06 -38.84 -15.92
CA ILE A 108 -34.12 -38.12 -16.75
C ILE A 108 -34.47 -38.33 -18.21
N THR A 109 -34.53 -37.28 -19.02
CA THR A 109 -34.88 -37.47 -20.41
C THR A 109 -33.78 -38.23 -21.12
N ASP A 110 -34.09 -38.88 -22.23
CA ASP A 110 -33.10 -39.71 -22.93
C ASP A 110 -31.86 -38.94 -23.36
N ASP A 111 -32.05 -37.71 -23.77
CA ASP A 111 -30.99 -36.84 -24.26
C ASP A 111 -29.96 -36.48 -23.19
N MET A 112 -30.33 -36.61 -21.92
CA MET A 112 -29.50 -36.32 -20.77
C MET A 112 -28.95 -37.54 -20.10
N ARG A 113 -29.12 -38.71 -20.70
CA ARG A 113 -28.70 -39.88 -19.99
C ARG A 113 -27.21 -39.92 -19.80
N GLY A 114 -26.80 -40.14 -18.57
CA GLY A 114 -25.40 -40.25 -18.21
C GLY A 114 -24.73 -38.92 -17.98
N GLU A 115 -25.48 -37.82 -18.16
CA GLU A 115 -24.91 -36.49 -18.02
C GLU A 115 -24.68 -36.11 -16.57
N LEU A 116 -25.55 -36.58 -15.68
CA LEU A 116 -25.45 -36.24 -14.27
C LEU A 116 -25.10 -37.45 -13.46
N LYS A 117 -24.29 -37.24 -12.43
CA LYS A 117 -23.92 -38.31 -11.54
C LYS A 117 -24.22 -38.02 -10.10
N ASN A 118 -24.70 -39.04 -9.44
CA ASN A 118 -25.06 -39.00 -8.03
C ASN A 118 -23.94 -39.54 -7.18
N CYS A 119 -23.21 -38.66 -6.50
CA CYS A 119 -22.05 -39.11 -5.76
C CYS A 119 -22.15 -38.98 -4.27
N SER A 120 -21.77 -40.04 -3.57
CA SER A 120 -21.76 -40.01 -2.12
C SER A 120 -20.33 -40.10 -1.63
N PHE A 121 -20.07 -39.46 -0.51
CA PHE A 121 -18.73 -39.44 0.02
C PHE A 121 -18.62 -39.16 1.50
N ASN A 122 -17.45 -39.47 2.04
CA ASN A 122 -17.13 -39.20 3.43
C ASN A 122 -16.44 -37.86 3.60
N MET A 123 -17.11 -36.93 4.26
CA MET A 123 -16.57 -35.60 4.47
C MET A 123 -16.65 -35.28 5.94
N THR A 124 -15.77 -34.42 6.44
CA THR A 124 -15.77 -34.12 7.86
C THR A 124 -16.90 -33.20 8.23
N THR A 125 -17.15 -33.11 9.53
CA THR A 125 -18.15 -32.23 10.11
C THR A 125 -17.39 -31.07 10.69
N GLU A 126 -18.07 -30.22 11.45
CA GLU A 126 -17.40 -29.07 12.05
C GLU A 126 -16.40 -29.50 13.10
N LEU A 127 -16.49 -30.73 13.59
CA LEU A 127 -15.54 -31.19 14.60
C LEU A 127 -14.44 -31.95 13.90
N ARG A 128 -13.23 -31.74 14.37
CA ARG A 128 -12.10 -32.40 13.75
C ARG A 128 -12.20 -33.92 13.80
N ASP A 129 -12.79 -34.45 14.87
CA ASP A 129 -12.86 -35.89 15.05
C ASP A 129 -14.16 -36.57 14.61
N LYS A 130 -15.01 -35.89 13.83
CA LYS A 130 -16.24 -36.56 13.36
C LYS A 130 -16.46 -36.43 11.86
N LYS A 131 -17.04 -37.47 11.28
CA LYS A 131 -17.36 -37.53 9.86
C LYS A 131 -18.85 -37.69 9.60
N GLN A 132 -19.26 -37.29 8.40
CA GLN A 132 -20.62 -37.43 7.93
C GLN A 132 -20.66 -37.98 6.51
N LYS A 133 -21.71 -38.72 6.20
CA LYS A 133 -21.90 -39.20 4.84
C LYS A 133 -22.85 -38.27 4.14
N VAL A 134 -22.40 -37.70 3.06
CA VAL A 134 -23.23 -36.76 2.33
C VAL A 134 -23.25 -37.13 0.88
N TYR A 135 -24.19 -36.55 0.14
CA TYR A 135 -24.15 -36.79 -1.29
C TYR A 135 -24.57 -35.55 -2.01
N SER A 136 -24.16 -35.46 -3.26
CA SER A 136 -24.50 -34.34 -4.11
C SER A 136 -24.49 -34.72 -5.57
N LEU A 137 -25.08 -33.87 -6.40
CA LEU A 137 -25.02 -34.16 -7.81
C LEU A 137 -23.95 -33.36 -8.50
N PHE A 138 -23.32 -33.99 -9.48
CA PHE A 138 -22.32 -33.36 -10.30
C PHE A 138 -22.58 -33.59 -11.76
N TYR A 139 -22.12 -32.68 -12.60
CA TYR A 139 -22.21 -32.91 -14.02
C TYR A 139 -21.03 -33.78 -14.39
N ARG A 140 -21.18 -34.67 -15.36
CA ARG A 140 -20.07 -35.57 -15.68
C ARG A 140 -18.81 -34.87 -16.12
N LEU A 141 -18.89 -33.65 -16.61
CA LEU A 141 -17.68 -32.99 -17.07
C LEU A 141 -16.68 -32.77 -15.95
N ASP A 142 -17.15 -32.69 -14.71
CA ASP A 142 -16.28 -32.42 -13.59
C ASP A 142 -15.87 -33.65 -12.79
N VAL A 143 -16.29 -34.83 -13.24
CA VAL A 143 -16.00 -36.03 -12.46
C VAL A 143 -15.21 -37.05 -13.29
N VAL A 144 -14.05 -37.44 -12.79
CA VAL A 144 -13.13 -38.33 -13.49
C VAL A 144 -13.07 -39.72 -12.92
N GLN A 145 -13.23 -40.73 -13.75
CA GLN A 145 -13.19 -42.09 -13.20
C GLN A 145 -11.79 -42.50 -12.81
N ILE A 146 -11.69 -43.13 -11.66
CA ILE A 146 -10.44 -43.65 -11.15
C ILE A 146 -10.22 -45.06 -11.69
N ASN A 158 -15.18 -49.84 -9.15
CA ASN A 158 -15.89 -49.79 -10.43
C ASN A 158 -16.65 -48.49 -10.52
N LYS A 159 -16.93 -47.95 -9.35
CA LYS A 159 -17.68 -46.72 -9.15
C LYS A 159 -16.87 -45.61 -8.54
N GLU A 160 -15.56 -45.76 -8.44
CA GLU A 160 -14.79 -44.71 -7.80
C GLU A 160 -14.42 -43.57 -8.74
N TYR A 161 -14.70 -42.36 -8.29
CA TYR A 161 -14.42 -41.14 -9.05
C TYR A 161 -13.71 -40.05 -8.26
N ARG A 162 -12.99 -39.21 -8.98
CA ARG A 162 -12.29 -38.07 -8.43
C ARG A 162 -12.80 -36.76 -9.01
N LEU A 163 -12.72 -35.67 -8.26
CA LEU A 163 -13.05 -34.39 -8.89
C LEU A 163 -11.94 -34.07 -9.89
N ILE A 164 -12.32 -33.47 -11.00
CA ILE A 164 -11.36 -33.18 -12.06
C ILE A 164 -10.16 -32.31 -11.72
N ASN A 165 -10.29 -31.41 -10.76
CA ASN A 165 -9.16 -30.54 -10.43
C ASN A 165 -8.16 -31.16 -9.46
N CYS A 166 -8.43 -32.33 -8.91
CA CYS A 166 -7.56 -32.83 -7.86
C CYS A 166 -6.12 -33.09 -8.22
N ASN A 167 -5.80 -33.41 -9.44
CA ASN A 167 -4.40 -33.70 -9.72
C ASN A 167 -3.64 -32.46 -10.20
N THR A 168 -4.34 -31.33 -10.31
CA THR A 168 -3.69 -30.14 -10.85
C THR A 168 -3.77 -28.88 -10.01
N SER A 169 -4.90 -28.62 -9.36
CA SER A 169 -5.12 -27.32 -8.76
C SER A 169 -5.93 -27.27 -7.49
N ALA A 170 -5.78 -26.14 -6.78
CA ALA A 170 -6.56 -25.91 -5.59
C ALA A 170 -7.92 -25.42 -6.02
N ILE A 171 -8.94 -25.88 -5.34
CA ILE A 171 -10.27 -25.46 -5.68
C ILE A 171 -10.94 -24.69 -4.58
N THR A 172 -11.52 -23.55 -4.94
CA THR A 172 -12.21 -22.73 -3.97
C THR A 172 -13.64 -22.54 -4.38
N GLN A 173 -14.49 -22.20 -3.43
CA GLN A 173 -15.89 -21.96 -3.74
C GLN A 173 -16.14 -20.53 -4.03
N ALA A 174 -16.80 -20.24 -5.13
CA ALA A 174 -17.07 -18.85 -5.40
C ALA A 174 -17.97 -18.38 -4.31
N CYS A 175 -17.78 -17.17 -3.88
CA CYS A 175 -18.57 -16.64 -2.81
C CYS A 175 -20.03 -16.53 -3.26
N PRO A 176 -20.99 -17.18 -2.58
CA PRO A 176 -22.40 -17.20 -2.94
C PRO A 176 -23.07 -15.94 -2.46
N LYS A 177 -22.54 -14.81 -2.88
CA LYS A 177 -23.00 -13.53 -2.45
C LYS A 177 -22.41 -12.49 -3.34
N VAL A 178 -21.34 -12.89 -4.01
CA VAL A 178 -20.63 -11.99 -4.91
C VAL A 178 -21.20 -12.11 -6.28
N SER A 179 -21.57 -10.99 -6.86
CA SER A 179 -22.12 -11.02 -8.20
C SER A 179 -21.15 -10.57 -9.26
N PHE A 180 -21.16 -11.33 -10.34
CA PHE A 180 -20.35 -11.02 -11.49
C PHE A 180 -21.19 -10.65 -12.68
N GLU A 181 -22.43 -10.24 -12.43
CA GLU A 181 -23.25 -9.80 -13.53
C GLU A 181 -22.50 -8.64 -14.17
N PRO A 182 -22.29 -8.58 -15.48
CA PRO A 182 -21.61 -7.48 -16.10
C PRO A 182 -22.34 -6.18 -15.80
N ILE A 183 -21.57 -5.17 -15.49
CA ILE A 183 -22.02 -3.82 -15.20
C ILE A 183 -21.32 -2.98 -16.22
N PRO A 184 -21.95 -2.04 -16.90
CA PRO A 184 -21.23 -1.22 -17.83
C PRO A 184 -20.32 -0.38 -16.99
N ILE A 185 -19.06 -0.26 -17.36
CA ILE A 185 -18.16 0.57 -16.58
C ILE A 185 -17.53 1.56 -17.53
N HIS A 186 -17.00 2.64 -17.00
CA HIS A 186 -16.39 3.64 -17.84
C HIS A 186 -14.94 3.84 -17.43
N TYR A 187 -14.07 4.12 -18.40
CA TYR A 187 -12.71 4.47 -18.01
C TYR A 187 -12.54 5.94 -18.13
N CYS A 188 -11.90 6.53 -17.14
CA CYS A 188 -11.69 7.97 -17.12
C CYS A 188 -10.22 8.34 -17.01
N ALA A 189 -9.86 9.42 -17.70
CA ALA A 189 -8.48 9.89 -17.66
C ALA A 189 -8.10 10.53 -16.32
N PRO A 190 -6.87 10.34 -15.83
CA PRO A 190 -6.28 11.00 -14.69
C PRO A 190 -5.88 12.41 -15.09
N ALA A 191 -5.62 13.27 -14.12
CA ALA A 191 -5.20 14.63 -14.45
C ALA A 191 -3.96 14.61 -15.33
N GLY A 192 -3.96 15.49 -16.33
CA GLY A 192 -2.84 15.63 -17.26
C GLY A 192 -2.97 14.77 -18.51
N PHE A 193 -4.00 13.94 -18.54
CA PHE A 193 -4.29 13.04 -19.62
C PHE A 193 -5.67 13.24 -20.21
N ALA A 194 -5.86 12.76 -21.42
CA ALA A 194 -7.16 12.84 -22.06
C ALA A 194 -7.39 11.61 -22.91
N ILE A 195 -8.66 11.27 -23.12
CA ILE A 195 -8.93 10.14 -23.98
C ILE A 195 -9.51 10.66 -25.28
N LEU A 196 -8.91 10.29 -26.39
CA LEU A 196 -9.41 10.75 -27.65
C LEU A 196 -10.22 9.66 -28.31
N LYS A 197 -11.35 10.06 -28.86
CA LYS A 197 -12.25 9.15 -29.51
C LYS A 197 -12.27 9.34 -31.02
N CYS A 198 -12.21 8.23 -31.75
CA CYS A 198 -12.32 8.26 -33.20
C CYS A 198 -13.77 8.24 -33.61
N LYS A 199 -14.22 9.29 -34.28
CA LYS A 199 -15.60 9.43 -34.68
C LYS A 199 -15.82 9.38 -36.16
N ASP A 200 -14.91 8.75 -36.88
CA ASP A 200 -15.12 8.70 -38.31
C ASP A 200 -16.13 7.62 -38.56
N LYS A 201 -16.48 7.43 -39.80
CA LYS A 201 -17.40 6.37 -40.13
C LYS A 201 -16.58 5.35 -40.82
N LYS A 202 -16.94 4.10 -40.64
CA LYS A 202 -16.25 3.02 -41.31
C LYS A 202 -14.75 2.97 -41.00
N PHE A 203 -14.36 3.28 -39.76
CA PHE A 203 -12.97 3.16 -39.38
C PHE A 203 -12.68 1.68 -39.19
N ASN A 204 -11.58 1.18 -39.76
CA ASN A 204 -11.34 -0.25 -39.65
C ASN A 204 -9.99 -0.62 -39.04
N GLY A 205 -9.90 -0.54 -37.73
CA GLY A 205 -8.71 -0.97 -37.00
C GLY A 205 -7.56 -0.02 -36.91
N THR A 206 -6.96 0.29 -38.06
CA THR A 206 -5.80 1.15 -38.05
C THR A 206 -5.80 2.29 -39.04
N GLY A 207 -4.97 3.28 -38.75
CA GLY A 207 -4.73 4.37 -39.66
C GLY A 207 -5.37 5.65 -39.18
N PRO A 208 -5.29 6.73 -39.97
CA PRO A 208 -5.78 8.05 -39.63
C PRO A 208 -7.28 8.06 -39.52
N CYS A 209 -7.76 8.84 -38.59
CA CYS A 209 -9.14 9.07 -38.31
C CYS A 209 -9.42 10.57 -38.28
N PRO A 210 -9.85 11.19 -39.39
CA PRO A 210 -10.06 12.62 -39.54
C PRO A 210 -11.38 13.06 -38.94
N SER A 211 -11.51 12.80 -37.66
CA SER A 211 -12.67 13.13 -36.86
C SER A 211 -12.34 12.75 -35.43
N VAL A 212 -11.77 13.65 -34.67
CA VAL A 212 -11.38 13.28 -33.33
C VAL A 212 -12.10 14.13 -32.30
N SER A 213 -12.62 13.47 -31.31
CA SER A 213 -13.32 14.16 -30.22
C SER A 213 -12.67 13.83 -28.89
N THR A 214 -12.61 14.80 -28.00
CA THR A 214 -11.99 14.57 -26.69
C THR A 214 -13.00 14.27 -25.62
N VAL A 215 -12.76 13.23 -24.84
CA VAL A 215 -13.68 12.90 -23.79
C VAL A 215 -12.99 12.76 -22.45
N GLN A 216 -13.79 12.87 -21.40
CA GLN A 216 -13.31 12.67 -20.04
C GLN A 216 -13.25 11.20 -19.72
N CYS A 217 -14.26 10.48 -20.24
CA CYS A 217 -14.42 9.07 -20.01
C CYS A 217 -14.95 8.37 -21.24
N THR A 218 -14.79 7.06 -21.27
CA THR A 218 -15.29 6.21 -22.35
C THR A 218 -16.76 5.97 -22.12
N HIS A 219 -17.44 5.39 -23.12
CA HIS A 219 -18.82 5.04 -22.92
C HIS A 219 -18.82 3.85 -22.00
N GLY A 220 -20.00 3.41 -21.59
CA GLY A 220 -20.04 2.26 -20.70
C GLY A 220 -19.78 0.99 -21.49
N ILE A 221 -18.86 0.20 -20.99
CA ILE A 221 -18.51 -1.07 -21.59
C ILE A 221 -18.75 -2.20 -20.63
N LYS A 222 -19.51 -3.20 -21.04
CA LYS A 222 -19.76 -4.31 -20.13
C LYS A 222 -18.64 -5.34 -20.25
N PRO A 223 -18.03 -5.79 -19.15
CA PRO A 223 -16.95 -6.76 -19.12
C PRO A 223 -17.47 -8.17 -19.30
N VAL A 224 -18.01 -8.42 -20.47
CA VAL A 224 -18.60 -9.70 -20.82
C VAL A 224 -17.53 -10.64 -21.31
N VAL A 225 -17.57 -11.89 -20.86
CA VAL A 225 -16.61 -12.89 -21.30
C VAL A 225 -17.27 -13.95 -22.14
N SER A 226 -16.74 -14.19 -23.34
CA SER A 226 -17.28 -15.21 -24.22
C SER A 226 -16.27 -15.70 -25.25
N THR A 227 -16.64 -16.79 -25.92
CA THR A 227 -15.86 -17.28 -27.06
C THR A 227 -16.77 -17.37 -28.27
N GLN A 228 -16.18 -17.34 -29.46
CA GLN A 228 -16.85 -17.50 -30.75
C GLN A 228 -17.85 -16.39 -31.09
N LEU A 229 -18.85 -16.20 -30.26
CA LEU A 229 -19.81 -15.13 -30.48
C LEU A 229 -19.56 -14.02 -29.48
N LEU A 230 -19.62 -12.81 -29.99
CA LEU A 230 -19.45 -11.61 -29.19
C LEU A 230 -20.81 -11.18 -28.71
N LEU A 231 -20.97 -11.03 -27.41
CA LEU A 231 -22.27 -10.67 -26.88
C LEU A 231 -22.33 -9.30 -26.23
N ASN A 232 -23.50 -8.70 -26.36
CA ASN A 232 -23.93 -7.47 -25.71
C ASN A 232 -23.02 -6.26 -25.94
N GLY A 233 -22.48 -6.08 -27.14
CA GLY A 233 -21.65 -4.91 -27.42
C GLY A 233 -22.42 -3.86 -28.22
N SER A 234 -21.68 -2.95 -28.85
CA SER A 234 -22.27 -1.87 -29.67
C SER A 234 -22.55 -2.40 -31.06
N LEU A 235 -23.69 -2.05 -31.64
CA LEU A 235 -24.01 -2.59 -32.96
C LEU A 235 -23.52 -1.78 -34.13
N ALA A 236 -22.22 -1.78 -34.30
CA ALA A 236 -21.55 -1.06 -35.38
C ALA A 236 -22.20 0.30 -35.49
N GLU A 237 -22.60 0.67 -36.71
CA GLU A 237 -23.34 1.89 -36.93
C GLU A 237 -24.12 1.84 -38.23
N GLU A 238 -23.42 1.69 -39.35
CA GLU A 238 -24.11 1.70 -40.64
C GLU A 238 -24.19 0.33 -41.30
N GLU A 239 -23.09 -0.40 -41.27
CA GLU A 239 -22.99 -1.66 -41.97
C GLU A 239 -22.15 -2.64 -41.21
N VAL A 240 -22.30 -3.91 -41.51
CA VAL A 240 -21.49 -4.90 -40.85
C VAL A 240 -20.05 -4.66 -41.22
N MET A 241 -19.17 -4.63 -40.23
CA MET A 241 -17.78 -4.39 -40.52
C MET A 241 -16.86 -5.50 -40.15
N ILE A 242 -15.89 -5.72 -41.03
CA ILE A 242 -14.90 -6.73 -40.80
C ILE A 242 -13.54 -6.12 -40.54
N ARG A 243 -12.93 -6.47 -39.42
CA ARG A 243 -11.65 -5.90 -39.06
C ARG A 243 -10.63 -6.99 -38.72
N SER A 244 -9.39 -6.75 -39.07
CA SER A 244 -8.33 -7.70 -38.72
C SER A 244 -7.02 -7.01 -38.65
N GLU A 245 -6.13 -7.60 -37.88
CA GLU A 245 -4.77 -7.11 -37.81
C GLU A 245 -4.09 -7.23 -39.16
N ASN A 246 -4.43 -8.28 -39.92
CA ASN A 246 -3.73 -8.51 -41.18
C ASN A 246 -4.64 -8.86 -42.37
N ILE A 247 -5.73 -9.64 -42.16
CA ILE A 247 -6.57 -10.20 -43.25
C ILE A 247 -5.87 -11.25 -44.11
N THR A 248 -4.77 -10.85 -44.76
CA THR A 248 -3.99 -11.71 -45.66
C THR A 248 -3.39 -12.91 -44.93
N ASN A 249 -2.87 -12.67 -43.75
CA ASN A 249 -2.27 -13.72 -42.95
C ASN A 249 -3.36 -14.46 -42.21
N ASN A 250 -3.60 -15.70 -42.59
CA ASN A 250 -4.69 -16.50 -42.04
C ASN A 250 -4.45 -16.91 -40.60
N ALA A 251 -3.25 -16.65 -40.11
CA ALA A 251 -2.92 -16.95 -38.73
C ALA A 251 -3.61 -15.96 -37.79
N LYS A 252 -4.08 -14.84 -38.33
CA LYS A 252 -4.72 -13.82 -37.56
C LYS A 252 -6.22 -13.99 -37.54
N ASN A 253 -6.85 -13.44 -36.51
CA ASN A 253 -8.28 -13.51 -36.38
C ASN A 253 -8.96 -12.38 -37.14
N ILE A 254 -10.22 -12.62 -37.48
CA ILE A 254 -11.08 -11.64 -38.07
C ILE A 254 -12.23 -11.32 -37.12
N LEU A 255 -12.41 -10.07 -36.79
CA LEU A 255 -13.51 -9.72 -35.91
C LEU A 255 -14.62 -9.12 -36.74
N VAL A 256 -15.83 -9.57 -36.50
CA VAL A 256 -16.94 -9.05 -37.27
C VAL A 256 -17.94 -8.38 -36.37
N GLN A 257 -18.24 -7.12 -36.67
CA GLN A 257 -19.20 -6.36 -35.86
C GLN A 257 -20.50 -6.13 -36.61
N PHE A 258 -21.60 -6.58 -36.03
CA PHE A 258 -22.90 -6.50 -36.69
C PHE A 258 -23.56 -5.14 -36.55
N ASN A 259 -24.39 -4.76 -37.52
CA ASN A 259 -25.14 -3.51 -37.45
C ASN A 259 -26.59 -3.74 -37.04
N THR A 260 -26.86 -4.92 -36.54
CA THR A 260 -28.17 -5.31 -36.05
C THR A 260 -27.91 -6.47 -35.11
N PRO A 261 -28.57 -6.59 -33.97
CA PRO A 261 -28.39 -7.69 -33.06
C PRO A 261 -29.08 -8.93 -33.55
N VAL A 262 -28.58 -10.07 -33.13
CA VAL A 262 -29.33 -11.29 -33.33
C VAL A 262 -29.75 -11.73 -31.96
N GLN A 263 -31.02 -11.86 -31.70
CA GLN A 263 -31.38 -12.19 -30.35
C GLN A 263 -31.25 -13.67 -30.08
N ILE A 264 -30.61 -14.00 -28.97
CA ILE A 264 -30.43 -15.38 -28.54
C ILE A 264 -31.02 -15.59 -27.15
N ASN A 265 -31.81 -16.65 -27.01
CA ASN A 265 -32.47 -17.00 -25.74
C ASN A 265 -31.93 -18.31 -25.17
N CYS A 266 -31.24 -18.24 -24.04
CA CYS A 266 -30.63 -19.45 -23.49
C CYS A 266 -31.25 -19.88 -22.17
N THR A 267 -31.34 -21.18 -21.95
CA THR A 267 -31.87 -21.67 -20.68
C THR A 267 -31.26 -22.93 -20.12
N ARG A 268 -31.47 -23.07 -18.82
CA ARG A 268 -31.10 -24.24 -18.05
C ARG A 268 -32.38 -24.63 -17.31
N PRO A 269 -33.22 -25.48 -17.90
CA PRO A 269 -34.58 -25.82 -17.50
C PRO A 269 -34.77 -26.63 -16.22
N ASN A 270 -33.73 -27.26 -15.72
CA ASN A 270 -33.90 -28.11 -14.55
C ASN A 270 -34.13 -27.29 -13.31
N ASN A 271 -35.14 -27.66 -12.54
CA ASN A 271 -35.45 -26.92 -11.32
C ASN A 271 -34.58 -27.41 -10.17
N ASN A 272 -33.55 -26.64 -9.85
CA ASN A 272 -32.57 -27.06 -8.85
C ASN A 272 -32.84 -26.62 -7.44
N THR A 273 -32.26 -27.37 -6.53
CA THR A 273 -32.31 -26.98 -5.14
C THR A 273 -30.91 -27.00 -4.56
N ARG A 274 -30.77 -26.53 -3.34
CA ARG A 274 -29.48 -26.52 -2.69
C ARG A 274 -29.50 -27.03 -1.28
N LYS A 275 -28.36 -27.53 -0.86
CA LYS A 275 -28.20 -27.87 0.53
C LYS A 275 -26.87 -27.32 1.02
N SER A 276 -26.87 -26.89 2.25
CA SER A 276 -25.65 -26.36 2.84
C SER A 276 -25.03 -27.41 3.74
N ILE A 277 -23.79 -27.75 3.47
CA ILE A 277 -23.10 -28.76 4.25
C ILE A 277 -21.96 -28.15 5.05
N ARG A 278 -21.94 -28.39 6.36
CA ARG A 278 -20.85 -27.85 7.14
C ARG A 278 -19.62 -28.64 6.81
N ILE A 279 -18.51 -27.96 6.54
CA ILE A 279 -17.27 -28.69 6.27
C ILE A 279 -16.19 -28.25 7.23
N GLY A 280 -16.59 -27.45 8.19
CA GLY A 280 -15.68 -26.90 9.17
C GLY A 280 -16.43 -25.85 9.97
N PRO A 281 -15.81 -25.30 11.00
CA PRO A 281 -16.38 -24.30 11.87
C PRO A 281 -16.57 -22.98 11.14
N GLY A 282 -17.81 -22.72 10.75
CA GLY A 282 -18.17 -21.51 10.00
C GLY A 282 -17.91 -21.63 8.51
N GLN A 283 -17.59 -22.83 8.06
CA GLN A 283 -17.26 -23.08 6.67
C GLN A 283 -18.32 -23.89 5.95
N TRP A 284 -19.03 -23.26 5.02
CA TRP A 284 -20.10 -23.99 4.37
C TRP A 284 -19.85 -24.27 2.90
N PHE A 285 -20.20 -25.47 2.51
CA PHE A 285 -20.15 -25.94 1.14
C PHE A 285 -21.53 -26.00 0.55
N TYR A 286 -21.67 -25.50 -0.67
CA TYR A 286 -22.97 -25.54 -1.33
C TYR A 286 -23.05 -26.63 -2.36
N ALA A 287 -23.91 -27.57 -2.08
CA ALA A 287 -24.07 -28.73 -2.93
C ALA A 287 -25.34 -28.67 -3.74
N THR A 288 -25.30 -29.30 -4.91
CA THR A 288 -26.47 -29.40 -5.75
C THR A 288 -27.31 -30.56 -5.25
N GLY A 289 -28.58 -30.31 -4.96
CA GLY A 289 -29.45 -31.35 -4.44
C GLY A 289 -30.25 -31.99 -5.55
N ASP A 290 -31.28 -32.73 -5.19
CA ASP A 290 -32.07 -33.42 -6.19
C ASP A 290 -32.79 -32.45 -7.10
N ILE A 291 -32.94 -32.82 -8.35
CA ILE A 291 -33.67 -32.01 -9.31
C ILE A 291 -35.14 -32.25 -9.11
N ILE A 292 -35.89 -31.16 -9.08
CA ILE A 292 -37.31 -31.24 -8.89
C ILE A 292 -37.96 -31.37 -10.25
N GLY A 293 -38.71 -32.42 -10.42
CA GLY A 293 -39.37 -32.66 -11.69
C GLY A 293 -38.42 -33.26 -12.72
N ASP A 294 -38.84 -33.19 -13.96
CA ASP A 294 -38.18 -33.76 -15.15
C ASP A 294 -36.82 -33.12 -15.41
N ILE A 295 -35.82 -33.94 -15.76
CA ILE A 295 -34.48 -33.44 -16.06
C ILE A 295 -34.25 -33.29 -17.56
N ARG A 296 -33.94 -32.08 -18.00
CA ARG A 296 -33.78 -31.73 -19.41
C ARG A 296 -32.42 -31.11 -19.75
N GLN A 297 -32.12 -31.09 -21.05
CA GLN A 297 -30.89 -30.52 -21.57
C GLN A 297 -30.91 -29.01 -21.71
N ALA A 298 -29.82 -28.36 -21.31
CA ALA A 298 -29.66 -26.91 -21.47
C ALA A 298 -29.51 -26.58 -22.93
N HIS A 299 -30.04 -25.43 -23.35
CA HIS A 299 -29.95 -25.06 -24.77
C HIS A 299 -30.15 -23.59 -25.06
N CYS A 300 -29.76 -23.18 -26.27
CA CYS A 300 -29.99 -21.82 -26.76
C CYS A 300 -30.75 -21.76 -28.09
N ASN A 301 -31.64 -20.78 -28.19
CA ASN A 301 -32.44 -20.51 -29.38
C ASN A 301 -31.96 -19.30 -30.16
N VAL A 302 -31.69 -19.49 -31.43
CA VAL A 302 -31.31 -18.41 -32.35
C VAL A 302 -32.35 -18.39 -33.45
N SER A 303 -32.90 -17.23 -33.78
CA SER A 303 -33.92 -17.24 -34.82
C SER A 303 -33.33 -17.54 -36.19
N LYS A 304 -33.85 -18.55 -36.85
CA LYS A 304 -33.28 -18.96 -38.13
C LYS A 304 -33.34 -17.89 -39.17
N ALA A 305 -34.42 -17.13 -39.16
CA ALA A 305 -34.68 -16.11 -40.14
C ALA A 305 -33.94 -14.81 -39.87
N THR A 306 -33.18 -14.77 -38.78
CA THR A 306 -32.40 -13.59 -38.49
C THR A 306 -30.96 -13.96 -38.76
N TRP A 307 -30.58 -15.15 -38.34
CA TRP A 307 -29.22 -15.60 -38.53
C TRP A 307 -28.94 -15.76 -40.02
N ASN A 308 -29.85 -16.44 -40.74
CA ASN A 308 -29.67 -16.64 -42.17
C ASN A 308 -30.20 -15.45 -42.94
N GLU A 309 -29.49 -14.37 -42.74
CA GLU A 309 -29.72 -13.05 -43.26
C GLU A 309 -28.57 -12.22 -42.72
N THR A 310 -28.34 -12.30 -41.41
CA THR A 310 -27.23 -11.58 -40.81
C THR A 310 -25.94 -12.10 -41.43
N LEU A 311 -25.81 -13.41 -41.60
CA LEU A 311 -24.62 -13.88 -42.25
C LEU A 311 -24.55 -13.42 -43.68
N GLY A 312 -25.67 -13.20 -44.35
CA GLY A 312 -25.59 -12.74 -45.73
C GLY A 312 -24.84 -11.40 -45.78
N LYS A 313 -25.05 -10.56 -44.77
CA LYS A 313 -24.36 -9.28 -44.70
C LYS A 313 -22.87 -9.50 -44.48
N VAL A 314 -22.55 -10.48 -43.64
CA VAL A 314 -21.15 -10.78 -43.35
C VAL A 314 -20.49 -11.26 -44.63
N VAL A 315 -21.18 -12.11 -45.38
CA VAL A 315 -20.65 -12.64 -46.60
C VAL A 315 -20.40 -11.55 -47.62
N LYS A 316 -21.34 -10.63 -47.79
CA LYS A 316 -21.11 -9.56 -48.75
C LYS A 316 -19.85 -8.79 -48.39
N GLN A 317 -19.67 -8.51 -47.10
CA GLN A 317 -18.49 -7.79 -46.68
C GLN A 317 -17.23 -8.63 -46.86
N LEU A 318 -17.30 -9.93 -46.67
CA LEU A 318 -16.12 -10.74 -46.92
C LEU A 318 -15.74 -10.70 -48.38
N ARG A 319 -16.72 -10.72 -49.30
CA ARG A 319 -16.40 -10.72 -50.73
C ARG A 319 -15.58 -9.48 -51.09
N LYS A 320 -15.82 -8.39 -50.38
CA LYS A 320 -15.07 -7.16 -50.58
C LYS A 320 -13.56 -7.44 -50.55
N HIS A 321 -13.10 -8.36 -49.69
CA HIS A 321 -11.69 -8.68 -49.57
C HIS A 321 -11.32 -10.01 -50.22
N PHE A 322 -12.29 -10.92 -50.36
CA PHE A 322 -11.99 -12.26 -50.89
C PHE A 322 -12.42 -12.56 -52.34
N GLY A 323 -13.15 -11.65 -52.98
CA GLY A 323 -13.54 -11.82 -54.38
C GLY A 323 -15.02 -11.96 -54.69
N ASN A 324 -15.47 -11.22 -55.70
CA ASN A 324 -16.86 -11.23 -56.10
C ASN A 324 -17.30 -12.59 -56.60
N ASN A 325 -16.37 -13.34 -57.19
CA ASN A 325 -16.68 -14.63 -57.74
C ASN A 325 -16.08 -15.78 -56.97
N THR A 326 -15.78 -15.58 -55.70
CA THR A 326 -15.22 -16.67 -54.93
C THR A 326 -16.35 -17.40 -54.24
N ILE A 327 -15.98 -18.39 -53.47
CA ILE A 327 -16.94 -19.19 -52.72
C ILE A 327 -16.65 -19.03 -51.26
N ILE A 328 -17.67 -18.71 -50.49
CA ILE A 328 -17.49 -18.54 -49.06
C ILE A 328 -18.18 -19.62 -48.29
N ARG A 329 -17.42 -20.33 -47.47
CA ARG A 329 -18.00 -21.40 -46.70
C ARG A 329 -17.83 -21.25 -45.22
N PHE A 330 -18.93 -21.42 -44.51
CA PHE A 330 -18.90 -21.41 -43.07
C PHE A 330 -18.98 -22.82 -42.57
N ALA A 331 -17.94 -23.22 -41.86
CA ALA A 331 -17.80 -24.56 -41.36
C ALA A 331 -17.84 -24.57 -39.85
N ASN A 332 -17.83 -25.77 -39.27
CA ASN A 332 -17.88 -25.93 -37.84
C ASN A 332 -16.55 -25.56 -37.22
N SER A 333 -16.50 -25.64 -35.90
CA SER A 333 -15.27 -25.35 -35.18
C SER A 333 -14.32 -26.51 -35.33
N SER A 334 -13.08 -26.31 -34.94
CA SER A 334 -12.06 -27.34 -35.05
C SER A 334 -11.94 -28.12 -33.76
N GLY A 335 -10.83 -28.83 -33.60
CA GLY A 335 -10.65 -29.65 -32.41
C GLY A 335 -10.15 -28.81 -31.25
N GLY A 336 -9.91 -29.44 -30.11
CA GLY A 336 -9.47 -28.73 -28.91
C GLY A 336 -10.47 -28.92 -27.78
N ASP A 337 -10.25 -28.24 -26.66
CA ASP A 337 -11.09 -28.39 -25.49
C ASP A 337 -12.35 -27.52 -25.57
N LEU A 338 -13.21 -27.59 -24.56
CA LEU A 338 -14.48 -26.86 -24.64
C LEU A 338 -14.29 -25.36 -24.74
N GLU A 339 -13.29 -24.85 -24.08
CA GLU A 339 -13.01 -23.42 -24.05
C GLU A 339 -12.63 -22.87 -25.43
N VAL A 340 -12.32 -23.75 -26.37
CA VAL A 340 -11.94 -23.40 -27.72
C VAL A 340 -13.03 -23.76 -28.73
N THR A 341 -13.57 -24.97 -28.62
CA THR A 341 -14.46 -25.49 -29.63
C THR A 341 -15.91 -25.12 -29.45
N THR A 342 -16.30 -24.69 -28.24
CA THR A 342 -17.67 -24.30 -27.96
C THR A 342 -17.77 -22.83 -27.63
N HIS A 343 -19.01 -22.38 -27.55
CA HIS A 343 -19.34 -21.04 -27.15
C HIS A 343 -19.43 -20.96 -25.66
N SER A 344 -18.46 -20.30 -25.07
CA SER A 344 -18.41 -20.18 -23.63
C SER A 344 -19.32 -19.04 -23.30
N PHE A 345 -20.32 -19.35 -22.52
CA PHE A 345 -21.36 -18.42 -22.16
C PHE A 345 -21.59 -18.40 -20.66
N ASN A 346 -21.44 -17.24 -20.06
CA ASN A 346 -21.59 -17.07 -18.62
C ASN A 346 -22.86 -16.33 -18.33
N CYS A 347 -23.86 -17.01 -17.78
CA CYS A 347 -25.10 -16.29 -17.58
C CYS A 347 -25.88 -16.77 -16.38
N GLY A 348 -26.26 -15.81 -15.55
CA GLY A 348 -27.07 -16.03 -14.36
C GLY A 348 -26.20 -16.44 -13.20
N GLY A 349 -24.92 -16.69 -13.50
CA GLY A 349 -23.95 -17.20 -12.56
C GLY A 349 -23.50 -18.62 -12.93
N GLU A 350 -24.10 -19.23 -13.96
CA GLU A 350 -23.69 -20.57 -14.38
C GLU A 350 -22.93 -20.55 -15.70
N PHE A 351 -22.11 -21.57 -15.88
CA PHE A 351 -21.27 -21.66 -17.05
C PHE A 351 -21.73 -22.69 -18.05
N PHE A 352 -22.05 -22.20 -19.23
CA PHE A 352 -22.55 -22.99 -20.34
C PHE A 352 -21.48 -23.16 -21.40
N TYR A 353 -21.48 -24.31 -22.02
CA TYR A 353 -20.63 -24.61 -23.16
C TYR A 353 -21.50 -25.05 -24.31
N CYS A 354 -21.83 -24.13 -25.22
CA CYS A 354 -22.80 -24.44 -26.24
C CYS A 354 -22.19 -24.81 -27.59
N ASN A 355 -22.84 -25.75 -28.25
CA ASN A 355 -22.44 -26.27 -29.55
C ASN A 355 -22.99 -25.41 -30.67
N THR A 356 -22.11 -24.72 -31.37
CA THR A 356 -22.44 -23.74 -32.39
C THR A 356 -22.38 -24.28 -33.80
N SER A 357 -22.28 -25.58 -33.96
CA SER A 357 -22.20 -26.13 -35.31
C SER A 357 -23.44 -25.83 -36.12
N GLY A 358 -24.58 -25.65 -35.48
CA GLY A 358 -25.82 -25.36 -36.18
C GLY A 358 -25.87 -23.94 -36.74
N LEU A 359 -24.92 -23.10 -36.35
CA LEU A 359 -24.87 -21.74 -36.83
C LEU A 359 -23.92 -21.55 -38.01
N PHE A 360 -23.02 -22.50 -38.24
CA PHE A 360 -22.01 -22.32 -39.26
C PHE A 360 -21.96 -23.52 -40.16
N ASN A 361 -22.96 -23.62 -40.99
CA ASN A 361 -23.11 -24.78 -41.85
C ASN A 361 -23.68 -24.36 -43.19
N SER A 362 -22.94 -23.58 -43.96
CA SER A 362 -23.50 -23.12 -45.22
C SER A 362 -22.46 -22.74 -46.25
N THR A 363 -22.85 -22.81 -47.51
CA THR A 363 -21.97 -22.38 -48.60
C THR A 363 -22.66 -21.26 -49.34
N TRP A 364 -21.96 -20.15 -49.49
CA TRP A 364 -22.51 -19.00 -50.14
C TRP A 364 -21.84 -18.74 -51.47
N ILE A 365 -22.65 -18.47 -52.48
CA ILE A 365 -22.12 -18.17 -53.79
C ILE A 365 -22.74 -16.91 -54.33
N SER A 366 -22.10 -16.32 -55.33
CA SER A 366 -22.67 -15.17 -56.00
C SER A 366 -23.83 -15.61 -56.86
N ASN A 367 -24.88 -14.80 -56.87
CA ASN A 367 -26.06 -15.08 -57.70
C ASN A 367 -26.47 -13.86 -58.50
N SER A 381 -36.23 -21.33 -36.12
CA SER A 381 -35.54 -21.54 -34.86
C SER A 381 -34.43 -22.58 -34.96
N ILE A 382 -33.24 -22.17 -34.56
CA ILE A 382 -32.06 -23.01 -34.53
C ILE A 382 -31.80 -23.37 -33.08
N THR A 383 -31.71 -24.66 -32.77
CA THR A 383 -31.46 -25.02 -31.38
C THR A 383 -30.03 -25.48 -31.20
N LEU A 384 -29.35 -24.86 -30.26
CA LEU A 384 -27.99 -25.20 -29.93
C LEU A 384 -28.00 -25.92 -28.58
N PRO A 385 -27.60 -27.18 -28.46
CA PRO A 385 -27.56 -27.89 -27.21
C PRO A 385 -26.39 -27.34 -26.44
N CYS A 386 -26.47 -27.35 -25.11
CA CYS A 386 -25.36 -26.89 -24.28
C CYS A 386 -25.03 -27.82 -23.11
N ARG A 387 -23.79 -27.79 -22.68
CA ARG A 387 -23.41 -28.51 -21.47
C ARG A 387 -23.22 -27.52 -20.33
N ILE A 388 -23.39 -27.98 -19.10
CA ILE A 388 -23.19 -27.15 -17.93
C ILE A 388 -22.02 -27.70 -17.13
N LYS A 389 -21.12 -26.83 -16.69
CA LYS A 389 -19.97 -27.28 -15.93
C LYS A 389 -19.91 -26.51 -14.61
N GLN A 390 -19.45 -27.11 -13.50
CA GLN A 390 -19.36 -26.37 -12.23
C GLN A 390 -17.93 -26.04 -11.81
N ILE A 391 -16.97 -26.87 -12.21
CA ILE A 391 -15.58 -26.56 -11.84
C ILE A 391 -14.93 -25.86 -13.01
N ILE A 392 -14.71 -24.58 -12.84
CA ILE A 392 -14.29 -23.72 -13.92
C ILE A 392 -12.90 -23.18 -13.79
N ASN A 393 -12.10 -23.32 -14.83
CA ASN A 393 -10.80 -22.70 -14.81
C ASN A 393 -11.09 -21.38 -15.50
N MET A 394 -11.30 -20.32 -14.71
CA MET A 394 -11.79 -19.07 -15.28
C MET A 394 -10.83 -18.39 -16.23
N TRP A 395 -9.55 -18.51 -16.00
CA TRP A 395 -8.57 -17.85 -16.85
C TRP A 395 -7.59 -18.94 -17.18
N GLN A 396 -6.91 -18.85 -18.31
CA GLN A 396 -6.04 -19.97 -18.67
C GLN A 396 -4.73 -19.97 -17.92
N ARG A 397 -4.83 -20.43 -16.68
CA ARG A 397 -3.76 -20.51 -15.71
C ARG A 397 -3.72 -21.88 -15.06
N ILE A 398 -2.59 -22.21 -14.46
CA ILE A 398 -2.46 -23.49 -13.77
C ILE A 398 -2.30 -23.33 -12.27
N GLY A 399 -3.10 -24.08 -11.52
CA GLY A 399 -3.04 -24.09 -10.06
C GLY A 399 -4.26 -23.56 -9.32
N GLN A 400 -5.26 -23.06 -10.04
CA GLN A 400 -6.48 -22.57 -9.40
C GLN A 400 -7.71 -23.16 -10.07
N ALA A 401 -8.78 -23.34 -9.32
CA ALA A 401 -10.05 -23.73 -9.90
C ALA A 401 -11.17 -23.12 -9.10
N MET A 402 -12.21 -22.69 -9.81
CA MET A 402 -13.36 -22.12 -9.14
C MET A 402 -14.56 -23.03 -9.16
N TYR A 403 -15.20 -23.20 -8.03
CA TYR A 403 -16.42 -23.97 -8.00
C TYR A 403 -17.58 -23.02 -8.04
N ALA A 404 -18.45 -23.19 -9.03
CA ALA A 404 -19.61 -22.33 -9.14
C ALA A 404 -20.77 -22.98 -8.40
N PRO A 405 -21.30 -22.40 -7.32
CA PRO A 405 -22.41 -22.94 -6.58
C PRO A 405 -23.54 -22.96 -7.57
N PRO A 406 -24.48 -23.88 -7.46
CA PRO A 406 -25.66 -24.00 -8.30
C PRO A 406 -26.65 -22.90 -8.03
N ILE A 407 -27.47 -22.57 -9.01
CA ILE A 407 -28.55 -21.60 -8.82
C ILE A 407 -29.88 -22.29 -8.60
N GLN A 408 -30.61 -21.91 -7.55
CA GLN A 408 -31.91 -22.50 -7.25
C GLN A 408 -32.95 -22.13 -8.30
N GLY A 409 -33.88 -23.03 -8.56
CA GLY A 409 -34.90 -22.73 -9.56
C GLY A 409 -34.31 -22.96 -10.94
N VAL A 410 -34.75 -22.15 -11.90
CA VAL A 410 -34.30 -22.33 -13.28
C VAL A 410 -33.78 -21.01 -13.75
N ILE A 411 -33.00 -21.01 -14.81
CA ILE A 411 -32.56 -19.72 -15.34
C ILE A 411 -32.85 -19.56 -16.81
N ARG A 412 -33.10 -18.32 -17.22
CA ARG A 412 -33.30 -18.00 -18.62
C ARG A 412 -32.59 -16.69 -18.88
N CYS A 413 -31.87 -16.65 -19.99
CA CYS A 413 -31.08 -15.52 -20.38
C CYS A 413 -31.46 -14.99 -21.74
N VAL A 414 -31.52 -13.68 -21.87
CA VAL A 414 -31.74 -13.08 -23.16
C VAL A 414 -30.62 -12.15 -23.50
N SER A 415 -29.97 -12.36 -24.63
CA SER A 415 -28.84 -11.53 -24.98
C SER A 415 -28.75 -11.20 -26.46
N ASN A 416 -27.94 -10.19 -26.75
CA ASN A 416 -27.74 -9.73 -28.12
C ASN A 416 -26.44 -10.24 -28.73
N ILE A 417 -26.50 -11.02 -29.80
CA ILE A 417 -25.25 -11.39 -30.40
C ILE A 417 -24.92 -10.15 -31.19
N THR A 418 -23.73 -9.59 -30.97
CA THR A 418 -23.35 -8.38 -31.66
C THR A 418 -22.19 -8.60 -32.61
N GLY A 419 -21.62 -9.80 -32.58
CA GLY A 419 -20.52 -10.05 -33.50
C GLY A 419 -19.94 -11.46 -33.46
N LEU A 420 -18.93 -11.67 -34.29
CA LEU A 420 -18.29 -12.96 -34.45
C LEU A 420 -16.78 -12.92 -34.31
N ILE A 421 -16.18 -14.01 -33.85
CA ILE A 421 -14.73 -14.14 -33.95
C ILE A 421 -14.47 -15.25 -34.95
N LEU A 422 -13.94 -14.91 -36.11
CA LEU A 422 -13.73 -15.91 -37.16
C LEU A 422 -12.27 -16.13 -37.50
N THR A 423 -11.96 -17.34 -37.96
CA THR A 423 -10.63 -17.60 -38.49
C THR A 423 -10.81 -18.08 -39.91
N ARG A 424 -9.74 -18.04 -40.69
CA ARG A 424 -9.80 -18.44 -42.09
C ARG A 424 -8.80 -19.53 -42.41
N ASP A 425 -9.18 -20.40 -43.33
CA ASP A 425 -8.31 -21.45 -43.80
C ASP A 425 -8.41 -21.68 -45.31
N GLY A 426 -7.32 -21.39 -46.02
CA GLY A 426 -7.22 -21.58 -47.46
C GLY A 426 -8.00 -20.64 -48.36
N GLY A 427 -8.34 -21.22 -49.53
CA GLY A 427 -9.01 -20.58 -50.67
C GLY A 427 -8.10 -19.48 -51.17
N SER A 428 -8.68 -18.33 -51.52
CA SER A 428 -7.87 -17.21 -51.96
C SER A 428 -6.97 -17.55 -53.14
N THR A 429 -5.73 -17.94 -52.83
CA THR A 429 -4.70 -18.17 -53.82
C THR A 429 -4.63 -19.59 -54.36
N ASN A 430 -5.38 -20.52 -53.78
CA ASN A 430 -5.30 -21.89 -54.28
C ASN A 430 -6.44 -22.23 -55.22
N SER A 431 -7.60 -22.63 -54.71
CA SER A 431 -8.67 -22.99 -55.63
C SER A 431 -10.07 -22.75 -55.10
N THR A 432 -10.43 -21.48 -54.93
CA THR A 432 -11.74 -21.14 -54.41
C THR A 432 -12.07 -21.74 -53.05
N THR A 433 -13.23 -21.37 -52.53
CA THR A 433 -13.78 -21.82 -51.27
C THR A 433 -12.93 -21.49 -50.05
N GLU A 434 -12.98 -20.25 -49.62
CA GLU A 434 -12.29 -19.92 -48.39
C GLU A 434 -13.14 -20.49 -47.30
N THR A 435 -12.54 -21.13 -46.31
CA THR A 435 -13.36 -21.65 -45.24
C THR A 435 -13.18 -20.79 -44.02
N PHE A 436 -14.30 -20.40 -43.46
CA PHE A 436 -14.31 -19.60 -42.26
C PHE A 436 -14.88 -20.44 -41.15
N ARG A 437 -14.30 -20.31 -39.98
CA ARG A 437 -14.76 -21.08 -38.84
C ARG A 437 -14.88 -20.17 -37.64
N PRO A 438 -15.77 -20.43 -36.70
CA PRO A 438 -15.82 -19.70 -35.47
C PRO A 438 -14.58 -20.10 -34.75
N GLY A 439 -13.94 -19.17 -34.09
CA GLY A 439 -12.74 -19.51 -33.37
C GLY A 439 -12.80 -19.14 -31.90
N GLY A 440 -11.68 -19.33 -31.24
CA GLY A 440 -11.58 -19.02 -29.83
C GLY A 440 -11.02 -17.63 -29.78
N GLY A 441 -10.40 -17.25 -28.69
CA GLY A 441 -9.88 -15.90 -28.62
C GLY A 441 -9.06 -15.72 -27.38
N ASP A 442 -8.56 -14.51 -27.18
CA ASP A 442 -7.69 -14.21 -26.07
C ASP A 442 -8.31 -13.46 -24.91
N MET A 443 -9.65 -13.46 -24.79
CA MET A 443 -10.41 -12.72 -23.74
C MET A 443 -10.48 -11.24 -24.10
N ARG A 444 -9.31 -10.65 -24.32
CA ARG A 444 -9.09 -9.27 -24.68
C ARG A 444 -9.93 -8.84 -25.87
N ASP A 445 -10.09 -9.76 -26.81
CA ASP A 445 -10.79 -9.58 -28.06
C ASP A 445 -12.24 -9.22 -27.85
N ASN A 446 -12.80 -9.53 -26.69
CA ASN A 446 -14.19 -9.24 -26.43
C ASN A 446 -14.38 -7.83 -25.92
N TRP A 447 -13.27 -7.13 -25.66
CA TRP A 447 -13.30 -5.79 -25.12
C TRP A 447 -12.65 -4.93 -26.15
N ARG A 448 -11.81 -5.56 -26.95
CA ARG A 448 -11.08 -4.87 -27.98
C ARG A 448 -12.00 -4.15 -28.93
N SER A 449 -13.16 -4.72 -29.21
CA SER A 449 -14.11 -4.11 -30.11
C SER A 449 -14.87 -2.90 -29.52
N GLU A 450 -14.84 -2.71 -28.20
CA GLU A 450 -15.53 -1.57 -27.56
C GLU A 450 -14.53 -0.47 -27.23
N LEU A 451 -13.29 -0.87 -26.93
CA LEU A 451 -12.21 0.06 -26.59
C LEU A 451 -11.55 0.53 -27.88
N TYR A 452 -12.08 0.02 -28.95
CA TYR A 452 -11.72 0.22 -30.32
C TYR A 452 -11.54 1.64 -30.76
N LYS A 453 -12.43 2.51 -30.35
CA LYS A 453 -12.39 3.88 -30.79
C LYS A 453 -11.58 4.78 -29.88
N TYR A 454 -10.98 4.25 -28.82
CA TYR A 454 -10.30 5.15 -27.91
C TYR A 454 -8.78 5.08 -27.87
N LYS A 455 -8.16 6.24 -27.67
CA LYS A 455 -6.72 6.35 -27.52
C LYS A 455 -6.35 7.24 -26.32
N VAL A 456 -5.28 6.91 -25.61
CA VAL A 456 -4.86 7.74 -24.48
C VAL A 456 -3.66 8.59 -24.80
N VAL A 457 -3.78 9.89 -24.51
CA VAL A 457 -2.67 10.81 -24.75
C VAL A 457 -2.35 11.64 -23.52
N LYS A 458 -1.15 12.20 -23.48
CA LYS A 458 -0.77 13.08 -22.38
C LYS A 458 -0.56 14.47 -22.93
N ILE A 459 -0.86 15.46 -22.11
CA ILE A 459 -0.71 16.83 -22.50
C ILE A 459 0.65 17.37 -22.08
N GLU A 460 1.28 18.08 -23.01
CA GLU A 460 2.58 18.69 -22.81
C GLU A 460 2.46 20.20 -23.02
N PRO A 461 2.03 20.96 -22.01
CA PRO A 461 1.64 22.34 -22.08
C PRO A 461 2.74 23.35 -22.37
N LEU A 462 4.03 22.98 -22.29
CA LEU A 462 5.07 23.95 -22.61
C LEU A 462 5.53 23.90 -24.02
N GLY A 463 5.84 25.07 -24.56
CA GLY A 463 6.43 25.15 -25.87
C GLY A 463 6.94 26.54 -26.12
N VAL A 464 7.69 26.69 -27.20
CA VAL A 464 8.27 27.97 -27.53
C VAL A 464 8.02 28.31 -28.97
N ALA A 465 8.07 29.58 -29.30
CA ALA A 465 7.95 30.03 -30.68
C ALA A 465 8.56 31.43 -30.83
N PRO A 466 9.05 31.83 -32.01
CA PRO A 466 9.57 33.16 -32.26
C PRO A 466 8.50 34.24 -32.27
N THR A 467 8.80 35.33 -31.61
CA THR A 467 7.96 36.52 -31.56
C THR A 467 8.84 37.75 -31.65
N ARG A 468 8.23 38.92 -31.67
CA ARG A 468 8.97 40.15 -31.75
C ARG A 468 9.22 40.84 -30.39
N CYS A 469 8.92 40.18 -29.28
CA CYS A 469 9.10 40.87 -28.01
C CYS A 469 10.39 40.47 -27.30
N LYS A 470 10.96 41.43 -26.58
CA LYS A 470 12.15 41.27 -25.77
C LYS A 470 11.81 41.80 -24.38
N ARG A 471 12.44 41.32 -23.32
CA ARG A 471 12.08 41.84 -22.01
C ARG A 471 12.40 43.32 -21.89
N GLY B 10 -14.01 22.26 -23.08
CA GLY B 10 -13.38 22.81 -24.26
C GLY B 10 -11.89 22.67 -24.13
N PHE B 11 -11.50 21.69 -23.34
CA PHE B 11 -10.12 21.44 -22.96
C PHE B 11 -9.13 21.39 -24.13
N LEU B 12 -9.40 20.65 -25.17
CA LEU B 12 -8.47 20.68 -26.30
C LEU B 12 -9.12 21.36 -27.49
N GLY B 13 -10.10 22.22 -27.25
CA GLY B 13 -10.85 22.84 -28.34
C GLY B 13 -10.02 23.59 -29.35
N ALA B 14 -8.90 24.15 -28.93
CA ALA B 14 -8.01 24.91 -29.79
C ALA B 14 -7.04 24.04 -30.55
N ALA B 15 -7.14 22.73 -30.43
CA ALA B 15 -6.16 21.85 -31.06
C ALA B 15 -6.00 22.08 -32.56
N GLY B 16 -7.07 22.40 -33.27
CA GLY B 16 -6.94 22.62 -34.71
C GLY B 16 -6.77 24.09 -35.08
N SER B 17 -6.69 24.94 -34.09
CA SER B 17 -6.58 26.38 -34.31
C SER B 17 -5.17 26.70 -34.68
N THR B 18 -4.97 27.85 -35.28
CA THR B 18 -3.62 28.22 -35.58
C THR B 18 -2.90 28.57 -34.31
N MET B 19 -1.58 28.60 -34.38
CA MET B 19 -0.81 28.91 -33.19
C MET B 19 -1.20 30.23 -32.58
N GLY B 20 -1.47 31.23 -33.42
CA GLY B 20 -1.87 32.53 -32.94
C GLY B 20 -3.21 32.47 -32.24
N ALA B 21 -4.21 31.90 -32.89
CA ALA B 21 -5.55 31.83 -32.31
C ALA B 21 -5.58 31.04 -31.00
N ALA B 22 -4.77 30.00 -30.92
CA ALA B 22 -4.71 29.11 -29.78
C ALA B 22 -4.13 29.78 -28.55
N SER B 23 -3.50 30.94 -28.72
CA SER B 23 -2.90 31.62 -27.59
C SER B 23 -3.98 32.16 -26.65
N MET B 24 -5.23 32.17 -27.11
CA MET B 24 -6.30 32.70 -26.30
C MET B 24 -6.92 31.65 -25.37
N THR B 25 -6.48 30.39 -25.42
CA THR B 25 -7.08 29.35 -24.58
C THR B 25 -6.08 28.77 -23.58
N LEU B 26 -5.00 29.48 -23.34
CA LEU B 26 -3.97 28.92 -22.47
C LEU B 26 -4.49 28.60 -21.06
N THR B 27 -5.48 29.33 -20.56
CA THR B 27 -6.02 29.03 -19.23
C THR B 27 -6.98 27.86 -19.25
N VAL B 28 -7.47 27.50 -20.42
CA VAL B 28 -8.39 26.39 -20.57
C VAL B 28 -7.59 25.13 -20.39
N GLN B 29 -6.42 25.11 -21.01
CA GLN B 29 -5.60 23.94 -20.85
C GLN B 29 -4.90 23.93 -19.49
N ALA B 30 -4.44 25.09 -18.99
CA ALA B 30 -3.73 25.11 -17.71
C ALA B 30 -4.57 24.63 -16.53
N ARG B 31 -5.86 24.97 -16.51
CA ARG B 31 -6.68 24.60 -15.37
C ARG B 31 -7.02 23.13 -15.28
N ASN B 32 -6.75 22.38 -16.31
CA ASN B 32 -7.08 20.98 -16.28
C ASN B 32 -5.84 20.10 -16.12
N LEU B 33 -4.75 20.68 -15.66
CA LEU B 33 -3.50 19.87 -15.57
C LEU B 33 -3.23 19.52 -14.11
N LEU B 34 -4.14 19.79 -13.18
CA LEU B 34 -3.84 19.38 -11.78
C LEU B 34 -4.98 18.53 -11.24
N SER B 35 -6.23 18.83 -11.62
CA SER B 35 -7.40 18.01 -11.23
C SER B 35 -8.69 18.70 -11.68
N CYS B 50 -13.15 3.35 -3.38
CA CYS B 50 -13.67 4.47 -2.61
C CYS B 50 -13.76 4.08 -1.16
N GLN B 51 -13.22 4.94 -0.30
CA GLN B 51 -13.22 4.70 1.12
C GLN B 51 -12.67 3.31 1.38
N GLN B 52 -13.50 2.43 1.93
CA GLN B 52 -13.05 1.10 2.28
C GLN B 52 -12.66 0.24 1.08
N HIS B 53 -13.28 0.43 -0.09
CA HIS B 53 -12.92 -0.47 -1.19
C HIS B 53 -11.45 -0.35 -1.53
N LEU B 54 -10.97 0.88 -1.76
CA LEU B 54 -9.57 1.08 -2.11
C LEU B 54 -8.62 0.89 -0.93
N LEU B 55 -9.09 1.15 0.31
CA LEU B 55 -8.24 0.95 1.47
C LEU B 55 -8.03 -0.53 1.77
N LYS B 56 -9.07 -1.35 1.61
CA LYS B 56 -8.90 -2.79 1.83
C LYS B 56 -8.19 -3.42 0.63
N LEU B 57 -8.55 -2.97 -0.56
CA LEU B 57 -7.97 -3.50 -1.78
C LEU B 57 -6.71 -2.73 -2.08
N THR B 58 -5.84 -2.86 -1.08
CA THR B 58 -4.46 -2.35 -1.04
C THR B 58 -3.71 -2.89 -2.25
N VAL B 59 -4.37 -3.02 -3.38
CA VAL B 59 -3.63 -3.37 -4.62
C VAL B 59 -4.20 -2.44 -5.67
N TRP B 60 -5.25 -1.71 -5.30
CA TRP B 60 -5.80 -0.69 -6.21
C TRP B 60 -5.54 0.67 -5.62
N GLY B 61 -5.50 0.75 -4.31
CA GLY B 61 -5.10 2.03 -3.72
C GLY B 61 -3.76 2.39 -4.29
N ILE B 62 -2.80 1.48 -4.18
CA ILE B 62 -1.44 1.85 -4.64
C ILE B 62 -1.46 1.77 -6.15
N LYS B 63 -2.57 2.17 -6.78
CA LYS B 63 -2.53 2.72 -8.12
C LYS B 63 -3.04 4.12 -8.09
N GLN B 64 -4.03 4.36 -7.24
CA GLN B 64 -4.59 5.69 -7.19
C GLN B 64 -3.57 6.66 -6.60
N LEU B 65 -2.80 6.21 -5.62
CA LEU B 65 -1.78 7.10 -5.11
C LEU B 65 -0.73 7.34 -6.15
N GLN B 66 -0.36 6.33 -6.93
CA GLN B 66 0.65 6.56 -7.94
C GLN B 66 0.17 7.55 -8.99
N ALA B 67 -1.10 7.45 -9.37
CA ALA B 67 -1.62 8.35 -10.36
C ALA B 67 -1.61 9.80 -9.89
N ARG B 68 -1.95 9.99 -8.61
CA ARG B 68 -2.01 11.33 -8.06
C ARG B 68 -0.64 11.91 -7.85
N VAL B 69 0.30 11.08 -7.39
CA VAL B 69 1.64 11.57 -7.16
C VAL B 69 2.26 11.96 -8.48
N LEU B 70 2.08 11.14 -9.52
CA LEU B 70 2.64 11.50 -10.80
C LEU B 70 2.07 12.79 -11.32
N ALA B 71 0.77 12.99 -11.22
CA ALA B 71 0.23 14.24 -11.75
C ALA B 71 0.88 15.43 -11.06
N VAL B 72 1.11 15.32 -9.75
CA VAL B 72 1.75 16.41 -9.05
C VAL B 72 3.18 16.60 -9.50
N GLU B 73 3.93 15.52 -9.65
CA GLU B 73 5.30 15.69 -10.06
C GLU B 73 5.41 16.30 -11.44
N ARG B 74 4.54 15.91 -12.37
CA ARG B 74 4.65 16.48 -13.70
C ARG B 74 4.34 17.96 -13.67
N TYR B 75 3.33 18.35 -12.91
CA TYR B 75 2.98 19.74 -12.80
C TYR B 75 4.14 20.54 -12.27
N LEU B 76 4.75 20.06 -11.19
CA LEU B 76 5.83 20.80 -10.60
C LEU B 76 7.06 20.87 -11.49
N ARG B 77 7.38 19.82 -12.26
CA ARG B 77 8.56 19.96 -13.12
C ARG B 77 8.35 21.10 -14.11
N ASP B 78 7.14 21.25 -14.65
CA ASP B 78 6.93 22.34 -15.58
C ASP B 78 7.04 23.67 -14.87
N GLN B 79 6.53 23.75 -13.64
CA GLN B 79 6.63 25.01 -12.96
C GLN B 79 8.06 25.36 -12.61
N GLN B 80 8.88 24.36 -12.26
CA GLN B 80 10.25 24.68 -11.94
C GLN B 80 10.98 25.21 -13.16
N LEU B 81 10.75 24.63 -14.34
CA LEU B 81 11.44 25.15 -15.51
C LEU B 81 11.03 26.56 -15.80
N LEU B 82 9.75 26.86 -15.64
CA LEU B 82 9.33 28.21 -15.91
C LEU B 82 9.98 29.18 -14.92
N GLY B 83 10.08 28.76 -13.66
CA GLY B 83 10.70 29.60 -12.67
C GLY B 83 12.17 29.88 -12.99
N ILE B 84 12.91 28.84 -13.34
CA ILE B 84 14.31 28.99 -13.64
C ILE B 84 14.55 29.90 -14.81
N TRP B 85 13.74 29.81 -15.84
CA TRP B 85 13.90 30.62 -17.03
C TRP B 85 13.53 32.10 -16.81
N GLY B 86 13.01 32.45 -15.64
CA GLY B 86 12.61 33.82 -15.38
C GLY B 86 11.18 34.10 -15.78
N CYS B 87 10.42 33.05 -15.97
CA CYS B 87 9.02 33.17 -16.35
C CYS B 87 8.14 32.58 -15.27
N SER B 88 7.64 33.39 -14.37
CA SER B 88 6.91 32.80 -13.26
C SER B 88 5.62 33.50 -12.98
N GLY B 89 4.55 32.71 -12.93
CA GLY B 89 3.23 33.24 -12.67
C GLY B 89 2.60 33.82 -13.92
N LYS B 90 3.15 33.47 -15.07
CA LYS B 90 2.64 33.98 -16.31
C LYS B 90 2.46 32.87 -17.31
N LEU B 91 1.52 33.05 -18.20
CA LEU B 91 1.34 32.05 -19.25
C LEU B 91 2.18 32.40 -20.47
N ILE B 92 2.49 33.69 -20.65
CA ILE B 92 3.28 34.12 -21.77
C ILE B 92 4.49 34.92 -21.33
N CYS B 93 5.69 34.50 -21.70
CA CYS B 93 6.86 35.28 -21.33
C CYS B 93 7.80 35.55 -22.45
N CYS B 94 8.23 36.80 -22.54
CA CYS B 94 9.21 37.17 -23.52
C CYS B 94 10.54 36.85 -22.87
N THR B 95 11.53 36.46 -23.64
CA THR B 95 12.82 36.18 -23.07
C THR B 95 13.82 36.89 -23.93
N ASN B 96 15.08 36.93 -23.51
CA ASN B 96 16.08 37.62 -24.28
C ASN B 96 16.94 36.70 -25.13
N VAL B 97 16.53 35.45 -25.27
CA VAL B 97 17.29 34.54 -26.11
C VAL B 97 16.84 34.74 -27.53
N PRO B 98 17.71 35.07 -28.49
CA PRO B 98 17.38 35.33 -29.87
C PRO B 98 16.98 34.05 -30.52
N TRP B 99 16.10 34.15 -31.48
CA TRP B 99 15.68 32.99 -32.23
C TRP B 99 16.71 32.65 -33.27
N ASN B 100 17.06 31.39 -33.34
CA ASN B 100 17.96 30.90 -34.36
C ASN B 100 17.20 30.50 -35.59
N SER B 101 17.51 31.07 -36.73
CA SER B 101 16.79 30.70 -37.92
C SER B 101 17.08 29.24 -38.25
N SER B 102 18.18 28.70 -37.72
CA SER B 102 18.57 27.33 -37.97
C SER B 102 17.66 26.34 -37.26
N TRP B 103 16.87 26.80 -36.29
CA TRP B 103 15.95 25.90 -35.60
C TRP B 103 14.65 25.76 -36.38
N SER B 104 14.40 26.71 -37.28
CA SER B 104 13.18 26.78 -38.08
C SER B 104 13.28 28.00 -38.97
N ASN B 105 13.68 27.82 -40.21
CA ASN B 105 13.84 28.97 -41.06
C ASN B 105 12.54 29.35 -41.74
N ARG B 106 11.63 29.85 -40.95
CA ARG B 106 10.30 30.24 -41.41
C ARG B 106 10.02 31.66 -40.97
N ASN B 107 9.20 32.39 -41.72
CA ASN B 107 8.89 33.73 -41.26
C ASN B 107 7.68 33.69 -40.31
N LEU B 108 7.31 34.82 -39.73
CA LEU B 108 6.23 34.78 -38.76
C LEU B 108 4.88 34.44 -39.34
N SER B 109 4.66 34.71 -40.62
CA SER B 109 3.36 34.50 -41.23
C SER B 109 3.17 33.04 -41.59
N GLU B 110 4.20 32.23 -41.39
CA GLU B 110 4.16 30.80 -41.65
C GLU B 110 3.93 30.07 -40.34
N ILE B 111 4.13 30.78 -39.23
CA ILE B 111 4.13 30.16 -37.94
C ILE B 111 2.89 30.48 -37.17
N TRP B 112 2.58 31.76 -37.06
CA TRP B 112 1.45 32.12 -36.24
C TRP B 112 0.12 31.90 -36.94
N ASP B 113 0.13 31.96 -38.25
CA ASP B 113 -1.02 31.71 -39.09
C ASP B 113 -0.77 30.44 -39.88
N ASN B 114 -1.83 29.73 -40.24
CA ASN B 114 -1.78 28.53 -41.07
C ASN B 114 -0.88 27.41 -40.55
N MET B 115 -0.83 27.24 -39.23
CA MET B 115 -0.05 26.19 -38.60
C MET B 115 -0.59 25.99 -37.20
N THR B 116 -0.66 24.74 -36.75
CA THR B 116 -1.12 24.43 -35.39
C THR B 116 0.06 24.21 -34.46
N TRP B 117 -0.21 24.17 -33.15
CA TRP B 117 0.86 23.91 -32.19
C TRP B 117 1.38 22.50 -32.25
N LEU B 118 0.52 21.58 -32.67
CA LEU B 118 0.94 20.21 -32.77
C LEU B 118 1.95 20.08 -33.92
N GLN B 119 1.69 20.75 -35.04
CA GLN B 119 2.61 20.74 -36.17
C GLN B 119 3.91 21.43 -35.81
N TRP B 120 3.80 22.51 -35.06
CA TRP B 120 4.96 23.26 -34.66
C TRP B 120 5.86 22.41 -33.80
N ASP B 121 5.30 21.66 -32.86
CA ASP B 121 6.17 20.85 -32.02
C ASP B 121 6.99 19.90 -32.88
N LYS B 122 6.41 19.35 -33.94
CA LYS B 122 7.18 18.48 -34.80
C LYS B 122 8.35 19.22 -35.46
N GLU B 123 8.14 20.49 -35.83
CA GLU B 123 9.17 21.31 -36.48
C GLU B 123 10.34 21.62 -35.56
N ILE B 124 10.06 21.80 -34.28
CA ILE B 124 11.09 22.17 -33.32
C ILE B 124 11.75 21.03 -32.58
N SER B 125 10.99 20.03 -32.15
CA SER B 125 11.43 18.91 -31.33
C SER B 125 12.94 18.77 -31.03
N ASN B 126 13.77 18.59 -32.05
CA ASN B 126 15.19 18.31 -31.89
C ASN B 126 15.99 19.44 -31.24
N TYR B 127 15.45 20.64 -31.24
CA TYR B 127 16.16 21.78 -30.72
C TYR B 127 15.63 22.19 -29.34
N THR B 128 14.77 21.37 -28.76
CA THR B 128 14.15 21.69 -27.49
C THR B 128 15.17 21.90 -26.39
N GLN B 129 16.17 21.03 -26.32
CA GLN B 129 17.12 21.12 -25.23
C GLN B 129 18.07 22.28 -25.41
N ILE B 130 18.33 22.68 -26.65
CA ILE B 130 19.21 23.80 -26.86
C ILE B 130 18.53 25.03 -26.35
N ILE B 131 17.26 25.17 -26.69
CA ILE B 131 16.54 26.35 -26.28
C ILE B 131 16.43 26.39 -24.78
N TYR B 132 16.11 25.28 -24.13
CA TYR B 132 15.98 25.33 -22.70
C TYR B 132 17.29 25.71 -22.04
N GLY B 133 18.42 25.17 -22.52
CA GLY B 133 19.69 25.52 -21.94
C GLY B 133 19.99 27.02 -22.07
N LEU B 134 19.64 27.60 -23.22
CA LEU B 134 19.89 29.00 -23.41
C LEU B 134 19.02 29.84 -22.48
N LEU B 135 17.78 29.42 -22.25
CA LEU B 135 16.92 30.20 -21.37
C LEU B 135 17.48 30.20 -19.95
N GLU B 136 18.00 29.05 -19.48
CA GLU B 136 18.59 28.97 -18.15
C GLU B 136 19.78 29.90 -18.01
N GLU B 137 20.65 29.93 -19.02
CA GLU B 137 21.82 30.78 -18.94
C GLU B 137 21.44 32.24 -18.93
N SER B 138 20.45 32.61 -19.72
CA SER B 138 20.04 34.00 -19.78
C SER B 138 19.58 34.47 -18.41
N GLN B 139 18.77 33.65 -17.73
CA GLN B 139 18.30 34.10 -16.44
C GLN B 139 19.43 34.22 -15.43
N ASN B 140 20.40 33.32 -15.46
CA ASN B 140 21.45 33.46 -14.47
C ASN B 140 22.18 34.78 -14.63
N GLN B 141 22.38 35.20 -15.87
CA GLN B 141 23.06 36.46 -16.09
C GLN B 141 22.17 37.63 -15.67
N GLN B 142 20.87 37.52 -15.92
CA GLN B 142 19.97 38.59 -15.57
C GLN B 142 19.90 38.78 -14.06
N GLU B 143 19.89 37.68 -13.29
CA GLU B 143 19.81 37.82 -11.85
C GLU B 143 21.07 38.42 -11.27
N LYS B 144 22.23 38.05 -11.80
CA LYS B 144 23.42 38.64 -11.25
C LYS B 144 23.40 40.14 -11.52
N ASN B 145 22.97 40.53 -12.72
CA ASN B 145 22.97 41.94 -13.00
C ASN B 145 22.01 42.69 -12.09
N GLU B 146 20.86 42.10 -11.76
CA GLU B 146 19.95 42.80 -10.87
C GLU B 146 20.57 43.00 -9.50
N GLN B 147 21.22 41.96 -8.95
CA GLN B 147 21.81 42.11 -7.62
C GLN B 147 22.85 43.21 -7.61
N ASP B 148 23.68 43.27 -8.65
CA ASP B 148 24.74 44.26 -8.67
C ASP B 148 24.19 45.65 -8.88
N LEU B 149 23.15 45.78 -9.71
CA LEU B 149 22.58 47.07 -9.96
C LEU B 149 21.91 47.62 -8.72
N LEU B 150 21.21 46.76 -7.97
CA LEU B 150 20.57 47.26 -6.77
C LEU B 150 21.61 47.71 -5.75
N ALA B 151 22.73 47.00 -5.62
CA ALA B 151 23.75 47.43 -4.68
C ALA B 151 24.33 48.76 -5.08
N LEU B 152 24.50 48.99 -6.36
CA LEU B 152 25.05 50.24 -6.84
C LEU B 152 24.17 51.38 -6.36
N ALA C 1 27.14 50.15 10.24
CA ALA C 1 28.04 51.06 9.55
C ALA C 1 28.25 50.61 8.12
N GLU C 2 28.37 49.30 7.95
CA GLU C 2 28.58 48.67 6.67
C GLU C 2 27.32 48.71 5.79
N ASN C 3 26.16 48.94 6.43
CA ASN C 3 24.89 49.02 5.73
C ASN C 3 24.61 47.80 4.88
N LEU C 4 24.77 46.62 5.45
CA LEU C 4 24.53 45.39 4.72
C LEU C 4 23.15 44.88 5.01
N TRP C 5 22.60 44.12 4.07
CA TRP C 5 21.27 43.54 4.17
C TRP C 5 21.29 42.05 3.89
N VAL C 6 20.29 41.37 4.42
CA VAL C 6 20.17 39.95 4.20
C VAL C 6 19.79 39.67 2.75
N THR C 7 20.57 38.83 2.07
CA THR C 7 20.24 38.42 0.71
C THR C 7 19.96 36.95 0.74
N VAL C 8 18.86 36.57 0.15
CA VAL C 8 18.44 35.19 0.13
C VAL C 8 18.90 34.49 -1.10
N TYR C 9 19.51 33.33 -0.93
CA TYR C 9 19.96 32.54 -2.06
C TYR C 9 19.29 31.19 -2.05
N TYR C 10 18.91 30.74 -3.23
CA TYR C 10 18.35 29.40 -3.37
C TYR C 10 19.13 28.64 -4.40
N GLY C 11 19.55 27.44 -4.04
CA GLY C 11 20.38 26.62 -4.91
C GLY C 11 21.79 26.58 -4.37
N VAL C 12 21.93 26.82 -3.08
CA VAL C 12 23.21 26.81 -2.41
C VAL C 12 23.74 25.38 -2.28
N PRO C 13 24.99 25.07 -2.68
CA PRO C 13 25.60 23.75 -2.61
C PRO C 13 26.02 23.36 -1.21
N VAL C 14 25.07 23.22 -0.34
CA VAL C 14 25.31 22.87 1.05
C VAL C 14 24.48 21.65 1.43
N TRP C 15 25.03 20.78 2.26
CA TRP C 15 24.32 19.58 2.67
C TRP C 15 24.62 19.18 4.09
N LYS C 16 23.72 18.35 4.62
CA LYS C 16 23.81 17.80 5.97
C LYS C 16 23.61 16.29 5.95
N ASP C 17 24.18 15.61 6.92
CA ASP C 17 24.06 14.16 7.01
C ASP C 17 22.62 13.75 7.14
N ALA C 18 22.21 12.68 6.46
CA ALA C 18 20.81 12.28 6.56
C ALA C 18 20.58 10.81 6.34
N GLU C 19 19.48 10.30 6.88
CA GLU C 19 19.15 8.90 6.67
C GLU C 19 17.84 8.76 5.92
N THR C 20 17.91 8.20 4.73
CA THR C 20 16.72 8.03 3.93
C THR C 20 16.71 6.68 3.29
N THR C 21 15.67 6.44 2.52
CA THR C 21 15.52 5.17 1.83
C THR C 21 16.12 5.33 0.44
N LEU C 22 17.09 4.46 0.21
CA LEU C 22 17.70 4.36 -1.12
C LEU C 22 16.82 3.44 -1.94
N PHE C 23 16.78 3.65 -3.25
CA PHE C 23 15.99 2.78 -4.13
C PHE C 23 17.00 1.96 -4.92
N CYS C 24 16.70 0.69 -5.22
CA CYS C 24 17.73 -0.18 -5.82
C CYS C 24 17.72 -0.07 -7.33
N ALA C 25 18.65 -0.74 -8.00
CA ALA C 25 18.74 -0.65 -9.48
C ALA C 25 19.83 -1.54 -10.06
N SER C 26 19.47 -2.50 -10.92
CA SER C 26 20.47 -3.44 -11.49
C SER C 26 21.02 -2.94 -12.81
N ASP C 27 21.36 -3.87 -13.71
CA ASP C 27 21.79 -3.44 -15.06
C ASP C 27 20.72 -3.80 -16.08
N HIS C 36 14.77 -15.05 -13.44
CA HIS C 36 13.92 -15.54 -12.37
C HIS C 36 14.58 -15.28 -11.04
N ASN C 37 15.67 -14.54 -11.12
CA ASN C 37 16.44 -14.12 -9.97
C ASN C 37 15.67 -13.09 -9.18
N VAL C 38 15.71 -13.17 -7.88
CA VAL C 38 14.97 -12.19 -7.10
C VAL C 38 15.48 -10.75 -7.34
N TRP C 39 16.76 -10.60 -7.62
CA TRP C 39 17.31 -9.28 -7.81
C TRP C 39 17.18 -8.86 -9.25
N ALA C 40 16.53 -9.67 -10.06
CA ALA C 40 16.28 -9.31 -11.43
C ALA C 40 15.10 -8.35 -11.45
N THR C 41 14.34 -8.45 -10.39
CA THR C 41 13.03 -7.81 -10.33
C THR C 41 13.15 -6.72 -9.31
N HIS C 42 13.75 -6.99 -8.15
CA HIS C 42 13.76 -5.94 -7.11
C HIS C 42 14.86 -4.91 -7.39
N CYS C 43 15.37 -4.88 -8.61
CA CYS C 43 16.36 -3.84 -8.97
C CYS C 43 16.16 -3.53 -10.45
N CYS C 44 14.93 -3.28 -10.86
CA CYS C 44 14.67 -3.11 -12.30
C CYS C 44 15.21 -1.78 -12.85
N VAL C 45 14.74 -0.68 -12.29
CA VAL C 45 15.17 0.68 -12.74
C VAL C 45 16.63 0.64 -13.17
N PRO C 46 17.00 0.66 -14.47
CA PRO C 46 18.41 0.50 -14.87
C PRO C 46 19.32 1.63 -14.37
N THR C 47 20.61 1.40 -14.06
CA THR C 47 21.43 2.52 -13.67
C THR C 47 21.75 3.24 -14.94
N ASP C 48 22.22 4.47 -14.82
CA ASP C 48 22.73 5.12 -15.99
C ASP C 48 23.93 4.25 -16.38
N PRO C 49 24.15 3.91 -17.65
CA PRO C 49 25.30 3.13 -18.10
C PRO C 49 26.61 3.88 -17.88
N ASN C 50 26.55 5.20 -17.70
CA ASN C 50 27.72 6.03 -17.48
C ASN C 50 27.47 7.00 -16.32
N PRO C 51 27.53 6.54 -15.06
CA PRO C 51 27.18 7.28 -13.86
C PRO C 51 27.95 8.58 -13.78
N GLN C 52 27.27 9.61 -13.36
CA GLN C 52 27.88 10.92 -13.31
C GLN C 52 28.64 11.19 -12.05
N GLU C 53 29.83 10.63 -11.99
CA GLU C 53 30.66 10.84 -10.83
C GLU C 53 31.35 12.20 -10.90
N ILE C 54 31.14 13.03 -9.88
CA ILE C 54 31.72 14.36 -9.86
C ILE C 54 32.73 14.57 -8.76
N HIS C 55 33.96 14.88 -9.12
CA HIS C 55 34.96 15.10 -8.07
C HIS C 55 34.71 16.44 -7.41
N LEU C 56 34.76 16.49 -6.08
CA LEU C 56 34.58 17.77 -5.43
C LEU C 56 35.92 18.32 -4.99
N GLU C 57 36.32 19.42 -5.57
CA GLU C 57 37.61 19.95 -5.19
C GLU C 57 37.49 20.56 -3.80
N ASN C 58 38.53 20.40 -3.00
CA ASN C 58 38.63 20.97 -1.66
C ASN C 58 37.49 20.59 -0.71
N VAL C 59 37.03 19.35 -0.75
CA VAL C 59 36.01 18.92 0.19
C VAL C 59 36.51 17.80 1.07
N THR C 60 36.42 18.00 2.37
CA THR C 60 36.83 17.00 3.34
C THR C 60 35.66 16.63 4.21
N GLU C 61 35.38 15.34 4.34
CA GLU C 61 34.27 14.93 5.19
C GLU C 61 34.56 13.77 6.09
N GLU C 62 33.85 13.69 7.20
CA GLU C 62 33.97 12.58 8.13
C GLU C 62 33.05 11.43 7.78
N PHE C 63 33.65 10.25 7.69
CA PHE C 63 32.96 9.00 7.38
C PHE C 63 33.06 8.06 8.57
N ASN C 64 32.09 7.15 8.70
CA ASN C 64 32.12 6.15 9.76
C ASN C 64 31.44 4.86 9.32
N MET C 65 32.23 3.85 8.96
CA MET C 65 31.68 2.61 8.42
C MET C 65 30.90 1.80 9.44
N TRP C 66 31.08 2.11 10.72
CA TRP C 66 30.45 1.31 11.75
C TRP C 66 29.08 1.84 12.11
N LYS C 67 28.73 3.01 11.59
CA LYS C 67 27.47 3.68 11.89
C LYS C 67 26.75 3.99 10.60
N ASN C 68 27.07 3.26 9.55
CA ASN C 68 26.54 3.53 8.24
C ASN C 68 25.17 2.87 8.02
N ASN C 69 24.13 3.69 7.86
CA ASN C 69 22.79 3.18 7.76
C ASN C 69 22.53 2.51 6.42
N MET C 70 23.48 2.61 5.49
CA MET C 70 23.31 1.92 4.21
C MET C 70 23.50 0.44 4.44
N VAL C 71 24.25 0.09 5.47
CA VAL C 71 24.54 -1.29 5.79
C VAL C 71 23.30 -1.85 6.40
N GLU C 72 22.70 -1.07 7.28
CA GLU C 72 21.46 -1.48 7.92
C GLU C 72 20.36 -1.57 6.87
N GLN C 73 20.34 -0.63 5.91
CA GLN C 73 19.32 -0.67 4.89
C GLN C 73 19.44 -1.92 4.05
N MET C 74 20.67 -2.31 3.68
CA MET C 74 20.78 -3.51 2.89
C MET C 74 20.28 -4.69 3.67
N HIS C 75 20.65 -4.79 4.94
CA HIS C 75 20.25 -5.93 5.72
C HIS C 75 18.75 -6.08 5.78
N THR C 76 18.05 -4.98 6.06
CA THR C 76 16.61 -5.09 6.15
C THR C 76 16.02 -5.52 4.83
N ASP C 77 16.50 -4.97 3.71
CA ASP C 77 15.94 -5.31 2.42
C ASP C 77 16.32 -6.70 1.94
N ILE C 78 17.48 -7.22 2.28
CA ILE C 78 17.80 -8.56 1.81
C ILE C 78 16.84 -9.52 2.47
N ILE C 79 16.60 -9.34 3.77
CA ILE C 79 15.69 -10.25 4.44
C ILE C 79 14.28 -10.07 3.95
N SER C 80 13.84 -8.83 3.80
CA SER C 80 12.49 -8.59 3.35
C SER C 80 12.26 -9.19 1.97
N LEU C 81 13.21 -9.04 1.05
CA LEU C 81 13.00 -9.62 -0.26
C LEU C 81 12.98 -11.13 -0.17
N TRP C 82 13.89 -11.71 0.60
CA TRP C 82 14.01 -13.15 0.72
C TRP C 82 12.67 -13.78 1.08
N ASP C 83 12.02 -13.23 2.10
CA ASP C 83 10.77 -13.79 2.57
C ASP C 83 9.56 -13.44 1.76
N GLN C 84 9.72 -12.62 0.74
CA GLN C 84 8.60 -12.30 -0.09
C GLN C 84 8.64 -13.23 -1.29
N SER C 85 9.84 -13.50 -1.81
CA SER C 85 9.90 -14.34 -2.99
C SER C 85 9.51 -15.77 -2.68
N LEU C 86 9.70 -16.19 -1.44
CA LEU C 86 9.35 -17.54 -1.07
C LEU C 86 7.96 -17.65 -0.49
N LYS C 87 7.26 -16.53 -0.38
CA LYS C 87 5.95 -16.52 0.22
C LYS C 87 4.91 -17.45 -0.39
N PRO C 88 4.76 -17.55 -1.72
CA PRO C 88 3.73 -18.34 -2.35
C PRO C 88 4.04 -19.81 -2.53
N CYS C 89 5.18 -20.29 -2.04
CA CYS C 89 5.47 -21.70 -2.32
C CYS C 89 4.97 -22.63 -1.25
N VAL C 90 4.85 -23.88 -1.64
CA VAL C 90 4.28 -24.95 -0.85
C VAL C 90 4.97 -25.18 0.47
N LYS C 91 4.15 -25.37 1.50
CA LYS C 91 4.63 -25.64 2.83
C LYS C 91 4.93 -27.10 2.92
N LEU C 92 5.87 -27.50 3.74
CA LEU C 92 6.16 -28.91 3.87
C LEU C 92 5.69 -29.48 5.17
N THR C 93 4.75 -28.81 5.81
CA THR C 93 4.21 -29.28 7.07
C THR C 93 3.92 -30.79 7.07
N PRO C 94 3.27 -31.41 6.05
CA PRO C 94 2.94 -32.82 5.99
C PRO C 94 4.13 -33.76 6.08
N LEU C 95 5.35 -33.26 5.85
CA LEU C 95 6.57 -34.07 5.90
C LEU C 95 7.01 -34.28 7.32
N CYS C 96 6.43 -33.54 8.27
CA CYS C 96 6.87 -33.70 9.65
C CYS C 96 6.16 -34.87 10.30
N VAL C 97 6.65 -36.05 9.93
CA VAL C 97 6.11 -37.35 10.30
C VAL C 97 7.19 -38.20 10.88
N THR C 98 6.81 -39.33 11.43
CA THR C 98 7.81 -40.22 11.95
C THR C 98 8.46 -40.91 10.76
N LEU C 99 9.78 -40.89 10.69
CA LEU C 99 10.48 -41.51 9.58
C LEU C 99 11.12 -42.82 10.00
N GLN C 100 11.20 -43.78 9.08
CA GLN C 100 11.92 -45.04 9.32
C GLN C 100 13.23 -44.94 8.57
N CYS C 101 14.37 -44.89 9.24
CA CYS C 101 15.58 -44.65 8.46
C CYS C 101 16.69 -45.68 8.66
N THR C 102 17.46 -45.87 7.60
CA THR C 102 18.67 -46.67 7.66
C THR C 102 19.85 -45.94 7.04
N ASN C 103 21.03 -46.53 7.11
CA ASN C 103 22.23 -45.90 6.56
C ASN C 103 22.36 -46.11 5.06
N VAL C 104 22.88 -45.10 4.36
CA VAL C 104 23.17 -45.32 2.95
C VAL C 104 24.51 -46.00 2.82
N THR C 105 24.53 -47.18 2.24
CA THR C 105 25.77 -47.96 2.11
C THR C 105 26.21 -48.28 0.69
N ASN C 106 25.33 -48.12 -0.29
CA ASN C 106 25.65 -48.55 -1.64
C ASN C 106 26.68 -47.64 -2.27
N ASN C 107 27.89 -48.17 -2.41
CA ASN C 107 29.05 -47.47 -2.94
C ASN C 107 29.34 -46.18 -2.19
N ILE C 108 29.26 -46.21 -0.86
CA ILE C 108 29.59 -44.97 -0.17
C ILE C 108 31.03 -45.01 0.25
N THR C 109 31.80 -43.96 0.02
CA THR C 109 33.20 -43.99 0.41
C THR C 109 33.29 -44.00 1.93
N ASP C 110 34.40 -44.47 2.47
CA ASP C 110 34.55 -44.59 3.93
C ASP C 110 34.39 -43.27 4.66
N ASP C 111 34.88 -42.20 4.07
CA ASP C 111 34.84 -40.87 4.64
C ASP C 111 33.43 -40.32 4.81
N MET C 112 32.47 -40.86 4.08
CA MET C 112 31.07 -40.48 4.10
C MET C 112 30.19 -41.43 4.85
N ARG C 113 30.78 -42.38 5.56
CA ARG C 113 29.92 -43.35 6.17
C ARG C 113 29.08 -42.76 7.25
N GLY C 114 27.79 -43.02 7.18
CA GLY C 114 26.83 -42.56 8.15
C GLY C 114 26.36 -41.15 7.90
N GLU C 115 26.87 -40.49 6.86
CA GLU C 115 26.53 -39.11 6.56
C GLU C 115 25.14 -38.99 5.96
N LEU C 116 24.74 -39.98 5.17
CA LEU C 116 23.45 -39.94 4.49
C LEU C 116 22.53 -40.99 5.04
N LYS C 117 21.25 -40.65 5.14
CA LYS C 117 20.27 -41.60 5.59
C LYS C 117 19.13 -41.79 4.62
N ASN C 118 18.73 -43.03 4.50
CA ASN C 118 17.66 -43.45 3.63
C ASN C 118 16.37 -43.59 4.42
N CYS C 119 15.45 -42.64 4.25
CA CYS C 119 14.27 -42.66 5.07
C CYS C 119 12.99 -42.91 4.32
N SER C 120 12.16 -43.80 4.85
CA SER C 120 10.87 -44.07 4.26
C SER C 120 9.79 -43.61 5.19
N PHE C 121 8.68 -43.16 4.62
CA PHE C 121 7.60 -42.65 5.42
C PHE C 121 6.23 -42.67 4.75
N ASN C 122 5.21 -42.53 5.58
CA ASN C 122 3.83 -42.44 5.12
C ASN C 122 3.40 -41.00 4.91
N MET C 123 3.15 -40.64 3.67
CA MET C 123 2.74 -39.28 3.33
C MET C 123 1.49 -39.35 2.50
N THR C 124 0.66 -38.32 2.54
CA THR C 124 -0.60 -38.36 1.81
C THR C 124 -0.39 -38.15 0.33
N THR C 125 -1.43 -38.46 -0.43
CA THR C 125 -1.46 -38.27 -1.87
C THR C 125 -2.30 -37.04 -2.10
N GLU C 126 -2.65 -36.78 -3.36
CA GLU C 126 -3.44 -35.61 -3.67
C GLU C 126 -4.86 -35.74 -3.11
N LEU C 127 -5.29 -36.96 -2.77
CA LEU C 127 -6.62 -37.13 -2.22
C LEU C 127 -6.52 -37.14 -0.72
N ARG C 128 -7.48 -36.51 -0.09
CA ARG C 128 -7.47 -36.43 1.35
C ARG C 128 -7.51 -37.81 2.01
N ASP C 129 -8.20 -38.75 1.41
CA ASP C 129 -8.36 -40.07 1.99
C ASP C 129 -7.39 -41.16 1.53
N LYS C 130 -6.29 -40.80 0.85
CA LYS C 130 -5.33 -41.84 0.44
C LYS C 130 -3.90 -41.51 0.82
N LYS C 131 -3.14 -42.56 1.12
CA LYS C 131 -1.73 -42.45 1.48
C LYS C 131 -0.83 -43.21 0.55
N GLN C 132 0.44 -42.80 0.52
CA GLN C 132 1.48 -43.43 -0.26
C GLN C 132 2.74 -43.63 0.56
N LYS C 133 3.47 -44.69 0.25
CA LYS C 133 4.76 -44.90 0.90
C LYS C 133 5.84 -44.39 -0.01
N VAL C 134 6.62 -43.46 0.49
CA VAL C 134 7.66 -42.86 -0.31
C VAL C 134 8.95 -42.89 0.44
N TYR C 135 10.05 -42.66 -0.24
CA TYR C 135 11.30 -42.55 0.47
C TYR C 135 12.17 -41.51 -0.17
N SER C 136 13.09 -40.99 0.61
CA SER C 136 14.03 -40.00 0.14
C SER C 136 15.32 -40.01 0.93
N LEU C 137 16.34 -39.37 0.39
CA LEU C 137 17.57 -39.30 1.15
C LEU C 137 17.71 -37.97 1.85
N PHE C 138 18.27 -38.03 3.04
CA PHE C 138 18.56 -36.85 3.84
C PHE C 138 19.98 -36.86 4.34
N TYR C 139 20.52 -35.69 4.58
CA TYR C 139 21.83 -35.63 5.21
C TYR C 139 21.58 -35.77 6.69
N ARG C 140 22.50 -36.40 7.42
CA ARG C 140 22.26 -36.62 8.85
C ARG C 140 22.09 -35.34 9.65
N LEU C 141 22.59 -34.22 9.17
CA LEU C 141 22.45 -33.00 9.94
C LEU C 141 21.00 -32.59 10.15
N ASP C 142 20.13 -33.00 9.24
CA ASP C 142 18.74 -32.60 9.32
C ASP C 142 17.81 -33.65 9.91
N VAL C 143 18.37 -34.76 10.37
CA VAL C 143 17.52 -35.83 10.87
C VAL C 143 17.87 -36.19 12.33
N VAL C 144 16.88 -36.10 13.20
CA VAL C 144 17.06 -36.31 14.63
C VAL C 144 16.50 -37.60 15.14
N GLN C 145 17.28 -38.38 15.87
CA GLN C 145 16.74 -39.65 16.36
C GLN C 145 15.75 -39.46 17.48
N ILE C 146 14.65 -40.20 17.39
CA ILE C 146 13.62 -40.18 18.40
C ILE C 146 13.96 -41.19 19.49
N ASN C 158 13.86 -48.12 17.06
CA ASN C 158 15.33 -48.13 17.01
C ASN C 158 15.78 -47.32 15.82
N LYS C 159 14.88 -47.24 14.86
CA LYS C 159 15.08 -46.55 13.59
C LYS C 159 14.19 -45.35 13.40
N GLU C 160 13.51 -44.90 14.44
CA GLU C 160 12.61 -43.78 14.26
C GLU C 160 13.30 -42.43 14.34
N TYR C 161 13.06 -41.60 13.34
CA TYR C 161 13.63 -40.26 13.24
C TYR C 161 12.63 -39.16 12.93
N ARG C 162 12.98 -37.96 13.34
CA ARG C 162 12.18 -36.77 13.09
C ARG C 162 12.96 -35.74 12.28
N LEU C 163 12.29 -34.92 11.48
CA LEU C 163 13.03 -33.83 10.86
C LEU C 163 13.42 -32.84 11.94
N ILE C 164 14.59 -32.26 11.82
CA ILE C 164 15.11 -31.35 12.83
C ILE C 164 14.28 -30.12 13.17
N ASN C 165 13.51 -29.60 12.24
CA ASN C 165 12.71 -28.41 12.52
C ASN C 165 11.37 -28.69 13.20
N CYS C 166 10.99 -29.94 13.36
CA CYS C 166 9.64 -30.20 13.85
C CYS C 166 9.29 -29.70 15.22
N ASN C 167 10.23 -29.57 16.13
CA ASN C 167 9.82 -29.13 17.45
C ASN C 167 9.94 -27.61 17.62
N THR C 168 10.38 -26.92 16.57
CA THR C 168 10.59 -25.48 16.68
C THR C 168 9.92 -24.60 15.64
N SER C 169 9.86 -25.04 14.39
CA SER C 169 9.46 -24.13 13.33
C SER C 169 8.70 -24.72 12.16
N ALA C 170 8.02 -23.83 11.43
CA ALA C 170 7.34 -24.23 10.22
C ALA C 170 8.34 -24.34 9.11
N ILE C 171 8.20 -25.35 8.29
CA ILE C 171 9.13 -25.51 7.20
C ILE C 171 8.47 -25.37 5.86
N THR C 172 9.09 -24.58 4.99
CA THR C 172 8.55 -24.39 3.66
C THR C 172 9.59 -24.78 2.64
N GLN C 173 9.14 -25.08 1.42
CA GLN C 173 10.06 -25.45 0.36
C GLN C 173 10.46 -24.26 -0.43
N ALA C 174 11.75 -24.07 -0.62
CA ALA C 174 12.16 -22.93 -1.41
C ALA C 174 11.61 -23.17 -2.78
N CYS C 175 11.17 -22.13 -3.41
CA CYS C 175 10.59 -22.25 -4.72
C CYS C 175 11.66 -22.73 -5.70
N PRO C 176 11.49 -23.86 -6.39
CA PRO C 176 12.45 -24.45 -7.31
C PRO C 176 12.36 -23.76 -8.65
N LYS C 177 12.52 -22.46 -8.64
CA LYS C 177 12.38 -21.65 -9.82
C LYS C 177 12.93 -20.29 -9.51
N VAL C 178 13.02 -20.01 -8.22
CA VAL C 178 13.52 -18.73 -7.77
C VAL C 178 15.00 -18.79 -7.58
N SER C 179 15.71 -17.87 -8.19
CA SER C 179 17.14 -17.86 -8.05
C SER C 179 17.65 -16.82 -7.10
N PHE C 180 18.60 -17.25 -6.28
CA PHE C 180 19.25 -16.37 -5.35
C PHE C 180 20.71 -16.18 -5.70
N GLU C 181 21.06 -16.44 -6.95
CA GLU C 181 22.43 -16.21 -7.34
C GLU C 181 22.68 -14.72 -7.10
N PRO C 182 23.75 -14.31 -6.43
CA PRO C 182 24.03 -12.91 -6.21
C PRO C 182 24.13 -12.19 -7.54
N ILE C 183 23.52 -11.02 -7.58
CA ILE C 183 23.50 -10.12 -8.71
C ILE C 183 24.10 -8.86 -8.19
N PRO C 184 25.03 -8.19 -8.86
CA PRO C 184 25.54 -6.95 -8.35
C PRO C 184 24.38 -5.99 -8.40
N ILE C 185 24.16 -5.24 -7.35
CA ILE C 185 23.07 -4.27 -7.39
C ILE C 185 23.64 -2.93 -7.03
N HIS C 186 22.96 -1.87 -7.37
CA HIS C 186 23.44 -0.54 -7.06
C HIS C 186 22.44 0.20 -6.23
N TYR C 187 22.89 1.04 -5.31
CA TYR C 187 21.93 1.88 -4.61
C TYR C 187 21.99 3.26 -5.17
N CYS C 188 20.83 3.85 -5.38
CA CYS C 188 20.76 5.19 -5.95
C CYS C 188 20.00 6.15 -5.05
N ALA C 189 20.47 7.40 -5.04
CA ALA C 189 19.82 8.42 -4.22
C ALA C 189 18.47 8.87 -4.80
N PRO C 190 17.47 9.15 -3.96
CA PRO C 190 16.21 9.76 -4.31
C PRO C 190 16.41 11.24 -4.55
N ALA C 191 15.45 11.90 -5.17
CA ALA C 191 15.58 13.34 -5.40
C ALA C 191 15.80 14.07 -4.08
N GLY C 192 16.70 15.04 -4.12
CA GLY C 192 17.02 15.87 -2.95
C GLY C 192 18.16 15.33 -2.11
N PHE C 193 18.64 14.15 -2.47
CA PHE C 193 19.73 13.46 -1.80
C PHE C 193 20.88 13.13 -2.72
N ALA C 194 22.03 12.89 -2.13
CA ALA C 194 23.20 12.50 -2.90
C ALA C 194 24.03 11.51 -2.12
N ILE C 195 24.79 10.68 -2.83
CA ILE C 195 25.66 9.76 -2.11
C ILE C 195 27.08 10.22 -2.29
N LEU C 196 27.77 10.40 -1.20
CA LEU C 196 29.14 10.84 -1.30
C LEU C 196 30.07 9.67 -1.10
N LYS C 197 31.09 9.62 -1.94
CA LYS C 197 32.06 8.55 -1.91
C LYS C 197 33.41 9.04 -1.40
N CYS C 198 34.01 8.25 -0.51
CA CYS C 198 35.35 8.53 -0.01
C CYS C 198 36.39 7.94 -0.94
N LYS C 199 37.20 8.79 -1.53
CA LYS C 199 38.19 8.36 -2.50
C LYS C 199 39.61 8.54 -2.03
N ASP C 200 39.82 8.56 -0.75
CA ASP C 200 41.18 8.72 -0.29
C ASP C 200 41.83 7.38 -0.42
N LYS C 201 43.10 7.31 -0.08
CA LYS C 201 43.78 6.05 -0.13
C LYS C 201 44.00 5.68 1.30
N LYS C 202 43.97 4.39 1.57
CA LYS C 202 44.22 3.91 2.91
C LYS C 202 43.26 4.49 3.96
N PHE C 203 41.99 4.67 3.59
CA PHE C 203 41.01 5.13 4.57
C PHE C 203 40.67 3.93 5.43
N ASN C 204 40.67 4.11 6.77
CA ASN C 204 40.42 2.96 7.62
C ASN C 204 39.25 3.14 8.59
N GLY C 205 38.04 2.97 8.08
CA GLY C 205 36.84 2.98 8.91
C GLY C 205 36.26 4.31 9.28
N THR C 206 37.02 5.09 10.04
CA THR C 206 36.50 6.36 10.50
C THR C 206 37.41 7.55 10.34
N GLY C 207 36.79 8.73 10.36
CA GLY C 207 37.52 9.97 10.36
C GLY C 207 37.42 10.69 9.04
N PRO C 208 38.11 11.83 8.88
CA PRO C 208 38.06 12.68 7.72
C PRO C 208 38.66 11.98 6.52
N CYS C 209 38.06 12.24 5.38
CA CYS C 209 38.46 11.75 4.09
C CYS C 209 38.59 12.92 3.12
N PRO C 210 39.78 13.49 2.94
CA PRO C 210 40.06 14.67 2.12
C PRO C 210 40.13 14.32 0.64
N SER C 211 39.05 13.76 0.15
CA SER C 211 38.88 13.36 -1.23
C SER C 211 37.45 12.88 -1.36
N VAL C 212 36.54 13.76 -1.70
CA VAL C 212 35.15 13.33 -1.76
C VAL C 212 34.60 13.52 -3.14
N SER C 213 33.92 12.51 -3.62
CA SER C 213 33.30 12.56 -4.94
C SER C 213 31.81 12.30 -4.82
N THR C 214 31.01 12.97 -5.62
CA THR C 214 29.56 12.78 -5.56
C THR C 214 29.08 11.83 -6.63
N VAL C 215 28.25 10.87 -6.24
CA VAL C 215 27.72 9.95 -7.22
C VAL C 215 26.20 9.86 -7.16
N GLN C 216 25.65 9.37 -8.24
CA GLN C 216 24.22 9.13 -8.33
C GLN C 216 23.87 7.82 -7.68
N CYS C 217 24.77 6.85 -7.89
CA CYS C 217 24.60 5.51 -7.40
C CYS C 217 25.94 4.92 -6.95
N THR C 218 25.85 3.86 -6.16
CA THR C 218 27.02 3.12 -5.68
C THR C 218 27.48 2.20 -6.77
N HIS C 219 28.65 1.60 -6.60
CA HIS C 219 29.11 0.63 -7.55
C HIS C 219 28.27 -0.60 -7.34
N GLY C 220 28.43 -1.60 -8.19
CA GLY C 220 27.63 -2.80 -8.00
C GLY C 220 28.18 -3.61 -6.85
N ILE C 221 27.29 -3.99 -5.95
CA ILE C 221 27.64 -4.80 -4.80
C ILE C 221 26.87 -6.09 -4.82
N LYS C 222 27.55 -7.21 -4.73
CA LYS C 222 26.83 -8.47 -4.74
C LYS C 222 26.41 -8.84 -3.32
N PRO C 223 25.13 -9.18 -3.07
CA PRO C 223 24.58 -9.53 -1.77
C PRO C 223 24.95 -10.95 -1.40
N VAL C 224 26.24 -11.17 -1.20
CA VAL C 224 26.79 -12.47 -0.87
C VAL C 224 26.70 -12.70 0.62
N VAL C 225 26.30 -13.89 1.02
CA VAL C 225 26.21 -14.22 2.44
C VAL C 225 27.25 -15.27 2.81
N SER C 226 28.05 -14.98 3.82
CA SER C 226 29.07 -15.92 4.28
C SER C 226 29.50 -15.68 5.71
N THR C 227 30.24 -16.64 6.25
CA THR C 227 30.89 -16.48 7.56
C THR C 227 32.38 -16.71 7.40
N GLN C 228 33.16 -16.16 8.32
CA GLN C 228 34.62 -16.34 8.41
C GLN C 228 35.40 -15.76 7.23
N LEU C 229 35.13 -16.22 6.03
CA LEU C 229 35.78 -15.69 4.86
C LEU C 229 34.81 -14.82 4.09
N LEU C 230 35.32 -13.69 3.64
CA LEU C 230 34.56 -12.75 2.85
C LEU C 230 34.77 -13.09 1.40
N LEU C 231 33.68 -13.31 0.67
CA LEU C 231 33.82 -13.71 -0.72
C LEU C 231 33.31 -12.68 -1.71
N ASN C 232 33.98 -12.67 -2.86
CA ASN C 232 33.63 -11.93 -4.07
C ASN C 232 33.44 -10.43 -3.88
N GLY C 233 34.26 -9.77 -3.06
CA GLY C 233 34.16 -8.32 -2.90
C GLY C 233 35.25 -7.59 -3.70
N SER C 234 35.51 -6.34 -3.33
CA SER C 234 36.52 -5.50 -3.98
C SER C 234 37.87 -5.80 -3.37
N LEU C 235 38.92 -5.89 -4.18
CA LEU C 235 40.22 -6.22 -3.61
C LEU C 235 41.06 -5.05 -3.17
N ALA C 236 40.61 -4.42 -2.11
CA ALA C 236 41.28 -3.27 -1.52
C ALA C 236 41.72 -2.37 -2.65
N GLU C 237 42.99 -1.97 -2.64
CA GLU C 237 43.55 -1.21 -3.72
C GLU C 237 45.06 -1.33 -3.77
N GLU C 238 45.74 -0.90 -2.70
CA GLU C 238 47.20 -0.94 -2.71
C GLU C 238 47.79 -2.02 -1.81
N GLU C 239 47.24 -2.16 -0.61
CA GLU C 239 47.78 -3.06 0.38
C GLU C 239 46.70 -3.69 1.20
N VAL C 240 47.01 -4.79 1.84
CA VAL C 240 46.02 -5.41 2.69
C VAL C 240 45.69 -4.47 3.81
N MET C 241 44.42 -4.26 4.06
CA MET C 241 44.04 -3.36 5.13
C MET C 241 43.26 -3.97 6.24
N ILE C 242 43.59 -3.54 7.44
CA ILE C 242 42.92 -4.01 8.62
C ILE C 242 42.08 -2.92 9.24
N ARG C 243 40.79 -3.19 9.42
CA ARG C 243 39.89 -2.19 9.97
C ARG C 243 39.10 -2.74 11.15
N SER C 244 38.86 -1.90 12.13
CA SER C 244 38.04 -2.31 13.26
C SER C 244 37.40 -1.13 13.89
N GLU C 245 36.28 -1.39 14.56
CA GLU C 245 35.61 -0.37 15.33
C GLU C 245 36.50 0.12 16.44
N ASN C 246 37.30 -0.78 17.03
CA ASN C 246 38.09 -0.40 18.19
C ASN C 246 39.55 -0.86 18.16
N ILE C 247 39.85 -2.08 17.63
CA ILE C 247 41.19 -2.72 17.71
C ILE C 247 41.61 -3.13 19.12
N THR C 248 41.70 -2.14 20.03
CA THR C 248 42.11 -2.35 21.42
C THR C 248 41.16 -3.26 22.18
N ASN C 249 39.88 -3.07 21.98
CA ASN C 249 38.87 -3.87 22.63
C ASN C 249 38.69 -5.16 21.86
N ASN C 250 39.11 -6.27 22.46
CA ASN C 250 39.10 -7.57 21.81
C ASN C 250 37.70 -8.12 21.61
N ALA C 251 36.71 -7.46 22.19
CA ALA C 251 35.34 -7.86 22.02
C ALA C 251 34.84 -7.50 20.62
N LYS C 252 35.57 -6.64 19.94
CA LYS C 252 35.20 -6.20 18.61
C LYS C 252 35.86 -7.04 17.55
N ASN C 253 35.25 -7.07 16.37
CA ASN C 253 35.80 -7.81 15.26
C ASN C 253 36.80 -6.98 14.48
N ILE C 254 37.67 -7.68 13.78
CA ILE C 254 38.62 -7.10 12.87
C ILE C 254 38.31 -7.55 11.45
N LEU C 255 38.13 -6.62 10.54
CA LEU C 255 37.86 -7.00 9.18
C LEU C 255 39.12 -6.81 8.38
N VAL C 256 39.46 -7.80 7.57
CA VAL C 256 40.66 -7.69 6.78
C VAL C 256 40.33 -7.75 5.31
N GLN C 257 40.76 -6.74 4.57
CA GLN C 257 40.50 -6.68 3.14
C GLN C 257 41.77 -6.92 2.33
N PHE C 258 41.76 -7.93 1.48
CA PHE C 258 42.92 -8.32 0.71
C PHE C 258 43.14 -7.47 -0.53
N ASN C 259 44.40 -7.31 -0.96
CA ASN C 259 44.70 -6.58 -2.19
C ASN C 259 45.00 -7.53 -3.35
N THR C 260 44.65 -8.78 -3.18
CA THR C 260 44.81 -9.81 -4.18
C THR C 260 43.81 -10.90 -3.78
N PRO C 261 43.11 -11.55 -4.69
CA PRO C 261 42.19 -12.60 -4.37
C PRO C 261 42.91 -13.89 -4.08
N VAL C 262 42.28 -14.74 -3.29
CA VAL C 262 42.78 -16.09 -3.18
C VAL C 262 41.73 -16.95 -3.83
N GLN C 263 42.09 -17.70 -4.85
CA GLN C 263 41.04 -18.43 -5.50
C GLN C 263 40.72 -19.71 -4.78
N ILE C 264 39.42 -19.94 -4.58
CA ILE C 264 38.92 -21.14 -3.93
C ILE C 264 37.95 -21.88 -4.84
N ASN C 265 38.17 -23.19 -4.97
CA ASN C 265 37.33 -24.06 -5.81
C ASN C 265 36.54 -25.07 -4.97
N CYS C 266 35.22 -24.93 -4.95
CA CYS C 266 34.42 -25.82 -4.11
C CYS C 266 33.52 -26.75 -4.90
N THR C 267 33.34 -27.96 -4.40
CA THR C 267 32.43 -28.89 -5.07
C THR C 267 31.63 -29.83 -4.22
N ARG C 268 30.57 -30.31 -4.83
CA ARG C 268 29.69 -31.31 -4.27
C ARG C 268 29.61 -32.39 -5.37
N PRO C 269 30.50 -33.39 -5.33
CA PRO C 269 30.75 -34.38 -6.37
C PRO C 269 29.68 -35.44 -6.64
N ASN C 270 28.75 -35.62 -5.73
CA ASN C 270 27.76 -36.67 -5.90
C ASN C 270 26.79 -36.33 -7.00
N ASN C 271 26.56 -37.27 -7.90
CA ASN C 271 25.64 -37.03 -9.00
C ASN C 271 24.20 -37.31 -8.57
N ASN C 272 23.46 -36.24 -8.30
CA ASN C 272 22.12 -36.36 -7.75
C ASN C 272 21.00 -36.40 -8.74
N THR C 273 19.90 -36.98 -8.30
CA THR C 273 18.70 -36.96 -9.09
C THR C 273 17.55 -36.45 -8.25
N ARG C 274 16.41 -36.25 -8.88
CA ARG C 274 15.23 -35.79 -8.17
C ARG C 274 13.99 -36.53 -8.50
N LYS C 275 13.08 -36.54 -7.55
CA LYS C 275 11.75 -37.05 -7.82
C LYS C 275 10.73 -36.08 -7.28
N SER C 276 9.64 -35.96 -7.99
CA SER C 276 8.59 -35.07 -7.57
C SER C 276 7.47 -35.89 -6.94
N ILE C 277 7.13 -35.56 -5.71
CA ILE C 277 6.09 -36.28 -5.00
C ILE C 277 4.88 -35.41 -4.76
N ARG C 278 3.71 -35.88 -5.16
CA ARG C 278 2.52 -35.09 -4.91
C ARG C 278 2.23 -35.14 -3.44
N ILE C 279 1.99 -33.99 -2.82
CA ILE C 279 1.64 -34.00 -1.40
C ILE C 279 0.29 -33.33 -1.18
N GLY C 280 -0.35 -33.02 -2.28
CA GLY C 280 -1.63 -32.34 -2.26
C GLY C 280 -1.97 -31.94 -3.67
N PRO C 281 -3.15 -31.40 -3.91
CA PRO C 281 -3.64 -30.98 -5.19
C PRO C 281 -2.87 -29.77 -5.70
N GLY C 282 -1.95 -30.03 -6.63
CA GLY C 282 -1.10 -28.98 -7.20
C GLY C 282 0.12 -28.65 -6.33
N GLN C 283 0.34 -29.45 -5.30
CA GLN C 283 1.41 -29.23 -4.36
C GLN C 283 2.51 -30.26 -4.47
N TRP C 284 3.68 -29.84 -4.95
CA TRP C 284 4.73 -30.82 -5.14
C TRP C 284 5.92 -30.64 -4.21
N PHE C 285 6.39 -31.76 -3.72
CA PHE C 285 7.58 -31.85 -2.88
C PHE C 285 8.73 -32.41 -3.67
N TYR C 286 9.90 -31.78 -3.53
CA TYR C 286 11.07 -32.26 -4.24
C TYR C 286 12.00 -33.03 -3.32
N ALA C 287 12.13 -34.29 -3.63
CA ALA C 287 12.92 -35.18 -2.82
C ALA C 287 14.22 -35.54 -3.49
N THR C 288 15.22 -35.82 -2.67
CA THR C 288 16.52 -36.27 -3.17
C THR C 288 16.43 -37.76 -3.44
N GLY C 289 16.76 -38.18 -4.65
CA GLY C 289 16.66 -39.59 -5.01
C GLY C 289 18.00 -40.27 -4.84
N ASP C 290 18.14 -41.46 -5.40
CA ASP C 290 19.37 -42.20 -5.26
C ASP C 290 20.52 -41.50 -5.92
N ILE C 291 21.71 -41.63 -5.34
CA ILE C 291 22.91 -41.05 -5.91
C ILE C 291 23.39 -41.97 -7.00
N ILE C 292 23.74 -41.38 -8.13
CA ILE C 292 24.22 -42.13 -9.25
C ILE C 292 25.72 -42.25 -9.15
N GLY C 293 26.20 -43.47 -9.10
CA GLY C 293 27.62 -43.70 -8.98
C GLY C 293 28.08 -43.58 -7.54
N ASP C 294 29.39 -43.44 -7.38
CA ASP C 294 30.12 -43.39 -6.11
C ASP C 294 29.74 -42.16 -5.29
N ILE C 295 29.58 -42.34 -3.96
CA ILE C 295 29.24 -41.24 -3.08
C ILE C 295 30.48 -40.69 -2.36
N ARG C 296 30.76 -39.41 -2.55
CA ARG C 296 31.93 -38.73 -2.02
C ARG C 296 31.64 -37.51 -1.16
N GLN C 297 32.66 -37.09 -0.41
CA GLN C 297 32.56 -35.92 0.46
C GLN C 297 32.74 -34.59 -0.25
N ALA C 298 31.89 -33.62 0.08
CA ALA C 298 32.00 -32.25 -0.45
C ALA C 298 33.24 -31.60 0.10
N HIS C 299 33.89 -30.75 -0.71
CA HIS C 299 35.11 -30.10 -0.25
C HIS C 299 35.50 -28.85 -1.02
N CYS C 300 36.40 -28.06 -0.43
CA CYS C 300 36.98 -26.89 -1.08
C CYS C 300 38.51 -26.90 -1.16
N ASN C 301 39.03 -26.44 -2.29
CA ASN C 301 40.46 -26.32 -2.55
C ASN C 301 40.96 -24.89 -2.48
N VAL C 302 41.96 -24.66 -1.64
CA VAL C 302 42.63 -23.36 -1.53
C VAL C 302 44.08 -23.59 -1.89
N SER C 303 44.66 -22.76 -2.74
CA SER C 303 46.05 -23.01 -3.11
C SER C 303 46.98 -22.71 -1.94
N LYS C 304 47.79 -23.69 -1.56
CA LYS C 304 48.66 -23.52 -0.41
C LYS C 304 49.64 -22.40 -0.56
N ALA C 305 50.15 -22.24 -1.77
CA ALA C 305 51.16 -21.26 -2.08
C ALA C 305 50.61 -19.86 -2.27
N THR C 306 49.30 -19.71 -2.16
CA THR C 306 48.71 -18.40 -2.27
C THR C 306 48.28 -18.00 -0.87
N TRP C 307 47.70 -18.95 -0.16
CA TRP C 307 47.25 -18.68 1.19
C TRP C 307 48.43 -18.38 2.08
N ASN C 308 49.46 -19.23 2.02
CA ASN C 308 50.65 -19.02 2.84
C ASN C 308 51.60 -18.07 2.16
N GLU C 309 51.13 -16.85 2.08
CA GLU C 309 51.74 -15.70 1.46
C GLU C 309 50.75 -14.58 1.70
N THR C 310 49.47 -14.82 1.37
CA THR C 310 48.45 -13.82 1.63
C THR C 310 48.40 -13.55 3.12
N LEU C 311 48.46 -14.59 3.94
CA LEU C 311 48.47 -14.32 5.36
C LEU C 311 49.73 -13.59 5.75
N GLY C 312 50.85 -13.76 5.07
CA GLY C 312 52.04 -13.04 5.46
C GLY C 312 51.78 -11.53 5.38
N LYS C 313 50.99 -11.11 4.39
CA LYS C 313 50.65 -9.70 4.26
C LYS C 313 49.77 -9.26 5.40
N VAL C 314 48.85 -10.14 5.81
CA VAL C 314 47.94 -9.83 6.90
C VAL C 314 48.76 -9.67 8.17
N VAL C 315 49.72 -10.57 8.37
CA VAL C 315 50.56 -10.52 9.55
C VAL C 315 51.37 -9.26 9.60
N LYS C 316 51.97 -8.84 8.49
CA LYS C 316 52.75 -7.62 8.53
C LYS C 316 51.87 -6.45 8.95
N GLN C 317 50.66 -6.40 8.42
CA GLN C 317 49.77 -5.32 8.81
C GLN C 317 49.33 -5.45 10.25
N LEU C 318 49.15 -6.65 10.77
CA LEU C 318 48.81 -6.75 12.18
C LEU C 318 49.94 -6.24 13.05
N ARG C 319 51.20 -6.51 12.67
CA ARG C 319 52.33 -6.06 13.51
C ARG C 319 52.30 -4.54 13.66
N LYS C 320 51.81 -3.86 12.63
CA LYS C 320 51.67 -2.41 12.69
C LYS C 320 50.95 -1.97 13.97
N HIS C 321 49.95 -2.74 14.43
CA HIS C 321 49.19 -2.40 15.61
C HIS C 321 49.56 -3.25 16.82
N PHE C 322 50.12 -4.45 16.60
CA PHE C 322 50.42 -5.36 17.71
C PHE C 322 51.89 -5.51 18.12
N GLY C 323 52.82 -4.92 17.38
CA GLY C 323 54.24 -4.95 17.73
C GLY C 323 55.18 -5.68 16.79
N ASN C 324 56.31 -5.03 16.50
CA ASN C 324 57.30 -5.59 15.59
C ASN C 324 57.92 -6.86 16.15
N ASN C 325 57.99 -6.96 17.47
CA ASN C 325 58.60 -8.10 18.11
C ASN C 325 57.60 -8.99 18.83
N THR C 326 56.34 -8.94 18.44
CA THR C 326 55.37 -9.79 19.10
C THR C 326 55.25 -11.09 18.32
N ILE C 327 54.38 -11.94 18.78
CA ILE C 327 54.14 -13.22 18.14
C ILE C 327 52.71 -13.26 17.69
N ILE C 328 52.50 -13.61 16.43
CA ILE C 328 51.16 -13.68 15.91
C ILE C 328 50.75 -15.09 15.61
N ARG C 329 49.67 -15.53 16.21
CA ARG C 329 49.22 -16.88 15.98
C ARG C 329 47.83 -16.99 15.44
N PHE C 330 47.70 -17.78 14.40
CA PHE C 330 46.40 -18.06 13.82
C PHE C 330 45.96 -19.43 14.27
N ALA C 331 44.85 -19.45 14.97
CA ALA C 331 44.30 -20.65 15.54
C ALA C 331 42.98 -21.00 14.90
N ASN C 332 42.43 -22.15 15.27
CA ASN C 332 41.18 -22.61 14.73
C ASN C 332 40.03 -21.82 15.30
N SER C 333 38.83 -22.15 14.85
CA SER C 333 37.64 -21.48 15.34
C SER C 333 37.30 -22.02 16.72
N SER C 334 36.39 -21.37 17.40
CA SER C 334 36.00 -21.78 18.75
C SER C 334 34.78 -22.66 18.71
N GLY C 335 34.10 -22.81 19.84
CA GLY C 335 32.95 -23.69 19.90
C GLY C 335 31.71 -22.98 19.39
N GLY C 336 30.57 -23.66 19.43
CA GLY C 336 29.32 -23.09 18.92
C GLY C 336 28.77 -23.95 17.79
N ASP C 337 27.69 -23.49 17.16
CA ASP C 337 27.03 -24.25 16.12
C ASP C 337 27.70 -24.05 14.76
N LEU C 338 27.20 -24.72 13.71
CA LEU C 338 27.86 -24.65 12.42
C LEU C 338 27.91 -23.24 11.86
N GLU C 339 26.87 -22.48 12.10
CA GLU C 339 26.75 -21.13 11.58
C GLU C 339 27.82 -20.18 12.15
N VAL C 340 28.49 -20.61 13.22
CA VAL C 340 29.52 -19.86 13.87
C VAL C 340 30.92 -20.45 13.64
N THR C 341 31.03 -21.76 13.79
CA THR C 341 32.32 -22.41 13.78
C THR C 341 32.84 -22.78 12.41
N THR C 342 31.95 -22.84 11.41
CA THR C 342 32.35 -23.18 10.06
C THR C 342 32.13 -22.02 9.11
N HIS C 343 32.64 -22.22 7.91
CA HIS C 343 32.47 -21.29 6.82
C HIS C 343 31.19 -21.57 6.10
N SER C 344 30.23 -20.69 6.27
CA SER C 344 28.94 -20.86 5.66
C SER C 344 29.08 -20.36 4.26
N PHE C 345 28.85 -21.25 3.34
CA PHE C 345 29.02 -20.99 1.92
C PHE C 345 27.80 -21.39 1.12
N ASN C 346 27.23 -20.45 0.42
CA ASN C 346 26.02 -20.67 -0.36
C ASN C 346 26.36 -20.67 -1.82
N CYS C 347 26.32 -21.83 -2.47
CA CYS C 347 26.72 -21.81 -3.87
C CYS C 347 26.00 -22.84 -4.71
N GLY C 348 25.46 -22.35 -5.82
CA GLY C 348 24.77 -23.16 -6.81
C GLY C 348 23.32 -23.36 -6.40
N GLY C 349 22.99 -22.94 -5.19
CA GLY C 349 21.71 -23.13 -4.58
C GLY C 349 21.80 -24.08 -3.37
N GLU C 350 22.97 -24.67 -3.12
CA GLU C 350 23.12 -25.54 -1.95
C GLU C 350 23.95 -24.91 -0.85
N PHE C 351 23.71 -25.38 0.37
CA PHE C 351 24.37 -24.83 1.54
C PHE C 351 25.43 -25.72 2.11
N PHE C 352 26.64 -25.19 2.10
CA PHE C 352 27.84 -25.87 2.57
C PHE C 352 28.28 -25.30 3.90
N TYR C 353 28.81 -26.18 4.73
CA TYR C 353 29.42 -25.81 5.99
C TYR C 353 30.84 -26.34 6.02
N CYS C 354 31.81 -25.50 5.67
CA CYS C 354 33.17 -26.00 5.49
C CYS C 354 34.07 -25.76 6.70
N ASN C 355 34.93 -26.73 6.95
CA ASN C 355 35.89 -26.72 8.04
C ASN C 355 37.17 -25.99 7.65
N THR C 356 37.40 -24.85 8.26
CA THR C 356 38.49 -23.94 7.94
C THR C 356 39.69 -24.08 8.82
N SER C 357 39.76 -25.13 9.61
CA SER C 357 40.91 -25.28 10.49
C SER C 357 42.20 -25.41 9.73
N GLY C 358 42.16 -25.91 8.51
CA GLY C 358 43.35 -26.08 7.70
C GLY C 358 43.91 -24.75 7.19
N LEU C 359 43.15 -23.67 7.33
CA LEU C 359 43.58 -22.37 6.89
C LEU C 359 44.19 -21.53 8.00
N PHE C 360 43.97 -21.89 9.26
CA PHE C 360 44.42 -21.06 10.35
C PHE C 360 45.16 -21.89 11.35
N ASN C 361 46.36 -22.26 10.99
CA ASN C 361 47.17 -23.15 11.80
C ASN C 361 48.64 -22.77 11.69
N SER C 362 48.99 -21.59 12.18
CA SER C 362 50.37 -21.18 12.04
C SER C 362 50.82 -20.16 13.07
N THR C 363 52.13 -20.14 13.32
CA THR C 363 52.70 -19.14 14.21
C THR C 363 53.70 -18.32 13.43
N TRP C 364 53.54 -17.02 13.47
CA TRP C 364 54.40 -16.13 12.73
C TRP C 364 55.28 -15.32 13.66
N ILE C 365 56.55 -15.24 13.33
CA ILE C 365 57.49 -14.47 14.12
C ILE C 365 58.28 -13.54 13.23
N SER C 366 58.89 -12.54 13.83
CA SER C 366 59.77 -11.65 13.10
C SER C 366 61.06 -12.38 12.77
N ASN C 367 61.58 -12.16 11.57
CA ASN C 367 62.84 -12.76 11.15
C ASN C 367 63.77 -11.72 10.55
N SER C 381 48.17 -27.33 -2.29
CA SER C 381 46.73 -27.46 -2.16
C SER C 381 46.28 -27.84 -0.76
N ILE C 382 45.39 -27.03 -0.22
CA ILE C 382 44.80 -27.22 1.08
C ILE C 382 43.39 -27.72 0.88
N THR C 383 43.04 -28.86 1.47
CA THR C 383 41.68 -29.36 1.27
C THR C 383 40.86 -29.14 2.51
N LEU C 384 39.72 -28.49 2.35
CA LEU C 384 38.80 -28.24 3.42
C LEU C 384 37.59 -29.14 3.23
N PRO C 385 37.27 -30.08 4.11
CA PRO C 385 36.11 -30.94 3.98
C PRO C 385 34.91 -30.10 4.28
N CYS C 386 33.76 -30.42 3.69
CA CYS C 386 32.53 -29.70 3.97
C CYS C 386 31.33 -30.60 4.21
N ARG C 387 30.37 -30.10 4.97
CA ARG C 387 29.10 -30.80 5.12
C ARG C 387 28.03 -30.10 4.30
N ILE C 388 27.01 -30.83 3.91
CA ILE C 388 25.88 -30.27 3.18
C ILE C 388 24.63 -30.38 4.01
N LYS C 389 23.84 -29.31 4.08
CA LYS C 389 22.63 -29.34 4.89
C LYS C 389 21.45 -28.92 4.00
N GLN C 390 20.23 -29.46 4.20
CA GLN C 390 19.08 -29.06 3.38
C GLN C 390 18.07 -28.21 4.14
N ILE C 391 17.95 -28.40 5.45
CA ILE C 391 17.01 -27.58 6.21
C ILE C 391 17.77 -26.43 6.84
N ILE C 392 17.55 -25.26 6.29
CA ILE C 392 18.33 -24.10 6.61
C ILE C 392 17.59 -23.02 7.36
N ASN C 393 18.15 -22.57 8.47
CA ASN C 393 17.54 -21.44 9.13
C ASN C 393 18.31 -20.28 8.54
N MET C 394 17.75 -19.63 7.53
CA MET C 394 18.51 -18.65 6.77
C MET C 394 18.94 -17.43 7.54
N TRP C 395 18.13 -17.00 8.49
CA TRP C 395 18.46 -15.81 9.25
C TRP C 395 18.28 -16.23 10.67
N GLN C 396 18.98 -15.61 11.61
CA GLN C 396 18.86 -16.10 12.98
C GLN C 396 17.59 -15.67 13.68
N ARG C 397 16.54 -16.37 13.33
CA ARG C 397 15.18 -16.16 13.79
C ARG C 397 14.55 -17.46 14.24
N ILE C 398 13.49 -17.36 15.03
CA ILE C 398 12.79 -18.55 15.49
C ILE C 398 11.39 -18.66 14.92
N GLY C 399 11.07 -19.83 14.37
CA GLY C 399 9.74 -20.12 13.83
C GLY C 399 9.65 -20.37 12.32
N GLN C 400 10.76 -20.24 11.60
CA GLN C 400 10.77 -20.51 10.17
C GLN C 400 11.91 -21.43 9.80
N ALA C 401 11.73 -22.23 8.77
CA ALA C 401 12.82 -23.03 8.22
C ALA C 401 12.64 -23.17 6.74
N MET C 402 13.75 -23.13 6.02
CA MET C 402 13.70 -23.29 4.58
C MET C 402 14.24 -24.62 4.14
N TYR C 403 13.53 -25.30 3.27
CA TYR C 403 14.05 -26.52 2.72
C TYR C 403 14.64 -26.22 1.37
N ALA C 404 15.89 -26.55 1.18
CA ALA C 404 16.55 -26.32 -0.08
C ALA C 404 16.42 -27.57 -0.96
N PRO C 405 15.70 -27.53 -2.09
CA PRO C 405 15.55 -28.66 -2.96
C PRO C 405 16.94 -28.98 -3.41
N PRO C 406 17.27 -30.23 -3.72
CA PRO C 406 18.54 -30.69 -4.21
C PRO C 406 18.78 -30.25 -5.65
N ILE C 407 20.04 -30.13 -6.02
CA ILE C 407 20.37 -29.82 -7.42
C ILE C 407 20.78 -31.07 -8.18
N GLN C 408 20.19 -31.28 -9.35
CA GLN C 408 20.50 -32.45 -10.17
C GLN C 408 21.92 -32.38 -10.72
N GLY C 409 22.56 -33.53 -10.87
CA GLY C 409 23.92 -33.53 -11.39
C GLY C 409 24.87 -33.16 -10.28
N VAL C 410 25.95 -32.46 -10.61
CA VAL C 410 26.96 -32.12 -9.62
C VAL C 410 27.17 -30.65 -9.70
N ILE C 411 27.76 -30.06 -8.67
CA ILE C 411 28.06 -28.64 -8.76
C ILE C 411 29.51 -28.33 -8.46
N ARG C 412 30.01 -27.28 -9.11
CA ARG C 412 31.35 -26.80 -8.86
C ARG C 412 31.30 -25.29 -8.87
N CYS C 413 31.94 -24.69 -7.88
CA CYS C 413 31.96 -23.27 -7.68
C CYS C 413 33.36 -22.70 -7.67
N VAL C 414 33.53 -21.56 -8.32
CA VAL C 414 34.80 -20.87 -8.27
C VAL C 414 34.60 -19.48 -7.74
N SER C 415 35.31 -19.14 -6.68
CA SER C 415 35.12 -17.83 -6.08
C SER C 415 36.40 -17.19 -5.57
N ASN C 416 36.32 -15.89 -5.35
CA ASN C 416 37.45 -15.12 -4.86
C ASN C 416 37.39 -14.83 -3.37
N ILE C 417 38.34 -15.31 -2.60
CA ILE C 417 38.30 -14.94 -1.21
C ILE C 417 38.87 -13.54 -1.25
N THR C 418 38.15 -12.58 -0.72
CA THR C 418 38.61 -11.21 -0.75
C THR C 418 38.93 -10.67 0.64
N GLY C 419 38.61 -11.45 1.67
CA GLY C 419 38.92 -10.98 3.01
C GLY C 419 38.58 -11.94 4.14
N LEU C 420 38.85 -11.49 5.35
CA LEU C 420 38.67 -12.29 6.55
C LEU C 420 37.85 -11.59 7.63
N ILE C 421 37.15 -12.36 8.44
CA ILE C 421 36.58 -11.80 9.65
C ILE C 421 37.31 -12.43 10.82
N LEU C 422 38.11 -11.65 11.53
CA LEU C 422 38.92 -12.20 12.62
C LEU C 422 38.56 -11.65 13.99
N THR C 423 38.78 -12.47 15.01
CA THR C 423 38.63 -11.97 16.37
C THR C 423 39.98 -12.17 17.05
N ARG C 424 40.18 -11.48 18.16
CA ARG C 424 41.44 -11.56 18.89
C ARG C 424 41.24 -11.98 20.33
N ASP C 425 42.20 -12.72 20.85
CA ASP C 425 42.20 -13.14 22.23
C ASP C 425 43.59 -13.06 22.88
N GLY C 426 43.73 -12.16 23.86
CA GLY C 426 44.95 -11.98 24.62
C GLY C 426 46.14 -11.33 23.93
N GLY C 427 47.32 -11.74 24.43
CA GLY C 427 48.64 -11.25 24.07
C GLY C 427 48.70 -9.78 24.41
N SER C 428 49.30 -8.97 23.54
CA SER C 428 49.36 -7.54 23.77
C SER C 428 49.97 -7.18 25.11
N THR C 429 49.14 -7.02 26.12
CA THR C 429 49.53 -6.55 27.44
C THR C 429 49.94 -7.63 28.42
N ASN C 430 49.75 -8.89 28.07
CA ASN C 430 50.12 -9.94 29.03
C ASN C 430 51.48 -10.55 28.70
N SER C 431 51.54 -11.54 27.81
CA SER C 431 52.84 -12.14 27.54
C SER C 431 53.01 -12.68 26.14
N THR C 432 53.06 -11.78 25.17
CA THR C 432 53.20 -12.19 23.77
C THR C 432 52.14 -13.15 23.28
N THR C 433 52.22 -13.47 21.99
CA THR C 433 51.33 -14.36 21.28
C THR C 433 49.88 -13.96 21.27
N GLU C 434 49.54 -12.99 20.44
CA GLU C 434 48.14 -12.65 20.30
C GLU C 434 47.54 -13.76 19.49
N THR C 435 46.38 -14.25 19.87
CA THR C 435 45.79 -15.29 19.07
C THR C 435 44.65 -14.73 18.27
N PHE C 436 44.66 -15.01 16.99
CA PHE C 436 43.62 -14.58 16.10
C PHE C 436 42.88 -15.80 15.63
N ARG C 437 41.57 -15.67 15.53
CA ARG C 437 40.76 -16.78 15.10
C ARG C 437 39.77 -16.30 14.06
N PRO C 438 39.34 -17.13 13.12
CA PRO C 438 38.29 -16.78 12.22
C PRO C 438 37.07 -16.71 13.08
N GLY C 439 36.21 -15.76 12.83
CA GLY C 439 35.00 -15.66 13.63
C GLY C 439 33.74 -15.68 12.81
N GLY C 440 32.63 -15.47 13.48
CA GLY C 440 31.34 -15.45 12.81
C GLY C 440 31.08 -14.00 12.54
N GLY C 441 29.83 -13.62 12.38
CA GLY C 441 29.56 -12.23 12.08
C GLY C 441 28.09 -11.97 12.10
N ASP C 442 27.73 -10.73 11.80
CA ASP C 442 26.33 -10.31 11.86
C ASP C 442 25.61 -10.19 10.53
N MET C 443 26.12 -10.83 9.47
CA MET C 443 25.55 -10.75 8.08
C MET C 443 25.94 -9.42 7.44
N ARG C 444 25.62 -8.34 8.12
CA ARG C 444 25.87 -6.96 7.75
C ARG C 444 27.32 -6.73 7.39
N ASP C 445 28.20 -7.40 8.10
CA ASP C 445 29.64 -7.29 7.98
C ASP C 445 30.13 -7.68 6.61
N ASN C 446 29.35 -8.45 5.87
CA ASN C 446 29.76 -8.89 4.55
C ASN C 446 29.43 -7.86 3.50
N TRP C 447 28.71 -6.81 3.89
CA TRP C 447 28.28 -5.78 2.97
C TRP C 447 28.91 -4.52 3.46
N ARG C 448 29.23 -4.51 4.74
CA ARG C 448 29.81 -3.36 5.39
C ARG C 448 31.09 -2.96 4.70
N SER C 449 31.86 -3.93 4.21
CA SER C 449 33.12 -3.64 3.55
C SER C 449 32.97 -3.06 2.13
N GLU C 450 31.79 -3.16 1.51
CA GLU C 450 31.57 -2.62 0.16
C GLU C 450 30.85 -1.28 0.23
N LEU C 451 30.00 -1.13 1.25
CA LEU C 451 29.23 0.09 1.48
C LEU C 451 30.07 1.07 2.27
N TYR C 452 31.26 0.61 2.56
CA TYR C 452 32.32 1.24 3.29
C TYR C 452 32.66 2.65 2.90
N LYS C 453 32.73 2.91 1.62
CA LYS C 453 33.13 4.20 1.14
C LYS C 453 31.97 5.16 0.95
N TYR C 454 30.75 4.75 1.23
CA TYR C 454 29.63 5.65 0.93
C TYR C 454 28.90 6.27 2.12
N LYS C 455 28.48 7.52 1.92
CA LYS C 455 27.68 8.23 2.91
C LYS C 455 26.48 8.92 2.26
N VAL C 456 25.35 8.96 2.95
CA VAL C 456 24.18 9.64 2.39
C VAL C 456 23.92 10.99 3.01
N VAL C 457 23.76 12.00 2.16
CA VAL C 457 23.48 13.35 2.65
C VAL C 457 22.27 13.95 1.96
N LYS C 458 21.69 14.97 2.59
CA LYS C 458 20.57 15.68 1.99
C LYS C 458 20.98 17.09 1.68
N ILE C 459 20.41 17.64 0.63
CA ILE C 459 20.73 18.98 0.21
C ILE C 459 19.75 19.97 0.80
N GLU C 460 20.31 21.07 1.31
CA GLU C 460 19.55 22.15 1.92
C GLU C 460 19.83 23.45 1.16
N PRO C 461 19.14 23.69 0.04
CA PRO C 461 19.42 24.73 -0.92
C PRO C 461 19.20 26.16 -0.46
N LEU C 462 18.53 26.41 0.66
CA LEU C 462 18.35 27.79 1.11
C LEU C 462 19.40 28.25 2.07
N GLY C 463 19.76 29.52 1.93
CA GLY C 463 20.66 30.13 2.88
C GLY C 463 20.69 31.62 2.68
N VAL C 464 21.30 32.31 3.61
CA VAL C 464 21.37 33.76 3.55
C VAL C 464 22.77 34.24 3.78
N ALA C 465 23.07 35.44 3.31
CA ALA C 465 24.36 36.06 3.56
C ALA C 465 24.25 37.58 3.39
N PRO C 466 25.08 38.40 4.04
CA PRO C 466 25.10 39.84 3.86
C PRO C 466 25.62 40.29 2.52
N THR C 467 24.92 41.23 1.92
CA THR C 467 25.29 41.86 0.67
C THR C 467 25.01 43.35 0.77
N ARG C 468 25.33 44.09 -0.27
CA ARG C 468 25.08 45.51 -0.29
C ARG C 468 23.80 45.93 -0.99
N CYS C 469 22.92 44.99 -1.36
CA CYS C 469 21.72 45.40 -2.07
C CYS C 469 20.50 45.50 -1.17
N LYS C 470 19.62 46.43 -1.51
CA LYS C 470 18.34 46.67 -0.86
C LYS C 470 17.28 46.68 -1.95
N ARG C 471 16.03 46.32 -1.66
CA ARG C 471 15.06 46.33 -2.72
C ARG C 471 14.83 47.74 -3.27
N GLY D 10 27.48 17.75 -12.44
CA GLY D 10 28.25 18.77 -11.74
C GLY D 10 27.44 19.30 -10.58
N PHE D 11 26.54 18.46 -10.11
CA PHE D 11 25.57 18.79 -9.09
C PHE D 11 26.14 19.44 -7.84
N LEU D 12 27.18 18.90 -7.25
CA LEU D 12 27.76 19.58 -6.09
C LEU D 12 29.13 20.13 -6.44
N GLY D 13 29.39 20.37 -7.72
CA GLY D 13 30.71 20.80 -8.17
C GLY D 13 31.25 22.04 -7.49
N ALA D 14 30.38 22.94 -7.08
CA ALA D 14 30.76 24.18 -6.44
C ALA D 14 30.96 24.03 -4.94
N ALA D 15 30.87 22.83 -4.42
CA ALA D 15 30.96 22.65 -2.98
C ALA D 15 32.22 23.23 -2.36
N GLY D 16 33.35 23.18 -3.05
CA GLY D 16 34.58 23.72 -2.47
C GLY D 16 34.86 25.16 -2.92
N SER D 17 33.97 25.72 -3.69
CA SER D 17 34.14 27.06 -4.23
C SER D 17 33.85 28.06 -3.17
N THR D 18 34.30 29.27 -3.35
CA THR D 18 33.96 30.26 -2.38
C THR D 18 32.52 30.63 -2.52
N MET D 19 31.98 31.27 -1.51
CA MET D 19 30.58 31.64 -1.56
C MET D 19 30.24 32.47 -2.76
N GLY D 20 31.13 33.40 -3.12
CA GLY D 20 30.92 34.24 -4.28
C GLY D 20 30.91 33.42 -5.55
N ALA D 21 31.94 32.61 -5.77
CA ALA D 21 32.02 31.83 -6.99
C ALA D 21 30.86 30.86 -7.15
N ALA D 22 30.40 30.30 -6.05
CA ALA D 22 29.34 29.32 -6.03
C ALA D 22 28.00 29.90 -6.42
N SER D 23 27.88 31.23 -6.45
CA SER D 23 26.61 31.86 -6.78
C SER D 23 26.30 31.63 -8.25
N MET D 24 27.27 31.18 -9.03
CA MET D 24 27.04 30.97 -10.45
C MET D 24 26.50 29.59 -10.78
N THR D 25 26.30 28.71 -9.79
CA THR D 25 25.80 27.36 -10.06
C THR D 25 24.45 27.10 -9.43
N LEU D 26 23.75 28.15 -9.06
CA LEU D 26 22.50 27.96 -8.34
C LEU D 26 21.48 27.14 -9.15
N THR D 27 21.50 27.22 -10.48
CA THR D 27 20.56 26.43 -11.28
C THR D 27 20.98 24.99 -11.42
N VAL D 28 22.25 24.71 -11.14
CA VAL D 28 22.77 23.36 -11.23
C VAL D 28 22.21 22.59 -10.06
N GLN D 29 22.22 23.24 -8.90
CA GLN D 29 21.68 22.56 -7.75
C GLN D 29 20.14 22.59 -7.78
N ALA D 30 19.52 23.70 -8.20
CA ALA D 30 18.07 23.77 -8.19
C ALA D 30 17.39 22.72 -9.08
N ARG D 31 17.97 22.42 -10.23
CA ARG D 31 17.33 21.49 -11.15
C ARG D 31 17.36 20.05 -10.71
N ASN D 32 18.14 19.73 -9.70
CA ASN D 32 18.22 18.36 -9.27
C ASN D 32 17.49 18.13 -7.95
N LEU D 33 16.60 19.04 -7.57
CA LEU D 33 15.93 18.88 -6.28
C LEU D 33 14.50 18.40 -6.48
N LEU D 34 14.09 18.02 -7.68
CA LEU D 34 12.70 17.51 -7.83
C LEU D 34 12.72 16.14 -8.50
N SER D 35 13.64 15.91 -9.44
CA SER D 35 13.81 14.58 -10.09
C SER D 35 14.81 14.70 -11.24
N CYS D 50 9.11 -2.37 -10.35
CA CYS D 50 8.69 -1.80 -11.62
C CYS D 50 7.43 -2.48 -12.09
N GLN D 51 6.45 -1.66 -12.45
CA GLN D 51 5.17 -2.18 -12.91
C GLN D 51 4.66 -3.19 -11.90
N GLN D 52 4.53 -4.44 -12.31
CA GLN D 52 3.97 -5.45 -11.44
C GLN D 52 4.85 -5.78 -10.24
N HIS D 53 6.17 -5.64 -10.32
CA HIS D 53 6.96 -6.03 -9.16
C HIS D 53 6.59 -5.18 -7.95
N LEU D 54 6.61 -3.85 -8.10
CA LEU D 54 6.28 -2.97 -6.99
C LEU D 54 4.79 -2.96 -6.65
N LEU D 55 3.92 -3.20 -7.64
CA LEU D 55 2.49 -3.23 -7.37
C LEU D 55 2.09 -4.48 -6.59
N LYS D 56 2.69 -5.63 -6.91
CA LYS D 56 2.39 -6.85 -6.15
C LYS D 56 3.10 -6.81 -4.81
N LEU D 57 4.34 -6.34 -4.81
CA LEU D 57 5.15 -6.28 -3.62
C LEU D 57 4.85 -4.97 -2.92
N THR D 58 3.56 -4.90 -2.59
CA THR D 58 2.91 -3.84 -1.81
C THR D 58 3.62 -3.71 -0.47
N VAL D 59 4.93 -3.88 -0.45
CA VAL D 59 5.68 -3.60 0.79
C VAL D 59 6.91 -2.83 0.32
N TRP D 60 7.07 -2.75 -1.00
CA TRP D 60 8.17 -1.93 -1.55
C TRP D 60 7.54 -0.75 -2.28
N GLY D 61 6.36 -0.95 -2.82
CA GLY D 61 5.70 0.21 -3.40
C GLY D 61 5.59 1.26 -2.31
N ILE D 62 5.03 0.89 -1.18
CA ILE D 62 4.83 1.92 -0.13
C ILE D 62 6.19 2.16 0.51
N LYS D 63 7.25 2.14 -0.28
CA LYS D 63 8.44 2.91 0.03
C LYS D 63 8.69 3.89 -1.08
N GLN D 64 8.39 3.46 -2.31
CA GLN D 64 8.63 4.35 -3.42
C GLN D 64 7.67 5.52 -3.37
N LEU D 65 6.42 5.29 -2.96
CA LEU D 65 5.53 6.41 -2.83
C LEU D 65 5.98 7.32 -1.72
N GLN D 66 6.48 6.77 -0.62
CA GLN D 66 6.92 7.65 0.45
C GLN D 66 8.10 8.50 0.01
N ALA D 67 9.02 7.92 -0.74
CA ALA D 67 10.16 8.67 -1.19
C ALA D 67 9.77 9.82 -2.10
N ARG D 68 8.79 9.57 -2.97
CA ARG D 68 8.36 10.59 -3.92
C ARG D 68 7.56 11.67 -3.24
N VAL D 69 6.70 11.29 -2.30
CA VAL D 69 5.90 12.27 -1.61
C VAL D 69 6.79 13.16 -0.80
N LEU D 70 7.78 12.59 -0.11
CA LEU D 70 8.67 13.42 0.67
C LEU D 70 9.42 14.40 -0.20
N ALA D 71 9.94 13.95 -1.34
CA ALA D 71 10.68 14.90 -2.16
C ALA D 71 9.81 16.08 -2.54
N VAL D 72 8.53 15.81 -2.85
CA VAL D 72 7.65 16.90 -3.18
C VAL D 72 7.40 17.81 -2.01
N GLU D 73 7.15 17.25 -0.83
CA GLU D 73 6.89 18.11 0.31
C GLU D 73 8.09 18.98 0.65
N ARG D 74 9.30 18.44 0.56
CA ARG D 74 10.45 19.26 0.90
C ARG D 74 10.61 20.40 -0.09
N TYR D 75 10.40 20.11 -1.37
CA TYR D 75 10.50 21.13 -2.38
C TYR D 75 9.51 22.25 -2.11
N LEU D 76 8.26 21.88 -1.84
CA LEU D 76 7.26 22.88 -1.63
C LEU D 76 7.49 23.68 -0.36
N ARG D 77 8.00 23.09 0.72
CA ARG D 77 8.22 23.92 1.90
C ARG D 77 9.22 25.03 1.58
N ASP D 78 10.27 24.71 0.80
CA ASP D 78 11.22 25.76 0.47
C ASP D 78 10.57 26.81 -0.39
N GLN D 79 9.72 26.40 -1.33
CA GLN D 79 9.09 27.39 -2.17
C GLN D 79 8.13 28.26 -1.39
N GLN D 80 7.42 27.70 -0.40
CA GLN D 80 6.52 28.54 0.36
C GLN D 80 7.28 29.58 1.14
N LEU D 81 8.43 29.22 1.73
CA LEU D 81 9.15 30.23 2.48
C LEU D 81 9.63 31.33 1.58
N LEU D 82 10.09 30.97 0.39
CA LEU D 82 10.55 32.01 -0.50
C LEU D 82 9.40 32.93 -0.89
N GLY D 83 8.23 32.35 -1.12
CA GLY D 83 7.07 33.15 -1.47
C GLY D 83 6.70 34.13 -0.35
N ILE D 84 6.65 33.64 0.87
CA ILE D 84 6.28 34.47 2.00
C ILE D 84 7.23 35.61 2.20
N TRP D 85 8.51 35.38 2.04
CA TRP D 85 9.53 36.40 2.24
C TRP D 85 9.53 37.47 1.14
N GLY D 86 8.74 37.29 0.08
CA GLY D 86 8.73 38.24 -1.01
C GLY D 86 9.74 37.91 -2.08
N CYS D 87 10.23 36.70 -2.07
CA CYS D 87 11.22 36.25 -3.03
C CYS D 87 10.64 35.11 -3.86
N SER D 88 10.09 35.39 -5.01
CA SER D 88 9.42 34.32 -5.72
C SER D 88 9.79 34.27 -7.18
N GLY D 89 10.21 33.10 -7.61
CA GLY D 89 10.59 32.90 -9.00
C GLY D 89 12.01 33.39 -9.25
N LYS D 90 12.77 33.57 -8.20
CA LYS D 90 14.12 34.04 -8.33
C LYS D 90 15.06 33.21 -7.50
N LEU D 91 16.28 33.12 -7.95
CA LEU D 91 17.27 32.40 -7.15
C LEU D 91 18.00 33.34 -6.20
N ILE D 92 18.03 34.63 -6.53
CA ILE D 92 18.68 35.61 -5.68
C ILE D 92 17.74 36.75 -5.34
N CYS D 93 17.52 37.01 -4.06
CA CYS D 93 16.67 38.14 -3.71
C CYS D 93 17.25 39.04 -2.67
N CYS D 94 17.17 40.33 -2.93
CA CYS D 94 17.59 41.30 -1.96
C CYS D 94 16.40 41.50 -1.06
N THR D 95 16.62 41.77 0.20
CA THR D 95 15.52 41.99 1.10
C THR D 95 15.84 43.24 1.85
N ASN D 96 14.90 43.76 2.63
CA ASN D 96 15.13 44.98 3.37
C ASN D 96 15.47 44.75 4.82
N VAL D 97 15.75 43.51 5.20
CA VAL D 97 16.12 43.25 6.57
C VAL D 97 17.61 43.51 6.71
N PRO D 98 18.06 44.40 7.60
CA PRO D 98 19.45 44.76 7.78
C PRO D 98 20.18 43.60 8.38
N TRP D 99 21.45 43.49 8.05
CA TRP D 99 22.26 42.46 8.61
C TRP D 99 22.71 42.86 9.99
N ASN D 100 22.58 41.94 10.92
CA ASN D 100 23.06 42.14 12.28
C ASN D 100 24.49 41.70 12.39
N SER D 101 25.38 42.58 12.81
CA SER D 101 26.77 42.18 12.94
C SER D 101 26.88 41.12 14.02
N SER D 102 25.90 41.04 14.91
CA SER D 102 25.91 40.08 15.99
C SER D 102 25.67 38.66 15.50
N TRP D 103 25.18 38.50 14.27
CA TRP D 103 24.96 37.16 13.73
C TRP D 103 26.26 36.61 13.14
N SER D 104 27.19 37.51 12.83
CA SER D 104 28.46 37.18 12.20
C SER D 104 29.24 38.47 12.03
N ASN D 105 30.14 38.75 12.93
CA ASN D 105 30.86 40.00 12.82
C ASN D 105 32.07 39.88 11.93
N ARG D 106 31.79 39.73 10.64
CA ARG D 106 32.81 39.56 9.62
C ARG D 106 32.60 40.57 8.51
N ASN D 107 33.66 40.99 7.83
CA ASN D 107 33.41 41.91 6.73
C ASN D 107 33.14 41.13 5.44
N LEU D 108 32.81 41.82 4.37
CA LEU D 108 32.44 41.09 3.16
C LEU D 108 33.58 40.30 2.54
N SER D 109 34.81 40.71 2.76
CA SER D 109 35.95 40.06 2.11
C SER D 109 36.32 38.79 2.84
N GLU D 110 35.64 38.52 3.96
CA GLU D 110 35.86 37.31 4.73
C GLU D 110 34.79 36.30 4.40
N ILE D 111 33.73 36.78 3.76
CA ILE D 111 32.56 35.96 3.53
C ILE D 111 32.46 35.51 2.12
N TRP D 112 32.54 36.45 1.19
CA TRP D 112 32.33 36.08 -0.19
C TRP D 112 33.55 35.43 -0.81
N ASP D 113 34.72 35.77 -0.29
CA ASP D 113 35.98 35.21 -0.71
C ASP D 113 36.55 34.38 0.44
N ASN D 114 37.33 33.37 0.12
CA ASN D 114 38.01 32.53 1.11
C ASN D 114 37.10 31.86 2.15
N MET D 115 35.92 31.45 1.73
CA MET D 115 34.97 30.76 2.59
C MET D 115 33.96 30.05 1.71
N THR D 116 33.57 28.84 2.10
CA THR D 116 32.56 28.08 1.35
C THR D 116 31.19 28.23 1.98
N TRP D 117 30.14 27.80 1.26
CA TRP D 117 28.79 27.86 1.81
C TRP D 117 28.59 26.88 2.95
N LEU D 118 29.33 25.79 2.92
CA LEU D 118 29.20 24.81 3.96
C LEU D 118 29.74 25.40 5.28
N GLN D 119 30.88 26.10 5.19
CA GLN D 119 31.45 26.75 6.37
C GLN D 119 30.55 27.86 6.86
N TRP D 120 29.96 28.58 5.93
CA TRP D 120 29.10 29.67 6.28
C TRP D 120 27.90 29.17 7.05
N ASP D 121 27.30 28.07 6.61
CA ASP D 121 26.14 27.58 7.33
C ASP D 121 26.50 27.32 8.79
N LYS D 122 27.70 26.80 9.05
CA LYS D 122 28.09 26.58 10.43
C LYS D 122 28.17 27.89 11.22
N GLU D 123 28.62 28.96 10.57
CA GLU D 123 28.75 30.28 11.21
C GLU D 123 27.40 30.89 11.58
N ILE D 124 26.39 30.65 10.74
CA ILE D 124 25.07 31.24 10.96
C ILE D 124 24.08 30.40 11.73
N SER D 125 24.04 29.09 11.48
CA SER D 125 23.07 28.15 12.05
C SER D 125 22.11 28.65 13.15
N ASN D 126 22.64 29.09 14.28
CA ASN D 126 21.83 29.46 15.44
C ASN D 126 20.92 30.66 15.22
N TYR D 127 21.20 31.45 14.21
CA TYR D 127 20.44 32.65 13.96
C TYR D 127 19.47 32.48 12.80
N THR D 128 19.32 31.26 12.32
CA THR D 128 18.48 30.98 11.17
C THR D 128 17.04 31.40 11.39
N GLN D 129 16.51 31.08 12.55
CA GLN D 129 15.10 31.37 12.80
C GLN D 129 14.86 32.84 13.02
N ILE D 130 15.85 33.56 13.52
CA ILE D 130 15.67 34.98 13.73
C ILE D 130 15.54 35.63 12.38
N ILE D 131 16.43 35.25 11.47
CA ILE D 131 16.43 35.85 10.17
C ILE D 131 15.14 35.52 9.44
N TYR D 132 14.69 34.27 9.50
CA TYR D 132 13.47 33.97 8.79
C TYR D 132 12.29 34.75 9.34
N GLY D 133 12.20 34.90 10.66
CA GLY D 133 11.10 35.65 11.22
C GLY D 133 11.12 37.11 10.76
N LEU D 134 12.31 37.70 10.68
CA LEU D 134 12.41 39.06 10.22
C LEU D 134 12.00 39.20 8.77
N LEU D 135 12.35 38.23 7.94
CA LEU D 135 11.98 38.33 6.54
C LEU D 135 10.46 38.28 6.38
N GLU D 136 9.78 37.43 7.16
CA GLU D 136 8.33 37.35 7.11
C GLU D 136 7.67 38.66 7.50
N GLU D 137 8.18 39.29 8.56
CA GLU D 137 7.59 40.54 8.99
C GLU D 137 7.79 41.64 7.97
N SER D 138 8.97 41.67 7.35
CA SER D 138 9.22 42.70 6.37
C SER D 138 8.24 42.60 5.23
N GLN D 139 7.98 41.39 4.74
CA GLN D 139 7.06 41.29 3.62
C GLN D 139 5.66 41.69 4.02
N ASN D 140 5.21 41.36 5.22
CA ASN D 140 3.85 41.76 5.54
C ASN D 140 3.70 43.27 5.52
N GLN D 141 4.72 43.98 5.97
CA GLN D 141 4.63 45.42 5.93
C GLN D 141 4.70 45.94 4.50
N GLN D 142 5.51 45.31 3.67
CA GLN D 142 5.62 45.76 2.30
C GLN D 142 4.33 45.57 1.53
N GLU D 143 3.63 44.45 1.77
CA GLU D 143 2.39 44.23 1.05
C GLU D 143 1.31 45.20 1.48
N LYS D 144 1.24 45.52 2.76
CA LYS D 144 0.22 46.46 3.15
C LYS D 144 0.51 47.80 2.50
N ASN D 145 1.78 48.19 2.46
CA ASN D 145 2.06 49.48 1.87
C ASN D 145 1.70 49.49 0.39
N GLU D 146 1.93 48.40 -0.32
CA GLU D 146 1.57 48.40 -1.72
C GLU D 146 0.08 48.57 -1.92
N GLN D 147 -0.73 47.85 -1.13
CA GLN D 147 -2.18 47.96 -1.31
C GLN D 147 -2.65 49.39 -1.05
N ASP D 148 -2.10 50.03 -0.03
CA ASP D 148 -2.54 51.38 0.29
C ASP D 148 -2.06 52.37 -0.74
N LEU D 149 -0.85 52.19 -1.25
CA LEU D 149 -0.33 53.10 -2.23
C LEU D 149 -1.12 53.00 -3.52
N LEU D 150 -1.49 51.79 -3.93
CA LEU D 150 -2.25 51.68 -5.16
C LEU D 150 -3.61 52.33 -5.01
N ALA D 151 -4.26 52.19 -3.86
CA ALA D 151 -5.55 52.83 -3.67
C ALA D 151 -5.44 54.34 -3.73
N LEU D 152 -4.36 54.88 -3.19
CA LEU D 152 -4.17 56.31 -3.20
C LEU D 152 -4.16 56.80 -4.64
N ALA E 1 -20.30 53.59 -8.53
CA ALA E 1 -20.08 54.93 -8.00
C ALA E 1 -18.91 54.94 -7.05
N GLU E 2 -18.85 53.89 -6.23
CA GLU E 2 -17.82 53.71 -5.23
C GLU E 2 -16.47 53.36 -5.86
N ASN E 3 -16.50 52.90 -7.11
CA ASN E 3 -15.29 52.53 -7.83
C ASN E 3 -14.44 51.53 -7.10
N LEU E 4 -15.05 50.46 -6.61
CA LEU E 4 -14.31 49.44 -5.88
C LEU E 4 -13.95 48.31 -6.80
N TRP E 5 -12.88 47.61 -6.47
CA TRP E 5 -12.38 46.47 -7.23
C TRP E 5 -12.18 45.26 -6.36
N VAL E 6 -12.20 44.10 -6.99
CA VAL E 6 -11.99 42.87 -6.28
C VAL E 6 -10.54 42.76 -5.84
N THR E 7 -10.31 42.53 -4.55
CA THR E 7 -8.96 42.31 -4.04
C THR E 7 -8.89 40.90 -3.52
N VAL E 8 -7.87 40.19 -3.94
CA VAL E 8 -7.70 38.81 -3.58
C VAL E 8 -6.83 38.67 -2.36
N TYR E 9 -7.30 37.92 -1.38
CA TYR E 9 -6.51 37.67 -0.19
C TYR E 9 -6.25 36.20 -0.03
N TYR E 10 -5.04 35.88 0.39
CA TYR E 10 -4.69 34.50 0.69
C TYR E 10 -4.14 34.41 2.09
N GLY E 11 -4.68 33.49 2.87
CA GLY E 11 -4.31 33.34 4.25
C GLY E 11 -5.45 33.83 5.13
N VAL E 12 -6.65 33.83 4.59
CA VAL E 12 -7.82 34.26 5.31
C VAL E 12 -8.23 33.23 6.37
N PRO E 13 -8.46 33.63 7.65
CA PRO E 13 -8.81 32.74 8.74
C PRO E 13 -10.26 32.30 8.70
N VAL E 14 -10.62 31.56 7.67
CA VAL E 14 -11.96 31.07 7.46
C VAL E 14 -11.94 29.56 7.29
N TRP E 15 -12.96 28.88 7.80
CA TRP E 15 -13.03 27.44 7.70
C TRP E 15 -14.44 26.93 7.55
N LYS E 16 -14.52 25.69 7.06
CA LYS E 16 -15.78 24.97 6.85
C LYS E 16 -15.70 23.58 7.46
N ASP E 17 -16.85 23.05 7.85
CA ASP E 17 -16.91 21.71 8.45
C ASP E 17 -16.37 20.68 7.48
N ALA E 18 -15.60 19.71 7.99
CA ALA E 18 -15.06 18.71 7.09
C ALA E 18 -14.81 17.38 7.74
N GLU E 19 -14.78 16.32 6.93
CA GLU E 19 -14.48 15.01 7.46
C GLU E 19 -13.22 14.44 6.84
N THR E 20 -12.21 14.25 7.65
CA THR E 20 -10.95 13.72 7.16
C THR E 20 -10.41 12.68 8.08
N THR E 21 -9.26 12.17 7.72
CA THR E 21 -8.60 11.15 8.53
C THR E 21 -7.65 11.85 9.47
N LEU E 22 -7.89 11.58 10.74
CA LEU E 22 -7.00 12.06 11.80
C LEU E 22 -5.89 11.03 11.93
N PHE E 23 -4.71 11.47 12.31
CA PHE E 23 -3.57 10.54 12.51
C PHE E 23 -3.37 10.45 14.01
N CYS E 24 -3.00 9.29 14.54
CA CYS E 24 -2.95 9.13 16.01
C CYS E 24 -1.60 9.54 16.55
N ALA E 25 -1.45 9.52 17.88
CA ALA E 25 -0.18 9.95 18.50
C ALA E 25 -0.17 9.80 20.02
N SER E 26 0.72 8.98 20.58
CA SER E 26 0.75 8.74 22.05
C SER E 26 1.68 9.70 22.76
N ASP E 27 2.31 9.24 23.84
CA ASP E 27 3.31 10.09 24.51
C ASP E 27 4.70 9.51 24.29
N HIS E 36 4.81 -3.48 24.29
CA HIS E 36 4.24 -4.52 23.46
C HIS E 36 2.76 -4.28 23.28
N ASN E 37 2.36 -3.12 23.78
CA ASN E 37 0.98 -2.65 23.69
C ASN E 37 0.67 -2.28 22.27
N VAL E 38 -0.52 -2.60 21.80
CA VAL E 38 -0.84 -2.25 20.43
C VAL E 38 -0.84 -0.73 20.19
N TRP E 39 -1.17 0.04 21.21
CA TRP E 39 -1.22 1.48 21.05
C TRP E 39 0.13 2.09 21.33
N ALA E 40 1.13 1.25 21.56
CA ALA E 40 2.47 1.75 21.75
C ALA E 40 3.05 2.05 20.39
N THR E 41 2.46 1.39 19.42
CA THR E 41 3.03 1.33 18.08
C THR E 41 2.08 2.12 17.19
N HIS E 42 0.77 1.91 17.33
CA HIS E 42 -0.13 2.61 16.38
C HIS E 42 -0.36 4.05 16.82
N CYS E 43 0.50 4.57 17.69
CA CYS E 43 0.39 6.00 18.08
C CYS E 43 1.80 6.49 18.38
N CYS E 44 2.73 6.23 17.47
CA CYS E 44 4.14 6.56 17.78
C CYS E 44 4.41 8.07 17.75
N VAL E 45 4.16 8.70 16.61
CA VAL E 45 4.40 10.16 16.44
C VAL E 45 4.11 10.88 17.76
N PRO E 46 5.09 11.34 18.55
CA PRO E 46 4.79 11.93 19.87
C PRO E 46 3.96 13.22 19.80
N THR E 47 3.09 13.53 20.78
CA THR E 47 2.39 14.79 20.69
C THR E 47 3.40 15.83 21.08
N ASP E 48 3.10 17.08 20.78
CA ASP E 48 3.93 18.13 21.32
C ASP E 48 3.70 17.99 22.83
N PRO E 49 4.72 18.07 23.70
CA PRO E 49 4.58 18.01 25.14
C PRO E 49 3.79 19.21 25.68
N ASN E 50 3.70 20.29 24.89
CA ASN E 50 2.98 21.49 25.28
C ASN E 50 2.10 21.98 24.14
N PRO E 51 0.93 21.34 23.90
CA PRO E 51 0.05 21.56 22.77
C PRO E 51 -0.34 23.03 22.68
N GLN E 52 -0.38 23.52 21.47
CA GLN E 52 -0.67 24.92 21.26
C GLN E 52 -2.13 25.23 21.19
N GLU E 53 -2.75 25.28 22.36
CA GLU E 53 -4.16 25.59 22.41
C GLU E 53 -4.37 27.10 22.30
N ILE E 54 -5.15 27.50 21.30
CA ILE E 54 -5.41 28.92 21.07
C ILE E 54 -6.85 29.33 21.29
N HIS E 55 -7.08 30.23 22.22
CA HIS E 55 -8.47 30.65 22.44
C HIS E 55 -8.91 31.56 21.33
N LEU E 56 -10.12 31.35 20.80
CA LEU E 56 -10.58 32.24 19.75
C LEU E 56 -11.57 33.23 20.31
N GLU E 57 -11.20 34.49 20.31
CA GLU E 57 -12.13 35.44 20.86
C GLU E 57 -13.29 35.63 19.90
N ASN E 58 -14.48 35.79 20.45
CA ASN E 58 -15.71 36.05 19.70
C ASN E 58 -16.03 35.01 18.64
N VAL E 59 -15.82 33.73 18.93
CA VAL E 59 -16.19 32.70 17.97
C VAL E 59 -17.23 31.78 18.55
N THR E 60 -18.35 31.63 17.85
CA THR E 60 -19.42 30.75 18.28
C THR E 60 -19.67 29.72 17.21
N GLU E 61 -19.69 28.45 17.59
CA GLU E 61 -19.95 27.40 16.59
C GLU E 61 -20.91 26.35 17.04
N GLU E 62 -21.56 25.72 16.08
CA GLU E 62 -22.48 24.62 16.34
C GLU E 62 -21.78 23.27 16.37
N PHE E 63 -21.99 22.55 17.45
CA PHE E 63 -21.44 21.22 17.68
C PHE E 63 -22.56 20.19 17.74
N ASN E 64 -22.25 18.94 17.39
CA ASN E 64 -23.23 17.87 17.49
C ASN E 64 -22.56 16.53 17.79
N MET E 65 -22.63 16.10 19.05
CA MET E 65 -21.92 14.88 19.47
C MET E 65 -22.50 13.61 18.86
N TRP E 66 -23.71 13.69 18.32
CA TRP E 66 -24.36 12.51 17.83
C TRP E 66 -24.04 12.26 16.36
N LYS E 67 -23.38 13.22 15.73
CA LYS E 67 -23.05 13.17 14.30
C LYS E 67 -21.57 13.38 14.11
N ASN E 68 -20.82 13.12 15.16
CA ASN E 68 -19.39 13.38 15.16
C ASN E 68 -18.58 12.24 14.52
N ASN E 69 -17.95 12.51 13.38
CA ASN E 69 -17.25 11.48 12.66
C ASN E 69 -15.97 11.06 13.34
N MET E 70 -15.56 11.77 14.40
CA MET E 70 -14.37 11.37 15.13
C MET E 70 -14.69 10.13 15.92
N VAL E 71 -15.97 9.94 16.25
CA VAL E 71 -16.42 8.82 17.04
C VAL E 71 -16.40 7.64 16.12
N GLU E 72 -16.90 7.86 14.91
CA GLU E 72 -16.90 6.81 13.91
C GLU E 72 -15.47 6.45 13.54
N GLN E 73 -14.59 7.45 13.45
CA GLN E 73 -13.21 7.17 13.11
C GLN E 73 -12.55 6.33 14.16
N MET E 74 -12.80 6.62 15.45
CA MET E 74 -12.17 5.80 16.45
C MET E 74 -12.66 4.39 16.34
N HIS E 75 -13.96 4.20 16.16
CA HIS E 75 -14.50 2.87 16.11
C HIS E 75 -13.88 2.04 15.01
N THR E 76 -13.78 2.62 13.81
CA THR E 76 -13.20 1.85 12.73
C THR E 76 -11.76 1.48 13.04
N ASP E 77 -10.98 2.42 13.57
CA ASP E 77 -9.58 2.14 13.85
C ASP E 77 -9.35 1.21 15.03
N ILE E 78 -10.21 1.22 16.04
CA ILE E 78 -9.96 0.30 17.14
C ILE E 78 -10.14 -1.11 16.62
N ILE E 79 -11.17 -1.33 15.82
CA ILE E 79 -11.39 -2.68 15.30
C ILE E 79 -10.29 -3.06 14.34
N SER E 80 -9.93 -2.15 13.43
CA SER E 80 -8.90 -2.46 12.48
C SER E 80 -7.60 -2.80 13.15
N LEU E 81 -7.20 -2.05 14.18
CA LEU E 81 -5.96 -2.36 14.85
C LEU E 81 -6.06 -3.70 15.55
N TRP E 82 -7.19 -3.95 16.22
CA TRP E 82 -7.38 -5.16 16.99
C TRP E 82 -7.10 -6.40 16.13
N ASP E 83 -7.70 -6.43 14.95
CA ASP E 83 -7.56 -7.59 14.08
C ASP E 83 -6.27 -7.66 13.30
N GLN E 84 -5.42 -6.66 13.44
CA GLN E 84 -4.15 -6.72 12.76
C GLN E 84 -3.14 -7.26 13.74
N SER E 85 -3.23 -6.84 15.01
CA SER E 85 -2.22 -7.28 15.96
C SER E 85 -2.37 -8.76 16.26
N LEU E 86 -3.57 -9.30 16.09
CA LEU E 86 -3.76 -10.71 16.35
C LEU E 86 -3.65 -11.56 15.10
N LYS E 87 -3.39 -10.93 13.97
CA LYS E 87 -3.33 -11.64 12.71
C LYS E 87 -2.33 -12.79 12.64
N PRO E 88 -1.08 -12.66 13.12
CA PRO E 88 -0.07 -13.68 12.97
C PRO E 88 -0.09 -14.78 14.03
N CYS E 89 -1.05 -14.78 14.94
CA CYS E 89 -0.97 -15.80 15.98
C CYS E 89 -1.73 -17.06 15.63
N VAL E 90 -1.35 -18.12 16.32
CA VAL E 90 -1.82 -19.47 16.09
C VAL E 90 -3.32 -19.63 16.20
N LYS E 91 -3.85 -20.40 15.24
CA LYS E 91 -5.26 -20.68 15.20
C LYS E 91 -5.51 -21.83 16.14
N LEU E 92 -6.69 -21.92 16.72
CA LEU E 92 -6.97 -23.03 17.59
C LEU E 92 -7.92 -24.02 16.98
N THR E 93 -8.04 -24.00 15.67
CA THR E 93 -8.92 -24.92 14.98
C THR E 93 -8.83 -26.36 15.52
N PRO E 94 -7.64 -26.97 15.74
CA PRO E 94 -7.48 -28.33 16.22
C PRO E 94 -8.12 -28.62 17.56
N LEU E 95 -8.47 -27.59 18.34
CA LEU E 95 -9.09 -27.74 19.65
C LEU E 95 -10.56 -28.02 19.51
N CYS E 96 -11.12 -27.85 18.32
CA CYS E 96 -12.55 -28.08 18.16
C CYS E 96 -12.82 -29.55 17.95
N VAL E 97 -12.75 -30.27 19.06
CA VAL E 97 -12.87 -31.72 19.14
C VAL E 97 -13.90 -32.09 20.16
N THR E 98 -14.24 -33.36 20.22
CA THR E 98 -15.19 -33.78 21.21
C THR E 98 -14.44 -33.83 22.53
N LEU E 99 -14.98 -33.19 23.57
CA LEU E 99 -14.34 -33.18 24.87
C LEU E 99 -15.03 -34.12 25.84
N GLN E 100 -14.27 -34.71 26.75
CA GLN E 100 -14.85 -35.53 27.83
C GLN E 100 -14.78 -34.68 29.10
N CYS E 101 -15.90 -34.27 29.66
CA CYS E 101 -15.75 -33.35 30.79
C CYS E 101 -16.46 -33.77 32.06
N THR E 102 -15.88 -33.37 33.18
CA THR E 102 -16.50 -33.53 34.48
C THR E 102 -16.46 -32.22 35.28
N ASN E 103 -17.09 -32.21 36.43
CA ASN E 103 -17.14 -31.01 37.27
C ASN E 103 -15.88 -30.81 38.09
N VAL E 104 -15.45 -29.56 38.26
CA VAL E 104 -14.34 -29.32 39.17
C VAL E 104 -14.87 -29.27 40.58
N THR E 105 -14.38 -30.16 41.44
CA THR E 105 -14.85 -30.25 42.80
C THR E 105 -13.80 -30.02 43.89
N ASN E 106 -12.52 -30.08 43.54
CA ASN E 106 -11.49 -30.03 44.55
C ASN E 106 -11.38 -28.63 45.14
N ASN E 107 -11.81 -28.52 46.38
CA ASN E 107 -11.86 -27.27 47.13
C ASN E 107 -12.63 -26.18 46.41
N ILE E 108 -13.76 -26.52 45.81
CA ILE E 108 -14.50 -25.45 45.17
C ILE E 108 -15.54 -24.91 46.12
N THR E 109 -15.66 -23.60 46.28
CA THR E 109 -16.65 -23.08 47.20
C THR E 109 -18.04 -23.36 46.66
N ASP E 110 -19.05 -23.38 47.53
CA ASP E 110 -20.41 -23.72 47.11
C ASP E 110 -20.96 -22.80 46.02
N ASP E 111 -20.62 -21.53 46.10
CA ASP E 111 -21.08 -20.52 45.17
C ASP E 111 -20.57 -20.72 43.74
N MET E 112 -19.50 -21.47 43.58
CA MET E 112 -18.87 -21.78 42.31
C MET E 112 -19.16 -23.15 41.82
N ARG E 113 -20.08 -23.87 42.44
CA ARG E 113 -20.25 -25.22 42.03
C ARG E 113 -20.80 -25.32 40.65
N GLY E 114 -20.16 -26.12 39.82
CA GLY E 114 -20.57 -26.36 38.46
C GLY E 114 -20.10 -25.30 37.48
N GLU E 115 -19.40 -24.28 37.99
CA GLU E 115 -18.94 -23.18 37.15
C GLU E 115 -17.77 -23.57 36.28
N LEU E 116 -16.90 -24.45 36.79
CA LEU E 116 -15.71 -24.86 36.06
C LEU E 116 -15.81 -26.30 35.66
N LYS E 117 -15.29 -26.61 34.48
CA LYS E 117 -15.27 -27.97 34.01
C LYS E 117 -13.90 -28.45 33.63
N ASN E 118 -13.63 -29.68 34.00
CA ASN E 118 -12.39 -30.35 33.74
C ASN E 118 -12.49 -31.22 32.51
N CYS E 119 -11.90 -30.78 31.41
CA CYS E 119 -12.08 -31.51 30.17
C CYS E 119 -10.84 -32.15 29.62
N SER E 120 -10.95 -33.41 29.22
CA SER E 120 -9.84 -34.10 28.62
C SER E 120 -10.16 -34.39 27.17
N PHE E 121 -9.14 -34.39 26.35
CA PHE E 121 -9.34 -34.61 24.93
C PHE E 121 -8.12 -35.10 24.16
N ASN E 122 -8.38 -35.62 22.98
CA ASN E 122 -7.35 -36.07 22.06
C ASN E 122 -6.93 -34.97 21.11
N MET E 123 -5.69 -34.52 21.24
CA MET E 123 -5.18 -33.46 20.39
C MET E 123 -3.87 -33.91 19.80
N THR E 124 -3.50 -33.40 18.63
CA THR E 124 -2.27 -33.85 17.99
C THR E 124 -1.05 -33.27 18.64
N THR E 125 0.09 -33.85 18.32
CA THR E 125 1.39 -33.40 18.79
C THR E 125 2.01 -32.67 17.63
N GLU E 126 3.29 -32.33 17.75
CA GLU E 126 3.97 -31.62 16.67
C GLU E 126 4.11 -32.49 15.44
N LEU E 127 3.96 -33.81 15.58
CA LEU E 127 4.09 -34.68 14.42
C LEU E 127 2.72 -34.96 13.89
N ARG E 128 2.61 -34.99 12.59
CA ARG E 128 1.32 -35.21 11.97
C ARG E 128 0.72 -36.56 12.35
N ASP E 129 1.55 -37.57 12.55
CA ASP E 129 1.08 -38.91 12.84
C ASP E 129 1.01 -39.31 14.32
N LYS E 130 1.13 -38.35 15.25
CA LYS E 130 1.03 -38.73 16.67
C LYS E 130 0.04 -37.87 17.45
N LYS E 131 -0.61 -38.50 18.43
CA LYS E 131 -1.57 -37.84 19.30
C LYS E 131 -1.17 -37.89 20.76
N GLN E 132 -1.71 -36.95 21.52
CA GLN E 132 -1.51 -36.87 22.96
C GLN E 132 -2.83 -36.64 23.69
N LYS E 133 -2.92 -37.15 24.90
CA LYS E 133 -4.08 -36.89 25.73
C LYS E 133 -3.76 -35.76 26.67
N VAL E 134 -4.54 -34.71 26.60
CA VAL E 134 -4.29 -33.55 27.42
C VAL E 134 -5.55 -33.15 28.11
N TYR E 135 -5.43 -32.30 29.12
CA TYR E 135 -6.63 -31.80 29.72
C TYR E 135 -6.44 -30.36 30.13
N SER E 136 -7.54 -29.66 30.25
CA SER E 136 -7.53 -28.27 30.67
C SER E 136 -8.82 -27.86 31.34
N LEU E 137 -8.80 -26.74 32.01
CA LEU E 137 -10.03 -26.27 32.61
C LEU E 137 -10.69 -25.21 31.77
N PHE E 138 -12.01 -25.25 31.74
CA PHE E 138 -12.82 -24.27 31.05
C PHE E 138 -13.92 -23.74 31.93
N TYR E 139 -14.34 -22.53 31.67
CA TYR E 139 -15.50 -22.02 32.38
C TYR E 139 -16.71 -22.56 31.66
N ARG E 140 -17.79 -22.84 32.37
CA ARG E 140 -18.95 -23.44 31.72
C ARG E 140 -19.56 -22.58 30.62
N LEU E 141 -19.33 -21.29 30.64
CA LEU E 141 -19.93 -20.45 29.61
C LEU E 141 -19.44 -20.80 28.22
N ASP E 142 -18.24 -21.36 28.10
CA ASP E 142 -17.66 -21.66 26.82
C ASP E 142 -17.79 -23.12 26.40
N VAL E 143 -18.49 -23.92 27.19
CA VAL E 143 -18.57 -25.34 26.87
C VAL E 143 -20.02 -25.80 26.73
N VAL E 144 -20.35 -26.35 25.57
CA VAL E 144 -21.71 -26.75 25.23
C VAL E 144 -21.94 -28.24 25.24
N GLN E 145 -22.95 -28.71 25.93
CA GLN E 145 -23.18 -30.15 25.96
C GLN E 145 -23.70 -30.67 24.65
N ILE E 146 -23.15 -31.79 24.21
CA ILE E 146 -23.58 -32.46 23.00
C ILE E 146 -24.72 -33.40 23.32
N ASN E 158 -22.69 -38.94 27.71
CA ASN E 158 -23.31 -38.27 28.84
C ASN E 158 -22.45 -37.12 29.28
N LYS E 159 -21.17 -37.25 28.95
CA LYS E 159 -20.13 -36.30 29.26
C LYS E 159 -19.52 -35.62 28.06
N GLU E 160 -20.12 -35.77 26.89
CA GLU E 160 -19.51 -35.16 25.72
C GLU E 160 -19.88 -33.70 25.54
N TYR E 161 -18.85 -32.88 25.35
CA TYR E 161 -19.00 -31.44 25.15
C TYR E 161 -18.24 -30.87 23.97
N ARG E 162 -18.72 -29.77 23.45
CA ARG E 162 -18.11 -29.04 22.36
C ARG E 162 -17.72 -27.63 22.78
N LEU E 163 -16.70 -27.05 22.17
CA LEU E 163 -16.45 -25.64 22.45
C LEU E 163 -17.57 -24.83 21.81
N ILE E 164 -17.97 -23.77 22.47
CA ILE E 164 -19.09 -22.97 22.00
C ILE E 164 -18.99 -22.35 20.60
N ASN E 165 -17.79 -22.06 20.13
CA ASN E 165 -17.65 -21.45 18.82
C ASN E 165 -17.65 -22.44 17.66
N CYS E 166 -17.64 -23.73 17.93
CA CYS E 166 -17.46 -24.67 16.83
C CYS E 166 -18.51 -24.69 15.74
N ASN E 167 -19.75 -24.34 16.03
CA ASN E 167 -20.73 -24.42 14.96
C ASN E 167 -20.88 -23.08 14.22
N THR E 168 -20.13 -22.07 14.64
CA THR E 168 -20.30 -20.75 14.05
C THR E 168 -19.04 -20.08 13.51
N SER E 169 -17.92 -20.21 14.20
CA SER E 169 -16.76 -19.39 13.86
C SER E 169 -15.40 -20.00 14.06
N ALA E 170 -14.42 -19.38 13.39
CA ALA E 170 -13.05 -19.79 13.56
C ALA E 170 -12.52 -19.19 14.83
N ILE E 171 -11.74 -19.96 15.56
CA ILE E 171 -11.20 -19.44 16.81
C ILE E 171 -9.71 -19.35 16.78
N THR E 172 -9.20 -18.19 17.20
CA THR E 172 -7.77 -17.99 17.24
C THR E 172 -7.34 -17.65 18.65
N GLN E 173 -6.07 -17.86 18.95
CA GLN E 173 -5.56 -17.53 20.27
C GLN E 173 -5.01 -16.15 20.30
N ALA E 174 -5.43 -15.36 21.27
CA ALA E 174 -4.87 -14.03 21.33
C ALA E 174 -3.41 -14.20 21.59
N CYS E 175 -2.62 -13.36 20.99
CA CYS E 175 -1.21 -13.45 21.15
C CYS E 175 -0.83 -13.18 22.60
N PRO E 176 -0.17 -14.09 23.32
CA PRO E 176 0.19 -13.97 24.72
C PRO E 176 1.45 -13.13 24.86
N LYS E 177 1.39 -11.93 24.32
CA LYS E 177 2.52 -11.05 24.28
C LYS E 177 2.03 -9.69 23.91
N VAL E 178 0.85 -9.68 23.31
CA VAL E 178 0.25 -8.43 22.86
C VAL E 178 -0.59 -7.86 23.94
N SER E 179 -0.35 -6.61 24.28
CA SER E 179 -1.13 -5.98 25.32
C SER E 179 -2.19 -5.04 24.79
N PHE E 180 -3.35 -5.16 25.40
CA PHE E 180 -4.47 -4.29 25.08
C PHE E 180 -4.82 -3.40 26.24
N GLU E 181 -3.88 -3.20 27.14
CA GLU E 181 -4.14 -2.29 28.23
C GLU E 181 -4.44 -0.94 27.58
N PRO E 182 -5.51 -0.24 27.93
CA PRO E 182 -5.81 1.05 27.35
C PRO E 182 -4.66 2.00 27.60
N ILE E 183 -4.31 2.74 26.57
CA ILE E 183 -3.27 3.76 26.57
C ILE E 183 -3.98 5.01 26.19
N PRO E 184 -3.80 6.15 26.83
CA PRO E 184 -4.45 7.34 26.39
C PRO E 184 -3.85 7.67 25.06
N ILE E 185 -4.65 7.99 24.07
CA ILE E 185 -4.10 8.35 22.78
C ILE E 185 -4.66 9.68 22.39
N HIS E 186 -4.00 10.37 21.48
CA HIS E 186 -4.46 11.67 21.06
C HIS E 186 -4.73 11.68 19.58
N TYR E 187 -5.74 12.42 19.14
CA TYR E 187 -5.90 12.57 17.69
C TYR E 187 -5.40 13.90 17.28
N CYS E 188 -4.68 13.93 16.18
CA CYS E 188 -4.10 15.18 15.69
C CYS E 188 -4.52 15.48 14.27
N ALA E 189 -4.72 16.76 13.99
CA ALA E 189 -5.12 17.19 12.65
C ALA E 189 -3.98 17.08 11.64
N PRO E 190 -4.25 16.70 10.38
CA PRO E 190 -3.36 16.72 9.25
C PRO E 190 -3.19 18.14 8.77
N ALA E 191 -2.18 18.41 7.96
CA ALA E 191 -2.00 19.76 7.43
C ALA E 191 -3.26 20.22 6.70
N GLY E 192 -3.63 21.48 6.91
CA GLY E 192 -4.78 22.09 6.27
C GLY E 192 -6.07 21.97 7.07
N PHE E 193 -5.99 21.24 8.17
CA PHE E 193 -7.11 21.00 9.07
C PHE E 193 -6.82 21.43 10.49
N ALA E 194 -7.88 21.61 11.25
CA ALA E 194 -7.74 21.98 12.65
C ALA E 194 -8.83 21.33 13.46
N ILE E 195 -8.58 21.11 14.75
CA ILE E 195 -9.63 20.55 15.59
C ILE E 195 -10.11 21.63 16.51
N LEU E 196 -11.40 21.88 16.50
CA LEU E 196 -11.92 22.90 17.37
C LEU E 196 -12.56 22.27 18.59
N LYS E 197 -12.28 22.86 19.73
CA LYS E 197 -12.78 22.38 20.99
C LYS E 197 -13.84 23.30 21.58
N CYS E 198 -14.92 22.71 22.06
CA CYS E 198 -15.96 23.45 22.74
C CYS E 198 -15.63 23.61 24.21
N LYS E 199 -15.46 24.84 24.65
CA LYS E 199 -15.07 25.12 26.02
C LYS E 199 -16.12 25.82 26.81
N ASP E 200 -17.37 25.66 26.45
CA ASP E 200 -18.38 26.32 27.22
C ASP E 200 -18.60 25.48 28.44
N LYS E 201 -19.48 25.93 29.30
CA LYS E 201 -19.79 25.16 30.48
C LYS E 201 -21.17 24.64 30.24
N LYS E 202 -21.43 23.46 30.76
CA LYS E 202 -22.75 22.87 30.65
C LYS E 202 -23.22 22.72 29.19
N PHE E 203 -22.31 22.37 28.28
CA PHE E 203 -22.71 22.11 26.90
C PHE E 203 -23.36 20.75 26.88
N ASN E 204 -24.53 20.62 26.25
CA ASN E 204 -25.21 19.33 26.29
C ASN E 204 -25.53 18.75 24.92
N GLY E 205 -24.54 18.16 24.28
CA GLY E 205 -24.72 17.45 23.02
C GLY E 205 -24.74 18.26 21.77
N THR E 206 -25.75 19.12 21.64
CA THR E 206 -25.89 19.88 20.42
C THR E 206 -26.14 21.36 20.59
N GLY E 207 -25.84 22.09 19.52
CA GLY E 207 -26.15 23.50 19.46
C GLY E 207 -24.91 24.36 19.55
N PRO E 208 -25.06 25.69 19.58
CA PRO E 208 -23.98 26.65 19.60
C PRO E 208 -23.20 26.57 20.88
N CYS E 209 -21.91 26.76 20.76
CA CYS E 209 -20.96 26.79 21.84
C CYS E 209 -20.14 28.07 21.75
N PRO E 210 -20.51 29.14 22.45
CA PRO E 210 -19.86 30.45 22.40
C PRO E 210 -18.60 30.50 23.24
N SER E 211 -17.68 29.63 22.89
CA SER E 211 -16.39 29.49 23.52
C SER E 211 -15.63 28.45 22.72
N VAL E 212 -14.89 28.87 21.72
CA VAL E 212 -14.21 27.89 20.91
C VAL E 212 -12.72 28.09 20.95
N SER E 213 -12.01 27.01 21.14
CA SER E 213 -10.56 27.04 21.17
C SER E 213 -9.99 26.11 20.12
N THR E 214 -8.88 26.50 19.50
CA THR E 214 -8.28 25.67 18.46
C THR E 214 -7.13 24.85 18.99
N VAL E 215 -7.13 23.56 18.68
CA VAL E 215 -6.04 22.72 19.14
C VAL E 215 -5.41 21.95 18.00
N GLN E 216 -4.19 21.50 18.27
CA GLN E 216 -3.46 20.66 17.34
C GLN E 216 -3.91 19.23 17.47
N CYS E 217 -4.17 18.85 18.71
CA CYS E 217 -4.55 17.51 19.06
C CYS E 217 -5.58 17.51 20.18
N THR E 218 -6.27 16.39 20.33
CA THR E 218 -7.24 16.17 21.39
C THR E 218 -6.52 15.82 22.66
N HIS E 219 -7.23 15.80 23.77
CA HIS E 219 -6.60 15.37 25.01
C HIS E 219 -6.45 13.87 24.89
N GLY E 220 -5.79 13.26 25.86
CA GLY E 220 -5.61 11.82 25.77
C GLY E 220 -6.90 11.12 26.13
N ILE E 221 -7.31 10.21 25.27
CA ILE E 221 -8.51 9.42 25.48
C ILE E 221 -8.17 7.95 25.54
N LYS E 222 -8.60 7.27 26.58
CA LYS E 222 -8.29 5.86 26.67
C LYS E 222 -9.36 5.05 25.94
N PRO E 223 -9.01 4.12 25.04
CA PRO E 223 -9.91 3.30 24.27
C PRO E 223 -10.45 2.15 25.11
N VAL E 224 -11.21 2.51 26.12
CA VAL E 224 -11.79 1.56 27.06
C VAL E 224 -13.09 1.02 26.50
N VAL E 225 -13.30 -0.29 26.62
CA VAL E 225 -14.52 -0.91 26.14
C VAL E 225 -15.34 -1.43 27.31
N SER E 226 -16.61 -1.02 27.37
CA SER E 226 -17.50 -1.47 28.43
C SER E 226 -18.98 -1.36 28.05
N THR E 227 -19.81 -1.98 28.88
CA THR E 227 -21.26 -1.81 28.77
C THR E 227 -21.81 -1.30 30.07
N GLN E 228 -22.98 -0.67 30.03
CA GLN E 228 -23.74 -0.18 31.19
C GLN E 228 -23.03 0.92 31.98
N LEU E 229 -21.84 0.65 32.50
CA LEU E 229 -21.09 1.66 33.21
C LEU E 229 -19.94 2.14 32.34
N LEU E 230 -19.75 3.43 32.35
CA LEU E 230 -18.67 4.07 31.62
C LEU E 230 -17.49 4.18 32.55
N LEU E 231 -16.34 3.65 32.12
CA LEU E 231 -15.18 3.66 32.98
C LEU E 231 -14.04 4.52 32.50
N ASN E 232 -13.32 5.08 33.46
CA ASN E 232 -12.08 5.81 33.31
C ASN E 232 -12.12 6.99 32.35
N GLY E 233 -13.21 7.76 32.31
CA GLY E 233 -13.27 8.94 31.45
C GLY E 233 -13.05 10.22 32.23
N SER E 234 -13.45 11.35 31.66
CA SER E 234 -13.32 12.67 32.27
C SER E 234 -14.49 12.90 33.21
N LEU E 235 -14.26 13.47 34.38
CA LEU E 235 -15.36 13.66 35.32
C LEU E 235 -16.12 14.96 35.19
N ALA E 236 -16.84 15.07 34.09
CA ALA E 236 -17.63 16.25 33.79
C ALA E 236 -16.81 17.47 34.13
N GLU E 237 -17.39 18.39 34.90
CA GLU E 237 -16.66 19.53 35.39
C GLU E 237 -17.32 20.12 36.63
N GLU E 238 -18.57 20.57 36.49
CA GLU E 238 -19.23 21.20 37.63
C GLU E 238 -20.33 20.35 38.26
N GLU E 239 -21.13 19.73 37.42
CA GLU E 239 -22.30 18.99 37.89
C GLU E 239 -22.54 17.78 37.03
N VAL E 240 -23.28 16.83 37.56
CA VAL E 240 -23.60 15.67 36.77
C VAL E 240 -24.42 16.09 35.59
N MET E 241 -24.06 15.65 34.41
CA MET E 241 -24.81 16.03 33.24
C MET E 241 -25.46 14.91 32.50
N ILE E 242 -26.66 15.18 32.04
CA ILE E 242 -27.41 14.21 31.28
C ILE E 242 -27.55 14.65 29.84
N ARG E 243 -27.13 13.79 28.93
CA ARG E 243 -27.19 14.14 27.52
C ARG E 243 -27.88 13.05 26.70
N SER E 244 -28.63 13.47 25.69
CA SER E 244 -29.26 12.50 24.81
C SER E 244 -29.50 13.09 23.47
N GLU E 245 -29.59 12.22 22.48
CA GLU E 245 -29.94 12.64 21.14
C GLU E 245 -31.33 13.23 21.12
N ASN E 246 -32.23 12.69 21.94
CA ASN E 246 -33.62 13.14 21.88
C ASN E 246 -34.28 13.41 23.25
N ILE E 247 -33.97 12.61 24.30
CA ILE E 247 -34.67 12.64 25.62
C ILE E 247 -36.13 12.18 25.56
N THR E 248 -36.94 12.88 24.76
CA THR E 248 -38.38 12.60 24.61
C THR E 248 -38.64 11.22 24.03
N ASN E 249 -37.87 10.84 23.04
CA ASN E 249 -38.01 9.55 22.41
C ASN E 249 -37.28 8.52 23.23
N ASN E 250 -38.03 7.63 23.86
CA ASN E 250 -37.47 6.63 24.77
C ASN E 250 -36.66 5.56 24.05
N ALA E 251 -36.72 5.57 22.74
CA ALA E 251 -35.94 4.63 21.95
C ALA E 251 -34.47 5.00 21.97
N LYS E 252 -34.17 6.23 22.37
CA LYS E 252 -32.81 6.71 22.41
C LYS E 252 -32.19 6.52 23.77
N ASN E 253 -30.86 6.46 23.79
CA ASN E 253 -30.14 6.30 25.04
C ASN E 253 -29.89 7.63 25.70
N ILE E 254 -29.69 7.57 27.00
CA ILE E 254 -29.30 8.70 27.81
C ILE E 254 -27.90 8.46 28.38
N LEU E 255 -27.00 9.38 28.14
CA LEU E 255 -25.67 9.22 28.69
C LEU E 255 -25.52 10.12 29.89
N VAL E 256 -24.98 9.59 30.96
CA VAL E 256 -24.83 10.39 32.15
C VAL E 256 -23.38 10.50 32.52
N GLN E 257 -22.89 11.73 32.65
CA GLN E 257 -21.50 11.96 33.01
C GLN E 257 -21.36 12.51 34.43
N PHE E 258 -20.63 11.80 35.27
CA PHE E 258 -20.49 12.16 36.67
C PHE E 258 -19.47 13.25 36.91
N ASN E 259 -19.67 14.05 37.97
CA ASN E 259 -18.69 15.08 38.34
C ASN E 259 -17.82 14.64 39.51
N THR E 260 -17.84 13.36 39.80
CA THR E 260 -17.05 12.75 40.84
C THR E 260 -16.98 11.27 40.46
N PRO E 261 -15.86 10.59 40.62
CA PRO E 261 -15.75 9.18 40.31
C PRO E 261 -16.37 8.34 41.39
N VAL E 262 -16.80 7.15 41.02
CA VAL E 262 -17.17 6.18 42.03
C VAL E 262 -16.12 5.10 41.93
N GLN E 263 -15.41 4.83 42.98
CA GLN E 263 -14.36 3.86 42.82
C GLN E 263 -14.88 2.44 42.91
N ILE E 264 -14.48 1.62 41.95
CA ILE E 264 -14.86 0.22 41.90
C ILE E 264 -13.62 -0.68 41.91
N ASN E 265 -13.63 -1.68 42.79
CA ASN E 265 -12.53 -2.64 42.93
C ASN E 265 -12.93 -4.04 42.49
N CYS E 266 -12.35 -4.53 41.40
CA CYS E 266 -12.75 -5.85 40.88
C CYS E 266 -11.66 -6.89 40.99
N THR E 267 -12.04 -8.13 41.25
CA THR E 267 -11.05 -9.20 41.31
C THR E 267 -11.47 -10.56 40.80
N ARG E 268 -10.45 -11.33 40.49
CA ARG E 268 -10.57 -12.71 40.09
C ARG E 268 -9.59 -13.45 41.01
N PRO E 269 -10.05 -13.92 42.18
CA PRO E 269 -9.27 -14.44 43.29
C PRO E 269 -8.57 -15.79 43.12
N ASN E 270 -8.94 -16.56 42.11
CA ASN E 270 -8.37 -17.88 41.96
C ASN E 270 -6.94 -17.80 41.50
N ASN E 271 -6.05 -18.53 42.15
CA ASN E 271 -4.65 -18.51 41.78
C ASN E 271 -4.39 -19.49 40.64
N ASN E 272 -4.27 -18.95 39.44
CA ASN E 272 -4.14 -19.79 38.24
C ASN E 272 -2.74 -20.13 37.82
N THR E 273 -2.65 -21.21 37.08
CA THR E 273 -1.39 -21.58 36.47
C THR E 273 -1.60 -21.84 35.00
N ARG E 274 -0.51 -22.05 34.29
CA ARG E 274 -0.60 -22.33 32.87
C ARG E 274 0.24 -23.48 32.42
N LYS E 275 -0.18 -24.09 31.34
CA LYS E 275 0.65 -25.08 30.70
C LYS E 275 0.67 -24.82 29.21
N SER E 276 1.81 -25.06 28.61
CA SER E 276 1.93 -24.86 27.18
C SER E 276 1.87 -26.21 26.48
N ILE E 277 0.93 -26.34 25.56
CA ILE E 277 0.76 -27.59 24.84
C ILE E 277 1.13 -27.43 23.38
N ARG E 278 2.00 -28.29 22.88
CA ARG E 278 2.35 -28.19 21.48
C ARG E 278 1.17 -28.68 20.68
N ILE E 279 0.76 -27.93 19.66
CA ILE E 279 -0.34 -28.39 18.83
C ILE E 279 0.10 -28.46 17.39
N GLY E 280 1.38 -28.26 17.17
CA GLY E 280 1.96 -28.26 15.85
C GLY E 280 3.39 -27.77 15.97
N PRO E 281 4.15 -27.79 14.88
CA PRO E 281 5.52 -27.38 14.84
C PRO E 281 5.65 -25.87 15.02
N GLY E 282 6.04 -25.48 16.23
CA GLY E 282 6.19 -24.07 16.59
C GLY E 282 4.87 -23.42 17.00
N GLN E 283 3.83 -24.23 17.14
CA GLN E 283 2.51 -23.74 17.47
C GLN E 283 2.08 -24.11 18.88
N TRP E 284 1.99 -23.12 19.75
CA TRP E 284 1.64 -23.44 21.13
C TRP E 284 0.28 -22.95 21.57
N PHE E 285 -0.41 -23.80 22.29
CA PHE E 285 -1.69 -23.52 22.90
C PHE E 285 -1.54 -23.31 24.38
N TYR E 286 -2.17 -22.27 24.90
CA TYR E 286 -2.09 -22.01 26.32
C TYR E 286 -3.34 -22.44 27.04
N ALA E 287 -3.17 -23.41 27.90
CA ALA E 287 -4.27 -23.99 28.63
C ALA E 287 -4.28 -23.57 30.06
N THR E 288 -5.47 -23.53 30.64
CA THR E 288 -5.63 -23.23 32.05
C THR E 288 -5.40 -24.50 32.84
N GLY E 289 -4.47 -24.45 33.80
CA GLY E 289 -4.15 -25.64 34.58
C GLY E 289 -4.93 -25.66 35.86
N ASP E 290 -4.52 -26.51 36.79
CA ASP E 290 -5.24 -26.62 38.05
C ASP E 290 -5.16 -25.34 38.86
N ILE E 291 -6.21 -25.04 39.58
CA ILE E 291 -6.24 -23.88 40.44
C ILE E 291 -5.52 -24.22 41.72
N ILE E 292 -4.66 -23.32 42.15
CA ILE E 292 -3.91 -23.51 43.35
C ILE E 292 -4.69 -22.96 44.51
N GLY E 293 -4.97 -23.80 45.47
CA GLY E 293 -5.74 -23.39 46.63
C GLY E 293 -7.23 -23.37 46.32
N ASP E 294 -7.97 -22.69 47.19
CA ASP E 294 -9.42 -22.58 47.20
C ASP E 294 -9.96 -21.87 45.96
N ILE E 295 -11.07 -22.37 45.40
CA ILE E 295 -11.68 -21.76 44.22
C ILE E 295 -12.87 -20.87 44.60
N ARG E 296 -12.79 -19.60 44.24
CA ARG E 296 -13.78 -18.59 44.59
C ARG E 296 -14.38 -17.85 43.41
N GLN E 297 -15.50 -17.17 43.67
CA GLN E 297 -16.20 -16.39 42.66
C GLN E 297 -15.62 -15.00 42.42
N ALA E 298 -15.51 -14.62 41.15
CA ALA E 298 -15.05 -13.28 40.76
C ALA E 298 -16.09 -12.26 41.17
N HIS E 299 -15.64 -11.07 41.56
CA HIS E 299 -16.59 -10.04 41.97
C HIS E 299 -16.06 -8.62 41.97
N CYS E 300 -16.98 -7.66 42.02
CA CYS E 300 -16.63 -6.24 42.15
C CYS E 300 -17.26 -5.54 43.35
N ASN E 301 -16.48 -4.67 43.98
CA ASN E 301 -16.91 -3.86 45.11
C ASN E 301 -17.17 -2.41 44.75
N VAL E 302 -18.36 -1.93 45.06
CA VAL E 302 -18.74 -0.53 44.88
C VAL E 302 -19.09 0.02 46.25
N SER E 303 -18.58 1.18 46.62
CA SER E 303 -18.89 1.66 47.96
C SER E 303 -20.35 2.10 48.05
N LYS E 304 -21.09 1.54 49.00
CA LYS E 304 -22.51 1.84 49.10
C LYS E 304 -22.79 3.29 49.36
N ALA E 305 -21.94 3.91 50.16
CA ALA E 305 -22.11 5.29 50.57
C ALA E 305 -21.65 6.29 49.53
N THR E 306 -21.15 5.80 48.40
CA THR E 306 -20.74 6.69 47.34
C THR E 306 -21.78 6.54 46.25
N TRP E 307 -22.17 5.31 45.98
CA TRP E 307 -23.15 5.06 44.95
C TRP E 307 -24.48 5.67 45.35
N ASN E 308 -24.92 5.41 46.58
CA ASN E 308 -26.19 5.95 47.04
C ASN E 308 -26.00 7.36 47.59
N GLU E 309 -25.68 8.21 46.64
CA GLU E 309 -25.38 9.61 46.79
C GLU E 309 -25.11 10.09 45.37
N THR E 310 -24.24 9.37 44.65
CA THR E 310 -23.98 9.72 43.26
C THR E 310 -25.27 9.62 42.49
N LEU E 311 -26.06 8.57 42.72
CA LEU E 311 -27.32 8.51 42.02
C LEU E 311 -28.22 9.63 42.44
N GLY E 312 -28.12 10.13 43.67
CA GLY E 312 -29.01 11.22 44.06
C GLY E 312 -28.78 12.43 43.14
N LYS E 313 -27.53 12.63 42.73
CA LYS E 313 -27.22 13.73 41.82
C LYS E 313 -27.82 13.46 40.45
N VAL E 314 -27.78 12.21 40.03
CA VAL E 314 -28.33 11.83 38.74
C VAL E 314 -29.83 12.07 38.75
N VAL E 315 -30.48 11.69 39.86
CA VAL E 315 -31.89 11.86 40.00
C VAL E 315 -32.29 13.32 39.97
N LYS E 316 -31.57 14.18 40.67
CA LYS E 316 -31.92 15.59 40.64
C LYS E 316 -31.87 16.11 39.21
N GLN E 317 -30.84 15.71 38.47
CA GLN E 317 -30.74 16.16 37.10
C GLN E 317 -31.84 15.54 36.23
N LEU E 318 -32.25 14.32 36.49
CA LEU E 318 -33.34 13.78 35.71
C LEU E 318 -34.62 14.55 35.96
N ARG E 319 -34.88 14.97 37.21
CA ARG E 319 -36.12 15.69 37.50
C ARG E 319 -36.20 16.97 36.66
N LYS E 320 -35.05 17.55 36.36
CA LYS E 320 -35.00 18.73 35.52
C LYS E 320 -35.79 18.51 34.22
N HIS E 321 -35.77 17.29 33.66
CA HIS E 321 -36.46 17.00 32.42
C HIS E 321 -37.74 16.18 32.64
N PHE E 322 -37.82 15.43 33.75
CA PHE E 322 -38.96 14.55 33.97
C PHE E 322 -40.00 15.00 35.01
N GLY E 323 -39.76 16.09 35.73
CA GLY E 323 -40.72 16.63 36.68
C GLY E 323 -40.33 16.64 38.16
N ASN E 324 -40.57 17.77 38.81
CA ASN E 324 -40.23 17.93 40.22
C ASN E 324 -41.05 16.99 41.09
N ASN E 325 -42.26 16.66 40.66
CA ASN E 325 -43.13 15.81 41.43
C ASN E 325 -43.33 14.44 40.83
N THR E 326 -42.40 13.99 40.00
CA THR E 326 -42.56 12.67 39.42
C THR E 326 -41.86 11.66 40.29
N ILE E 327 -41.89 10.43 39.85
CA ILE E 327 -41.25 9.35 40.58
C ILE E 327 -40.19 8.76 39.69
N ILE E 328 -38.99 8.62 40.22
CA ILE E 328 -37.90 8.06 39.44
C ILE E 328 -37.49 6.72 39.96
N ARG E 329 -37.53 5.72 39.11
CA ARG E 329 -37.16 4.39 39.53
C ARG E 329 -36.04 3.78 38.74
N PHE E 330 -35.07 3.26 39.46
CA PHE E 330 -33.97 2.55 38.85
C PHE E 330 -34.21 1.07 39.02
N ALA E 331 -34.32 0.40 37.89
CA ALA E 331 -34.61 -1.01 37.84
C ALA E 331 -33.44 -1.77 37.27
N ASN E 332 -33.55 -3.09 37.27
CA ASN E 332 -32.51 -3.95 36.77
C ASN E 332 -32.47 -3.91 35.26
N SER E 333 -31.52 -4.65 34.69
CA SER E 333 -31.40 -4.72 33.25
C SER E 333 -32.48 -5.62 32.70
N SER E 334 -32.66 -5.62 31.40
CA SER E 334 -33.68 -6.43 30.75
C SER E 334 -33.11 -7.75 30.28
N GLY E 335 -33.80 -8.41 29.38
CA GLY E 335 -33.36 -9.71 28.91
C GLY E 335 -32.31 -9.56 27.81
N GLY E 336 -31.84 -10.67 27.27
CA GLY E 336 -30.81 -10.64 26.24
C GLY E 336 -29.57 -11.39 26.71
N ASP E 337 -28.51 -11.36 25.91
CA ASP E 337 -27.30 -12.10 26.22
C ASP E 337 -26.39 -11.34 27.18
N LEU E 338 -25.25 -11.92 27.55
CA LEU E 338 -24.41 -11.28 28.56
C LEU E 338 -23.89 -9.93 28.12
N GLU E 339 -23.60 -9.80 26.84
CA GLU E 339 -23.07 -8.57 26.29
C GLU E 339 -24.04 -7.38 26.40
N VAL E 340 -25.30 -7.67 26.69
CA VAL E 340 -26.33 -6.69 26.83
C VAL E 340 -26.78 -6.52 28.28
N THR E 341 -27.00 -7.63 28.97
CA THR E 341 -27.60 -7.60 30.29
C THR E 341 -26.63 -7.40 31.43
N THR E 342 -25.33 -7.65 31.19
CA THR E 342 -24.32 -7.48 32.21
C THR E 342 -23.36 -6.37 31.86
N HIS E 343 -22.51 -6.06 32.82
CA HIS E 343 -21.45 -5.10 32.67
C HIS E 343 -20.24 -5.78 32.13
N SER E 344 -19.93 -5.49 30.89
CA SER E 344 -18.80 -6.10 30.23
C SER E 344 -17.60 -5.30 30.67
N PHE E 345 -16.69 -5.99 31.31
CA PHE E 345 -15.52 -5.38 31.89
C PHE E 345 -14.26 -6.12 31.48
N ASN E 346 -13.34 -5.41 30.86
CA ASN E 346 -12.10 -5.99 30.36
C ASN E 346 -10.96 -5.53 31.22
N CYS E 347 -10.39 -6.41 32.02
CA CYS E 347 -9.34 -5.92 32.90
C CYS E 347 -8.28 -6.96 33.20
N GLY E 348 -7.03 -6.55 33.00
CA GLY E 348 -5.86 -7.36 33.28
C GLY E 348 -5.56 -8.28 32.12
N GLY E 349 -6.48 -8.31 31.16
CA GLY E 349 -6.44 -9.19 30.02
C GLY E 349 -7.58 -10.22 30.07
N GLU E 350 -8.36 -10.26 31.15
CA GLU E 350 -9.49 -11.19 31.23
C GLU E 350 -10.83 -10.50 31.10
N PHE E 351 -11.81 -11.27 30.66
CA PHE E 351 -13.13 -10.75 30.41
C PHE E 351 -14.15 -11.15 31.44
N PHE E 352 -14.69 -10.14 32.11
CA PHE E 352 -15.66 -10.28 33.16
C PHE E 352 -17.04 -9.87 32.68
N TYR E 353 -18.04 -10.56 33.17
CA TYR E 353 -19.43 -10.23 32.95
C TYR E 353 -20.11 -10.05 34.29
N CYS E 354 -20.24 -8.81 34.75
CA CYS E 354 -20.72 -8.58 36.11
C CYS E 354 -22.19 -8.22 36.18
N ASN E 355 -22.83 -8.72 37.22
CA ASN E 355 -24.23 -8.51 37.51
C ASN E 355 -24.45 -7.21 38.29
N THR E 356 -25.08 -6.25 37.63
CA THR E 356 -25.27 -4.90 38.13
C THR E 356 -26.61 -4.66 38.77
N SER E 357 -27.37 -5.71 39.02
CA SER E 357 -28.67 -5.50 39.61
C SER E 357 -28.60 -4.86 40.99
N GLY E 358 -27.50 -5.06 41.71
CA GLY E 358 -27.35 -4.49 43.03
C GLY E 358 -27.11 -2.97 43.00
N LEU E 359 -26.86 -2.42 41.82
CA LEU E 359 -26.62 -1.00 41.68
C LEU E 359 -27.87 -0.23 41.28
N PHE E 360 -28.90 -0.91 40.77
CA PHE E 360 -30.06 -0.22 40.25
C PHE E 360 -31.31 -0.81 40.83
N ASN E 361 -31.54 -0.51 42.08
CA ASN E 361 -32.65 -1.08 42.80
C ASN E 361 -33.22 -0.06 43.78
N SER E 362 -33.79 1.01 43.26
CA SER E 362 -34.29 2.03 44.17
C SER E 362 -35.38 2.89 43.59
N THR E 363 -36.21 3.46 44.47
CA THR E 363 -37.23 4.39 44.03
C THR E 363 -36.98 5.72 44.72
N TRP E 364 -36.91 6.77 43.93
CA TRP E 364 -36.63 8.08 44.44
C TRP E 364 -37.83 8.99 44.33
N ILE E 365 -38.11 9.70 45.40
CA ILE E 365 -39.23 10.63 45.41
C ILE E 365 -38.78 11.98 45.90
N SER E 366 -39.57 13.01 45.63
CA SER E 366 -39.29 14.32 46.15
C SER E 366 -39.61 14.34 47.64
N ASN E 367 -38.78 15.03 48.41
CA ASN E 367 -39.01 15.17 49.84
C ASN E 367 -38.88 16.62 50.27
N SER E 381 -20.70 -1.28 51.40
CA SER E 381 -20.15 -2.08 50.32
C SER E 381 -21.21 -2.90 49.59
N ILE E 382 -21.26 -2.72 48.29
CA ILE E 382 -22.15 -3.43 47.40
C ILE E 382 -21.33 -4.46 46.66
N THR E 383 -21.72 -5.73 46.72
CA THR E 383 -20.94 -6.73 46.01
C THR E 383 -21.66 -7.18 44.76
N LEU E 384 -20.97 -7.10 43.64
CA LEU E 384 -21.50 -7.53 42.37
C LEU E 384 -20.79 -8.82 41.97
N PRO E 385 -21.46 -9.97 41.85
CA PRO E 385 -20.83 -11.21 41.45
C PRO E 385 -20.53 -11.09 39.97
N CYS E 386 -19.49 -11.76 39.50
CA CYS E 386 -19.16 -11.76 38.09
C CYS E 386 -18.84 -13.14 37.52
N ARG E 387 -19.06 -13.30 36.23
CA ARG E 387 -18.63 -14.51 35.55
C ARG E 387 -17.41 -14.22 34.71
N ILE E 388 -16.61 -15.23 34.46
CA ILE E 388 -15.42 -15.11 33.62
C ILE E 388 -15.59 -15.95 32.37
N LYS E 389 -15.27 -15.39 31.22
CA LYS E 389 -15.43 -16.14 29.97
C LYS E 389 -14.09 -16.13 29.23
N GLN E 390 -13.72 -17.19 28.48
CA GLN E 390 -12.46 -17.19 27.73
C GLN E 390 -12.65 -17.08 26.23
N ILE E 391 -13.77 -17.57 25.70
CA ILE E 391 -13.98 -17.45 24.26
C ILE E 391 -14.86 -16.24 24.01
N ILE E 392 -14.25 -15.22 23.47
CA ILE E 392 -14.86 -13.92 23.36
C ILE E 392 -15.16 -13.48 21.95
N ASN E 393 -16.39 -13.07 21.70
CA ASN E 393 -16.67 -12.51 20.41
C ASN E 393 -16.48 -11.03 20.66
N MET E 394 -15.30 -10.51 20.31
CA MET E 394 -14.94 -9.16 20.71
C MET E 394 -15.80 -8.06 20.11
N TRP E 395 -16.26 -8.26 18.90
CA TRP E 395 -17.06 -7.24 18.24
C TRP E 395 -18.26 -7.99 17.73
N GLN E 396 -19.39 -7.33 17.57
CA GLN E 396 -20.57 -8.10 17.17
C GLN E 396 -20.60 -8.44 15.71
N ARG E 397 -19.82 -9.46 15.39
CA ARG E 397 -19.60 -9.99 14.06
C ARG E 397 -19.75 -11.50 14.04
N ILE E 398 -19.96 -12.06 12.86
CA ILE E 398 -20.07 -13.51 12.74
C ILE E 398 -18.93 -14.11 11.94
N GLY E 399 -18.32 -15.16 12.52
CA GLY E 399 -17.24 -15.90 11.87
C GLY E 399 -15.87 -15.84 12.53
N GLN E 400 -15.73 -15.07 13.62
CA GLN E 400 -14.47 -15.00 14.34
C GLN E 400 -14.69 -15.20 15.82
N ALA E 401 -13.71 -15.76 16.50
CA ALA E 401 -13.74 -15.84 17.95
C ALA E 401 -12.35 -15.73 18.50
N MET E 402 -12.21 -15.04 19.62
CA MET E 402 -10.92 -14.90 20.25
C MET E 402 -10.81 -15.71 21.51
N TYR E 403 -9.72 -16.44 21.66
CA TYR E 403 -9.49 -17.15 22.89
C TYR E 403 -8.56 -16.33 23.74
N ALA E 404 -8.99 -16.01 24.94
CA ALA E 404 -8.15 -15.24 25.85
C ALA E 404 -7.35 -16.20 26.72
N PRO E 405 -6.01 -16.25 26.62
CA PRO E 405 -5.19 -17.12 27.42
C PRO E 405 -5.43 -16.67 28.83
N PRO E 406 -5.34 -17.54 29.82
CA PRO E 406 -5.50 -17.25 31.23
C PRO E 406 -4.33 -16.46 31.77
N ILE E 407 -4.56 -15.71 32.84
CA ILE E 407 -3.48 -14.99 33.50
C ILE E 407 -3.01 -15.73 34.76
N GLN E 408 -1.71 -15.93 34.89
CA GLN E 408 -1.16 -16.63 36.05
C GLN E 408 -1.31 -15.81 37.31
N GLY E 409 -1.49 -16.48 38.45
CA GLY E 409 -1.65 -15.75 39.68
C GLY E 409 -3.08 -15.24 39.77
N VAL E 410 -3.25 -14.08 40.39
CA VAL E 410 -4.59 -13.53 40.59
C VAL E 410 -4.58 -12.14 40.04
N ILE E 411 -5.75 -11.58 39.78
CA ILE E 411 -5.76 -10.20 39.33
C ILE E 411 -6.69 -9.33 40.16
N ARG E 412 -6.32 -8.06 40.28
CA ARG E 412 -7.14 -7.09 40.97
C ARG E 412 -7.08 -5.80 40.17
N CYS E 413 -8.24 -5.20 39.96
CA CYS E 413 -8.39 -4.00 39.19
C CYS E 413 -9.02 -2.87 39.96
N VAL E 414 -8.48 -1.68 39.79
CA VAL E 414 -9.10 -0.51 40.40
C VAL E 414 -9.46 0.49 39.33
N SER E 415 -10.70 0.88 39.27
CA SER E 415 -11.12 1.80 38.23
C SER E 415 -12.14 2.83 38.68
N ASN E 416 -12.28 3.88 37.88
CA ASN E 416 -13.20 4.96 38.16
C ASN E 416 -14.49 4.86 37.36
N ILE E 417 -15.63 4.72 38.01
CA ILE E 417 -16.84 4.72 37.22
C ILE E 417 -17.02 6.20 36.99
N THR E 418 -17.14 6.60 35.73
CA THR E 418 -17.30 8.00 35.42
C THR E 418 -18.66 8.32 34.82
N GLY E 419 -19.44 7.28 34.55
CA GLY E 419 -20.77 7.55 33.99
C GLY E 419 -21.64 6.32 33.76
N LEU E 420 -22.83 6.59 33.25
CA LEU E 420 -23.83 5.56 33.01
C LEU E 420 -24.40 5.57 31.61
N ILE E 421 -24.82 4.41 31.12
CA ILE E 421 -25.61 4.38 29.91
C ILE E 421 -27.00 3.92 30.31
N LEU E 422 -27.98 4.81 30.24
CA LEU E 422 -29.33 4.47 30.69
C LEU E 422 -30.36 4.49 29.58
N THR E 423 -31.40 3.68 29.75
CA THR E 423 -32.54 3.75 28.83
C THR E 423 -33.75 4.05 29.67
N ARG E 424 -34.83 4.50 29.04
CA ARG E 424 -36.05 4.85 29.74
C ARG E 424 -37.25 4.09 29.21
N ASP E 425 -38.17 3.79 30.11
CA ASP E 425 -39.41 3.14 29.76
C ASP E 425 -40.62 3.69 30.51
N GLY E 426 -41.52 4.33 29.77
CA GLY E 426 -42.76 4.88 30.30
C GLY E 426 -42.67 6.13 31.16
N GLY E 427 -43.67 6.20 32.06
CA GLY E 427 -43.95 7.31 32.98
C GLY E 427 -44.23 8.54 32.15
N SER E 428 -43.71 9.69 32.56
CA SER E 428 -43.92 10.90 31.79
C SER E 428 -45.38 11.22 31.53
N THR E 429 -45.89 10.76 30.40
CA THR E 429 -47.23 11.07 29.93
C THR E 429 -48.31 10.11 30.39
N ASN E 430 -47.95 9.00 31.01
CA ASN E 430 -48.99 8.07 31.44
C ASN E 430 -49.34 8.22 32.91
N SER E 431 -48.60 7.59 33.81
CA SER E 431 -48.97 7.71 35.21
C SER E 431 -47.82 7.62 36.19
N THR E 432 -46.94 8.62 36.17
CA THR E 432 -45.79 8.63 37.06
C THR E 432 -44.89 7.42 36.92
N THR E 433 -43.79 7.45 37.66
CA THR E 433 -42.78 6.42 37.73
C THR E 433 -42.08 6.11 36.41
N GLU E 434 -41.16 6.97 36.02
CA GLU E 434 -40.40 6.66 34.83
C GLU E 434 -39.43 5.60 35.26
N THR E 435 -39.25 4.56 34.46
CA THR E 435 -38.29 3.56 34.86
C THR E 435 -37.04 3.70 34.03
N PHE E 436 -35.93 3.73 34.71
CA PHE E 436 -34.64 3.82 34.06
C PHE E 436 -33.92 2.52 34.29
N ARG E 437 -33.23 2.07 33.28
CA ARG E 437 -32.49 0.82 33.39
C ARG E 437 -31.12 1.01 32.80
N PRO E 438 -30.10 0.29 33.27
CA PRO E 438 -28.81 0.31 32.66
C PRO E 438 -29.01 -0.37 31.34
N GLY E 439 -28.37 0.12 30.31
CA GLY E 439 -28.53 -0.51 29.02
C GLY E 439 -27.22 -0.93 28.40
N GLY E 440 -27.30 -1.40 27.18
CA GLY E 440 -26.12 -1.83 26.45
C GLY E 440 -25.72 -0.63 25.64
N GLY E 441 -25.00 -0.84 24.56
CA GLY E 441 -24.57 0.31 23.79
C GLY E 441 -23.91 -0.13 22.52
N ASP E 442 -23.45 0.83 21.73
CA ASP E 442 -22.85 0.54 20.44
C ASP E 442 -21.33 0.61 20.37
N MET E 443 -20.64 0.51 21.51
CA MET E 443 -19.16 0.61 21.60
C MET E 443 -18.73 2.07 21.50
N ARG E 444 -19.16 2.71 20.43
CA ARG E 444 -18.90 4.10 20.09
C ARG E 444 -19.23 5.04 21.23
N ASP E 445 -20.30 4.71 21.94
CA ASP E 445 -20.84 5.48 23.03
C ASP E 445 -19.86 5.65 24.17
N ASN E 446 -18.86 4.79 24.26
CA ASN E 446 -17.89 4.87 25.32
C ASN E 446 -16.77 5.84 24.99
N TRP E 447 -16.77 6.33 23.75
CA TRP E 447 -15.74 7.23 23.28
C TRP E 447 -16.43 8.51 22.94
N ARG E 448 -17.70 8.38 22.66
CA ARG E 448 -18.53 9.51 22.27
C ARG E 448 -18.48 10.58 23.33
N SER E 449 -18.43 10.20 24.59
CA SER E 449 -18.41 11.16 25.68
C SER E 449 -17.06 11.89 25.85
N GLU E 450 -15.98 11.40 25.25
CA GLU E 450 -14.66 12.04 25.36
C GLU E 450 -14.37 12.86 24.11
N LEU E 451 -14.88 12.39 22.98
CA LEU E 451 -14.70 13.05 21.68
C LEU E 451 -15.76 14.12 21.52
N TYR E 452 -16.57 14.20 22.54
CA TYR E 452 -17.70 15.07 22.73
C TYR E 452 -17.47 16.52 22.44
N LYS E 453 -16.36 17.05 22.88
CA LYS E 453 -16.08 18.45 22.74
C LYS E 453 -15.36 18.80 21.46
N TYR E 454 -15.05 17.82 20.61
CA TYR E 454 -14.26 18.17 19.44
C TYR E 454 -14.96 18.12 18.09
N LYS E 455 -14.57 19.04 17.21
CA LYS E 455 -15.06 19.09 15.85
C LYS E 455 -13.92 19.28 14.85
N VAL E 456 -14.01 18.66 13.67
CA VAL E 456 -12.96 18.83 12.68
C VAL E 456 -13.36 19.75 11.55
N VAL E 457 -12.50 20.73 11.26
CA VAL E 457 -12.78 21.67 10.18
C VAL E 457 -11.61 21.78 9.23
N LYS E 458 -11.87 22.27 8.02
CA LYS E 458 -10.80 22.50 7.05
C LYS E 458 -10.68 23.98 6.80
N ILE E 459 -9.47 24.41 6.52
CA ILE E 459 -9.22 25.80 6.26
C ILE E 459 -9.27 26.10 4.78
N GLU E 460 -9.94 27.19 4.44
CA GLU E 460 -10.12 27.66 3.08
C GLU E 460 -9.53 29.06 2.95
N PRO E 461 -8.23 29.20 2.75
CA PRO E 461 -7.47 30.42 2.84
C PRO E 461 -7.74 31.47 1.77
N LEU E 462 -8.43 31.14 0.67
CA LEU E 462 -8.71 32.16 -0.33
C LEU E 462 -10.03 32.84 -0.14
N GLY E 463 -10.04 34.12 -0.46
CA GLY E 463 -11.27 34.86 -0.45
C GLY E 463 -11.07 36.21 -1.10
N VAL E 464 -12.18 36.89 -1.36
CA VAL E 464 -12.11 38.18 -2.01
C VAL E 464 -12.94 39.19 -1.27
N ALA E 465 -12.64 40.46 -1.45
CA ALA E 465 -13.43 41.54 -0.87
C ALA E 465 -13.20 42.83 -1.65
N PRO E 466 -14.13 43.78 -1.69
CA PRO E 466 -13.95 45.08 -2.32
C PRO E 466 -12.98 45.98 -1.61
N THR E 467 -12.12 46.61 -2.37
CA THR E 467 -11.16 47.59 -1.89
C THR E 467 -11.08 48.72 -2.89
N ARG E 468 -10.28 49.73 -2.59
CA ARG E 468 -10.11 50.85 -3.48
C ARG E 468 -8.88 50.78 -4.38
N CYS E 469 -8.19 49.65 -4.44
CA CYS E 469 -6.99 49.61 -5.27
C CYS E 469 -7.23 48.94 -6.62
N LYS E 470 -6.50 49.43 -7.61
CA LYS E 470 -6.50 48.91 -8.98
C LYS E 470 -5.04 48.66 -9.35
N ARG E 471 -4.73 47.73 -10.24
CA ARG E 471 -3.33 47.52 -10.56
C ARG E 471 -2.71 48.75 -11.21
N GLY F 10 -1.10 30.47 17.18
CA GLY F 10 -2.04 31.55 16.98
C GLY F 10 -2.69 31.40 15.63
N PHE F 11 -2.71 30.17 15.17
CA PHE F 11 -3.16 29.79 13.84
C PHE F 11 -4.53 30.36 13.45
N LEU F 12 -5.54 30.24 14.27
CA LEU F 12 -6.82 30.85 13.90
C LEU F 12 -7.12 32.02 14.81
N GLY F 13 -6.10 32.61 15.41
CA GLY F 13 -6.29 33.68 16.40
C GLY F 13 -7.12 34.86 15.91
N ALA F 14 -7.05 35.15 14.61
CA ALA F 14 -7.77 36.27 14.02
C ALA F 14 -9.19 35.91 13.65
N ALA F 15 -9.65 34.71 13.96
CA ALA F 15 -10.97 34.30 13.54
C ALA F 15 -12.09 35.25 13.96
N GLY F 16 -12.00 35.86 15.13
CA GLY F 16 -13.06 36.77 15.56
C GLY F 16 -12.76 38.23 15.25
N SER F 17 -11.65 38.48 14.59
CA SER F 17 -11.21 39.83 14.28
C SER F 17 -11.99 40.33 13.12
N THR F 18 -12.01 41.63 12.94
CA THR F 18 -12.70 42.13 11.78
C THR F 18 -11.90 41.82 10.55
N MET F 19 -12.54 41.92 9.40
CA MET F 19 -11.85 41.61 8.18
C MET F 19 -10.60 42.44 7.99
N GLY F 20 -10.66 43.71 8.35
CA GLY F 20 -9.52 44.59 8.25
C GLY F 20 -8.40 44.14 9.16
N ALA F 21 -8.70 43.95 10.44
CA ALA F 21 -7.67 43.57 11.40
C ALA F 21 -7.02 42.24 11.06
N ALA F 22 -7.80 41.32 10.53
CA ALA F 22 -7.36 39.98 10.21
C ALA F 22 -6.39 39.96 9.05
N SER F 23 -6.27 41.06 8.31
CA SER F 23 -5.39 41.10 7.17
C SER F 23 -3.94 41.07 7.64
N MET F 24 -3.70 41.28 8.93
CA MET F 24 -2.35 41.30 9.43
C MET F 24 -1.82 39.92 9.84
N THR F 25 -2.64 38.86 9.72
CA THR F 25 -2.20 37.52 10.13
C THR F 25 -2.16 36.56 8.97
N LEU F 26 -2.14 37.06 7.75
CA LEU F 26 -2.21 36.18 6.60
C LEU F 26 -1.04 35.18 6.56
N THR F 27 0.14 35.54 7.09
CA THR F 27 1.25 34.60 7.08
C THR F 27 1.15 33.57 8.19
N VAL F 28 0.31 33.84 9.18
CA VAL F 28 0.12 32.93 10.29
C VAL F 28 -0.68 31.77 9.77
N GLN F 29 -1.69 32.09 8.99
CA GLN F 29 -2.49 31.01 8.44
C GLN F 29 -1.77 30.34 7.27
N ALA F 30 -1.08 31.11 6.41
CA ALA F 30 -0.42 30.50 5.25
C ALA F 30 0.66 29.48 5.63
N ARG F 31 1.41 29.73 6.69
CA ARG F 31 2.51 28.82 7.03
C ARG F 31 2.06 27.50 7.61
N ASN F 32 0.80 27.36 7.94
CA ASN F 32 0.34 26.13 8.51
C ASN F 32 -0.50 25.32 7.53
N LEU F 33 -0.40 25.61 6.25
CA LEU F 33 -1.26 24.91 5.29
C LEU F 33 -0.43 23.88 4.51
N LEU F 34 0.82 23.62 4.88
CA LEU F 34 1.56 22.57 4.14
C LEU F 34 2.12 21.54 5.11
N SER F 35 2.53 21.96 6.30
CA SER F 35 2.99 21.02 7.37
C SER F 35 3.56 21.82 8.54
N CYS F 50 4.96 4.26 12.36
CA CYS F 50 6.30 4.84 12.28
C CYS F 50 7.27 3.78 11.84
N GLN F 51 8.07 4.11 10.83
CA GLN F 51 9.04 3.18 10.30
C GLN F 51 8.36 1.86 10.00
N GLN F 52 8.76 0.81 10.70
CA GLN F 52 8.21 -0.51 10.43
C GLN F 52 6.73 -0.64 10.76
N HIS F 53 6.21 0.09 11.74
CA HIS F 53 4.80 -0.13 12.06
C HIS F 53 3.92 0.18 10.87
N LEU F 54 4.08 1.37 10.28
CA LEU F 54 3.26 1.75 9.14
C LEU F 54 3.65 1.02 7.85
N LEU F 55 4.92 0.62 7.71
CA LEU F 55 5.33 -0.12 6.52
C LEU F 55 4.80 -1.54 6.53
N LYS F 56 4.77 -2.20 7.69
CA LYS F 56 4.21 -3.55 7.76
C LYS F 56 2.68 -3.48 7.73
N LEU F 57 2.13 -2.50 8.45
CA LEU F 57 0.70 -2.33 8.54
C LEU F 57 0.24 -1.48 7.38
N THR F 58 0.55 -2.08 6.23
CA THR F 58 0.18 -1.62 4.88
C THR F 58 -1.34 -1.47 4.81
N VAL F 59 -1.95 -1.03 5.90
CA VAL F 59 -3.40 -0.70 5.81
C VAL F 59 -3.52 0.62 6.56
N TRP F 60 -2.42 1.04 7.18
CA TRP F 60 -2.41 2.37 7.84
C TRP F 60 -1.45 3.26 7.06
N GLY F 61 -0.43 2.67 6.48
CA GLY F 61 0.42 3.49 5.62
C GLY F 61 -0.48 4.12 4.59
N ILE F 62 -1.24 3.30 3.88
CA ILE F 62 -2.05 3.88 2.78
C ILE F 62 -3.23 4.57 3.43
N LYS F 63 -3.01 5.20 4.59
CA LYS F 63 -3.81 6.35 4.99
C LYS F 63 -2.92 7.54 5.14
N GLN F 64 -1.70 7.30 5.62
CA GLN F 64 -0.80 8.41 5.82
C GLN F 64 -0.39 8.98 4.47
N LEU F 65 -0.19 8.12 3.47
CA LEU F 65 0.14 8.65 2.17
C LEU F 65 -1.03 9.42 1.62
N GLN F 66 -2.26 8.94 1.82
CA GLN F 66 -3.39 9.67 1.28
C GLN F 66 -3.51 11.03 1.92
N ALA F 67 -3.27 11.11 3.23
CA ALA F 67 -3.38 12.38 3.91
C ALA F 67 -2.36 13.39 3.41
N ARG F 68 -1.15 12.91 3.14
CA ARG F 68 -0.09 13.79 2.69
C ARG F 68 -0.29 14.21 1.26
N VAL F 69 -0.75 13.30 0.42
CA VAL F 69 -0.97 13.64 -0.98
C VAL F 69 -2.08 14.65 -1.07
N LEU F 70 -3.16 14.46 -0.31
CA LEU F 70 -4.24 15.42 -0.37
C LEU F 70 -3.78 16.78 0.08
N ALA F 71 -3.01 16.88 1.16
CA ALA F 71 -2.61 18.21 1.59
C ALA F 71 -1.84 18.91 0.49
N VAL F 72 -0.99 18.16 -0.23
CA VAL F 72 -0.26 18.77 -1.32
C VAL F 72 -1.17 19.20 -2.44
N GLU F 73 -2.12 18.35 -2.83
CA GLU F 73 -2.98 18.74 -3.91
C GLU F 73 -3.81 19.97 -3.57
N ARG F 74 -4.30 20.07 -2.34
CA ARG F 74 -5.11 21.23 -2.02
C ARG F 74 -4.28 22.49 -2.07
N TYR F 75 -3.05 22.42 -1.57
CA TYR F 75 -2.17 23.56 -1.58
C TYR F 75 -1.94 24.02 -3.00
N LEU F 76 -1.61 23.08 -3.88
CA LEU F 76 -1.31 23.45 -5.24
C LEU F 76 -2.53 23.98 -5.98
N ARG F 77 -3.74 23.47 -5.73
CA ARG F 77 -4.87 24.05 -6.45
C ARG F 77 -5.02 25.52 -6.11
N ASP F 78 -4.81 25.89 -4.84
CA ASP F 78 -4.93 27.30 -4.50
C ASP F 78 -3.82 28.10 -5.17
N GLN F 79 -2.63 27.54 -5.24
CA GLN F 79 -1.56 28.29 -5.88
C GLN F 79 -1.80 28.45 -7.36
N GLN F 80 -2.37 27.44 -8.02
CA GLN F 80 -2.60 27.59 -9.44
C GLN F 80 -3.62 28.67 -9.70
N LEU F 81 -4.69 28.76 -8.88
CA LEU F 81 -5.66 29.81 -9.14
C LEU F 81 -5.05 31.16 -8.95
N LEU F 82 -4.21 31.31 -7.93
CA LEU F 82 -3.60 32.61 -7.74
C LEU F 82 -2.71 32.96 -8.93
N GLY F 83 -1.99 31.98 -9.44
CA GLY F 83 -1.13 32.22 -10.58
C GLY F 83 -1.92 32.66 -11.80
N ILE F 84 -2.99 31.95 -12.10
CA ILE F 84 -3.80 32.26 -13.26
C ILE F 84 -4.39 33.65 -13.19
N TRP F 85 -4.85 34.06 -12.02
CA TRP F 85 -5.45 35.36 -11.85
C TRP F 85 -4.46 36.52 -11.93
N GLY F 86 -3.16 36.23 -12.01
CA GLY F 86 -2.16 37.28 -12.06
C GLY F 86 -1.68 37.68 -10.68
N CYS F 87 -1.95 36.85 -9.70
CA CYS F 87 -1.55 37.12 -8.33
C CYS F 87 -0.58 36.04 -7.86
N SER F 88 0.70 36.27 -7.95
CA SER F 88 1.61 35.19 -7.63
C SER F 88 2.73 35.62 -6.74
N GLY F 89 2.90 34.89 -5.66
CA GLY F 89 3.95 35.19 -4.70
C GLY F 89 3.55 36.30 -3.76
N LYS F 90 2.26 36.59 -3.69
CA LYS F 90 1.76 37.63 -2.85
C LYS F 90 0.59 37.17 -2.05
N LEU F 91 0.42 37.74 -0.88
CA LEU F 91 -0.75 37.40 -0.10
C LEU F 91 -1.91 38.34 -0.40
N ILE F 92 -1.61 39.55 -0.88
CA ILE F 92 -2.63 40.51 -1.22
C ILE F 92 -2.48 41.00 -2.65
N CYS F 93 -3.51 40.85 -3.46
CA CYS F 93 -3.40 41.37 -4.82
C CYS F 93 -4.57 42.20 -5.26
N CYS F 94 -4.27 43.33 -5.86
CA CYS F 94 -5.30 44.16 -6.42
C CYS F 94 -5.54 43.59 -7.79
N THR F 95 -6.77 43.66 -8.27
CA THR F 95 -7.06 43.17 -9.60
C THR F 95 -7.84 44.24 -10.29
N ASN F 96 -8.08 44.09 -11.58
CA ASN F 96 -8.82 45.10 -12.30
C ASN F 96 -10.27 44.75 -12.53
N VAL F 97 -10.77 43.73 -11.85
CA VAL F 97 -12.16 43.38 -11.99
C VAL F 97 -12.96 44.26 -11.05
N PRO F 98 -13.94 45.04 -11.51
CA PRO F 98 -14.72 45.94 -10.71
C PRO F 98 -15.62 45.15 -9.80
N TRP F 99 -15.91 45.70 -8.65
CA TRP F 99 -16.81 45.06 -7.74
C TRP F 99 -18.23 45.32 -8.16
N ASN F 100 -19.02 44.27 -8.17
CA ASN F 100 -20.43 44.37 -8.46
C ASN F 100 -21.21 44.62 -7.19
N SER F 101 -21.96 45.69 -7.13
CA SER F 101 -22.72 45.95 -5.92
C SER F 101 -23.76 44.86 -5.74
N SER F 102 -24.11 44.16 -6.81
CA SER F 102 -25.10 43.11 -6.77
C SER F 102 -24.58 41.87 -6.04
N TRP F 103 -23.27 41.76 -5.83
CA TRP F 103 -22.72 40.62 -5.11
C TRP F 103 -22.80 40.85 -3.61
N SER F 104 -22.93 42.12 -3.21
CA SER F 104 -22.97 42.55 -1.83
C SER F 104 -23.13 44.05 -1.81
N ASN F 105 -24.35 44.52 -1.62
CA ASN F 105 -24.54 45.95 -1.66
C ASN F 105 -24.30 46.59 -0.31
N ARG F 106 -23.05 46.61 0.08
CA ARG F 106 -22.61 47.13 1.36
C ARG F 106 -21.50 48.14 1.14
N ASN F 107 -21.37 49.13 2.01
CA ASN F 107 -20.26 50.05 1.82
C ASN F 107 -19.01 49.52 2.52
N LEU F 108 -17.88 50.19 2.37
CA LEU F 108 -16.65 49.65 2.95
C LEU F 108 -16.64 49.61 4.46
N SER F 109 -17.39 50.48 5.11
CA SER F 109 -17.36 50.56 6.56
C SER F 109 -18.21 49.48 7.19
N GLU F 110 -18.90 48.70 6.35
CA GLU F 110 -19.72 47.59 6.81
C GLU F 110 -18.95 46.30 6.62
N ILE F 111 -17.88 46.37 5.85
CA ILE F 111 -17.17 45.18 5.45
C ILE F 111 -15.88 45.04 6.17
N TRP F 112 -15.06 46.09 6.13
CA TRP F 112 -13.75 45.96 6.73
C TRP F 112 -13.78 46.09 8.24
N ASP F 113 -14.77 46.80 8.75
CA ASP F 113 -14.98 46.98 10.16
C ASP F 113 -16.29 46.28 10.54
N ASN F 114 -16.39 45.82 11.78
CA ASN F 114 -17.60 45.20 12.32
C ASN F 114 -18.12 43.99 11.54
N MET F 115 -17.22 43.18 11.00
CA MET F 115 -17.56 41.97 10.27
C MET F 115 -16.34 41.09 10.22
N THR F 116 -16.53 39.77 10.37
CA THR F 116 -15.42 38.83 10.28
C THR F 116 -15.35 38.19 8.90
N TRP F 117 -14.24 37.49 8.61
CA TRP F 117 -14.11 36.82 7.33
C TRP F 117 -15.05 35.64 7.19
N LEU F 118 -15.39 35.04 8.31
CA LEU F 118 -16.29 33.91 8.27
C LEU F 118 -17.68 34.39 7.87
N GLN F 119 -18.12 35.53 8.42
CA GLN F 119 -19.41 36.11 8.06
C GLN F 119 -19.41 36.56 6.61
N TRP F 120 -18.29 37.11 6.17
CA TRP F 120 -18.18 37.59 4.83
C TRP F 120 -18.33 36.45 3.85
N ASP F 121 -17.69 35.31 4.12
CA ASP F 121 -17.81 34.21 3.19
C ASP F 121 -19.27 33.84 3.00
N LYS F 122 -20.07 33.88 4.07
CA LYS F 122 -21.48 33.58 3.91
C LYS F 122 -22.19 34.58 2.99
N GLU F 123 -21.79 35.85 3.06
CA GLU F 123 -22.38 36.92 2.25
C GLU F 123 -22.08 36.75 0.76
N ILE F 124 -20.88 36.26 0.45
CA ILE F 124 -20.45 36.13 -0.93
C ILE F 124 -20.71 34.79 -1.58
N SER F 125 -20.49 33.69 -0.87
CA SER F 125 -20.58 32.32 -1.37
C SER F 125 -21.11 32.08 -2.80
N ASN F 126 -22.34 32.46 -3.08
CA ASN F 126 -23.00 32.17 -4.36
C ASN F 126 -22.36 32.85 -5.56
N TYR F 127 -21.56 33.87 -5.33
CA TYR F 127 -20.96 34.61 -6.42
C TYR F 127 -19.50 34.27 -6.60
N THR F 128 -19.03 33.25 -5.90
CA THR F 128 -17.62 32.87 -5.93
C THR F 128 -17.15 32.52 -7.32
N GLN F 129 -17.95 31.76 -8.06
CA GLN F 129 -17.52 31.32 -9.37
C GLN F 129 -17.57 32.44 -10.38
N ILE F 130 -18.45 33.41 -10.18
CA ILE F 130 -18.51 34.51 -11.13
C ILE F 130 -17.24 35.30 -10.99
N ILE F 131 -16.86 35.56 -9.75
CA ILE F 131 -15.68 36.36 -9.53
C ILE F 131 -14.46 35.64 -10.04
N TYR F 132 -14.33 34.34 -9.79
CA TYR F 132 -13.14 33.68 -10.27
C TYR F 132 -13.07 33.70 -11.79
N GLY F 133 -14.20 33.51 -12.48
CA GLY F 133 -14.19 33.55 -13.93
C GLY F 133 -13.74 34.91 -14.45
N LEU F 134 -14.20 35.98 -13.80
CA LEU F 134 -13.81 37.30 -14.23
C LEU F 134 -12.33 37.54 -14.02
N LEU F 135 -11.77 37.03 -12.92
CA LEU F 135 -10.36 37.25 -12.68
C LEU F 135 -9.52 36.55 -13.75
N GLU F 136 -9.93 35.34 -14.16
CA GLU F 136 -9.21 34.62 -15.21
C GLU F 136 -9.23 35.38 -16.53
N GLU F 137 -10.39 35.93 -16.88
CA GLU F 137 -10.47 36.65 -18.14
C GLU F 137 -9.63 37.90 -18.12
N SER F 138 -9.62 38.59 -16.99
CA SER F 138 -8.83 39.81 -16.90
C SER F 138 -7.38 39.52 -17.14
N GLN F 139 -6.85 38.46 -16.53
CA GLN F 139 -5.43 38.19 -16.73
C GLN F 139 -5.14 37.82 -18.17
N ASN F 140 -6.01 37.07 -18.83
CA ASN F 140 -5.67 36.73 -20.21
C ASN F 140 -5.53 37.97 -21.06
N GLN F 141 -6.38 38.96 -20.82
CA GLN F 141 -6.28 40.17 -21.60
C GLN F 141 -5.02 40.95 -21.23
N GLN F 142 -4.67 40.95 -19.94
CA GLN F 142 -3.50 41.68 -19.52
C GLN F 142 -2.22 41.09 -20.11
N GLU F 143 -2.14 39.75 -20.18
CA GLU F 143 -0.94 39.15 -20.72
C GLU F 143 -0.80 39.41 -22.21
N LYS F 144 -1.91 39.38 -22.95
CA LYS F 144 -1.76 39.65 -24.35
C LYS F 144 -1.28 41.08 -24.54
N ASN F 145 -1.82 42.01 -23.75
CA ASN F 145 -1.38 43.37 -23.93
C ASN F 145 0.08 43.53 -23.61
N GLU F 146 0.60 42.84 -22.60
CA GLU F 146 2.00 42.97 -22.30
C GLU F 146 2.86 42.48 -23.46
N GLN F 147 2.52 41.32 -24.04
CA GLN F 147 3.34 40.80 -25.13
C GLN F 147 3.36 41.77 -26.30
N ASP F 148 2.21 42.36 -26.62
CA ASP F 148 2.16 43.25 -27.76
C ASP F 148 2.89 44.55 -27.47
N LEU F 149 2.78 45.05 -26.25
CA LEU F 149 3.44 46.28 -25.91
C LEU F 149 4.95 46.11 -25.93
N LEU F 150 5.45 44.98 -25.44
CA LEU F 150 6.88 44.79 -25.46
C LEU F 150 7.39 44.71 -26.89
N ALA F 151 6.66 44.05 -27.78
CA ALA F 151 7.11 43.98 -29.18
C ALA F 151 7.14 45.35 -29.81
N LEU F 152 6.18 46.19 -29.48
CA LEU F 152 6.14 47.52 -30.04
C LEU F 152 7.42 48.25 -29.70
C1 NAG G . -10.50 24.39 -39.86
C2 NAG G . -10.55 25.59 -38.90
C3 NAG G . -11.61 26.54 -39.33
C4 NAG G . -11.23 27.05 -40.73
C5 NAG G . -11.11 25.83 -41.65
C6 NAG G . -10.63 26.22 -43.04
C7 NAG G . -10.01 25.58 -36.57
C8 NAG G . -10.19 25.00 -35.21
N2 NAG G . -10.76 25.14 -37.55
O3 NAG G . -11.71 27.61 -38.38
O4 NAG G . -12.30 27.89 -41.18
O5 NAG G . -10.14 24.89 -41.19
O6 NAG G . -9.75 25.29 -43.65
O7 NAG G . -9.17 26.47 -36.80
C1 NAG G . -11.93 29.22 -41.49
C2 NAG G . -12.95 29.75 -42.50
C3 NAG G . -12.61 31.15 -42.89
C4 NAG G . -12.65 31.99 -41.61
C5 NAG G . -11.64 31.44 -40.61
C6 NAG G . -11.74 32.21 -39.32
C7 NAG G . -14.01 28.30 -44.13
C8 NAG G . -13.84 27.45 -45.35
N2 NAG G . -12.93 28.92 -43.69
O3 NAG G . -13.56 31.62 -43.87
O4 NAG G . -12.35 33.34 -41.93
O5 NAG G . -11.97 30.07 -40.30
O6 NAG G . -11.97 33.61 -39.48
O7 NAG G . -15.10 28.42 -43.57
C1 NAG H . 0.58 -10.02 -42.83
C2 NAG H . 1.18 -8.79 -43.53
C3 NAG H . 1.95 -9.35 -44.67
C4 NAG H . 3.08 -10.28 -44.26
C5 NAG H . 2.43 -11.39 -43.41
C6 NAG H . 3.44 -12.20 -42.63
C7 NAG H . -0.11 -6.76 -43.48
C8 NAG H . -1.32 -6.04 -43.95
N2 NAG H . 0.10 -7.95 -44.00
O3 NAG H . 2.47 -8.24 -45.43
O4 NAG H . 3.53 -10.70 -45.58
O5 NAG H . 1.64 -10.86 -42.33
O6 NAG H . 3.31 -12.16 -41.21
O7 NAG H . 0.66 -6.27 -42.65
C1 NAG H . 4.46 -11.77 -45.68
C2 NAG H . 4.57 -12.15 -47.15
C3 NAG H . 5.48 -13.31 -47.29
C4 NAG H . 6.83 -12.90 -46.72
C5 NAG H . 6.68 -12.52 -45.25
C6 NAG H . 8.01 -12.07 -44.69
C7 NAG H . 2.84 -12.29 -48.85
C8 NAG H . 1.45 -12.70 -49.20
N2 NAG H . 3.24 -12.51 -47.62
O3 NAG H . 5.58 -13.69 -48.68
O4 NAG H . 7.74 -13.99 -46.84
O5 NAG H . 5.76 -11.41 -45.14
O6 NAG H . 9.12 -12.86 -45.07
O7 NAG H . 3.61 -11.77 -49.68
C1 NAG I . -22.37 -30.47 -32.17
C2 NAG I . -21.70 -31.79 -31.85
C3 NAG I . -21.48 -32.53 -33.11
C4 NAG I . -22.82 -32.80 -33.80
C5 NAG I . -23.46 -31.44 -34.03
C6 NAG I . -24.83 -31.57 -34.62
C7 NAG I . -20.04 -32.21 -30.17
C8 NAG I . -18.73 -31.82 -29.57
N2 NAG I . -20.44 -31.53 -31.21
O3 NAG I . -20.76 -33.74 -32.83
O4 NAG I . -22.62 -33.39 -35.10
O5 NAG I . -23.64 -30.72 -32.81
O6 NAG I . -25.69 -32.51 -33.99
O7 NAG I . -20.71 -33.13 -29.71
C1 NAG I . -22.77 -34.78 -35.17
C2 NAG I . -23.19 -35.12 -36.61
C3 NAG I . -23.33 -36.57 -36.79
C4 NAG I . -21.96 -37.18 -36.50
C5 NAG I . -21.55 -36.87 -35.05
C6 NAG I . -20.15 -37.37 -34.81
C7 NAG I . -24.59 -33.67 -37.94
C8 NAG I . -25.94 -33.08 -38.17
N2 NAG I . -24.45 -34.48 -36.91
O3 NAG I . -23.78 -36.86 -38.14
O4 NAG I . -22.01 -38.58 -36.70
O5 NAG I . -21.51 -35.45 -34.90
O6 NAG I . -19.75 -38.45 -35.64
O7 NAG I . -23.63 -33.42 -38.68
C1 NAG J . -26.63 -9.38 -21.95
C2 NAG J . -26.21 -10.29 -20.79
C3 NAG J . -27.42 -10.89 -20.18
C4 NAG J . -28.33 -9.80 -19.62
C5 NAG J . -28.67 -8.89 -20.81
C6 NAG J . -29.50 -7.69 -20.44
C7 NAG J . -24.51 -11.99 -20.53
C8 NAG J . -23.72 -13.09 -21.16
N2 NAG J . -25.37 -11.36 -21.29
O3 NAG J . -27.05 -11.80 -19.13
O4 NAG J . -29.52 -10.46 -19.16
O5 NAG J . -27.50 -8.35 -21.43
O6 NAG J . -29.09 -6.98 -19.27
O7 NAG J . -24.36 -11.68 -19.36
C1 NAG J . -29.90 -10.18 -17.83
C2 NAG J . -31.41 -10.39 -17.72
C3 NAG J . -31.86 -10.04 -16.36
C4 NAG J . -31.18 -10.98 -15.37
C5 NAG J . -29.67 -10.79 -15.52
C6 NAG J . -28.90 -11.80 -14.71
C7 NAG J . -32.82 -10.10 -19.64
C8 NAG J . -33.36 -9.20 -20.70
N2 NAG J . -32.07 -9.57 -18.70
O3 NAG J . -33.30 -10.18 -16.30
O4 NAG J . -31.58 -10.53 -14.06
O5 NAG J . -29.25 -11.06 -16.87
O6 NAG J . -28.93 -13.13 -15.23
O7 NAG J . -33.07 -11.32 -19.64
C1 BMA J . -32.16 -11.57 -13.20
C2 BMA J . -31.87 -11.18 -11.75
C3 BMA J . -32.41 -12.18 -10.79
C4 BMA J . -33.91 -12.22 -11.03
C5 BMA J . -34.21 -12.65 -12.51
C6 BMA J . -35.76 -12.59 -12.80
O2 BMA J . -32.47 -10.00 -11.52
O3 BMA J . -32.12 -11.73 -9.44
O4 BMA J . -34.48 -13.14 -10.17
O5 BMA J . -33.59 -11.67 -13.38
O6 BMA J . -36.51 -11.62 -11.99
C1 MAN J . -31.53 -12.79 -8.61
C2 MAN J . -31.44 -12.31 -7.14
C3 MAN J . -30.46 -11.19 -7.01
C4 MAN J . -29.11 -11.71 -7.45
C5 MAN J . -29.21 -12.17 -8.92
C6 MAN J . -27.83 -12.75 -9.43
O2 MAN J . -31.00 -13.40 -6.44
O3 MAN J . -30.39 -10.68 -5.65
O4 MAN J . -28.15 -10.72 -7.32
O5 MAN J . -30.19 -13.22 -9.02
O6 MAN J . -26.65 -11.97 -8.99
C1 MAN J . -31.70 -13.57 -5.16
C2 MAN J . -30.87 -14.47 -4.25
C3 MAN J . -30.78 -15.87 -4.77
C4 MAN J . -32.20 -16.40 -4.83
C5 MAN J . -33.03 -15.50 -5.79
C6 MAN J . -34.52 -15.98 -5.88
O2 MAN J . -31.47 -14.47 -3.05
O3 MAN J . -29.97 -16.66 -3.85
O4 MAN J . -32.20 -17.71 -5.30
O5 MAN J . -33.05 -14.15 -5.26
O6 MAN J . -34.71 -17.43 -5.73
C1 MAN J . -37.66 -11.01 -12.67
C2 MAN J . -37.21 -9.72 -13.39
C3 MAN J . -36.75 -8.68 -12.44
C4 MAN J . -37.91 -8.35 -11.53
C5 MAN J . -38.35 -9.64 -10.79
C6 MAN J . -39.60 -9.35 -9.87
O2 MAN J . -38.28 -9.25 -14.06
O3 MAN J . -36.31 -7.52 -13.18
O4 MAN J . -37.52 -7.38 -10.61
O5 MAN J . -38.74 -10.63 -11.76
O6 MAN J . -39.54 -8.06 -9.15
C1 NAG K . -28.77 -39.88 -4.97
C2 NAG K . -30.28 -39.72 -5.24
C3 NAG K . -30.96 -39.49 -3.94
C4 NAG K . -30.74 -40.69 -3.01
C5 NAG K . -29.22 -40.81 -2.83
C6 NAG K . -28.79 -42.03 -2.05
C7 NAG K . -30.81 -38.74 -7.37
C8 NAG K . -30.99 -37.51 -8.19
N2 NAG K . -30.50 -38.59 -6.10
O3 NAG K . -32.37 -39.25 -4.22
O4 NAG K . -31.36 -40.37 -1.74
O5 NAG K . -28.57 -41.00 -4.09
O6 NAG K . -29.45 -43.24 -2.36
O7 NAG K . -30.94 -39.87 -7.85
C1 NAG K . -32.14 -41.39 -1.18
C2 NAG K . -32.16 -41.19 0.34
C3 NAG K . -32.95 -42.28 0.96
C4 NAG K . -34.39 -42.21 0.43
C5 NAG K . -34.33 -42.39 -1.09
C6 NAG K . -35.68 -42.23 -1.72
C7 NAG K . -30.21 -40.25 1.44
C8 NAG K . -28.79 -40.44 1.86
N2 NAG K . -30.80 -41.27 0.85
O3 NAG K . -32.92 -42.13 2.39
O4 NAG K . -35.13 -43.29 1.03
O5 NAG K . -33.52 -41.35 -1.67
O6 NAG K . -35.65 -41.87 -3.09
O7 NAG K . -30.81 -39.18 1.63
C1 BMA K . -36.39 -42.84 1.65
C2 BMA K . -37.30 -44.06 1.80
C3 BMA K . -38.61 -43.68 2.39
C4 BMA K . -38.32 -43.07 3.76
C5 BMA K . -37.40 -41.83 3.58
C6 BMA K . -37.03 -41.23 4.98
O2 BMA K . -36.70 -44.93 2.62
O3 BMA K . -39.45 -44.85 2.51
O4 BMA K . -39.52 -42.68 4.34
O5 BMA K . -36.17 -42.26 2.96
O6 BMA K . -38.13 -41.22 5.96
C1 NAG L . -24.35 -44.01 -17.18
C2 NAG L . -23.72 -45.40 -17.10
C3 NAG L . -22.75 -45.59 -18.21
C4 NAG L . -23.51 -45.46 -19.53
C5 NAG L . -24.11 -44.04 -19.57
C6 NAG L . -24.97 -43.83 -20.78
C7 NAG L . -23.33 -46.28 -14.85
C8 NAG L . -24.56 -47.12 -14.93
N2 NAG L . -22.97 -45.53 -15.87
O3 NAG L . -22.15 -46.89 -18.06
O4 NAG L . -22.61 -45.63 -20.65
O5 NAG L . -24.99 -43.88 -18.46
O6 NAG L . -25.79 -44.93 -21.14
O7 NAG L . -22.64 -46.28 -13.84
C1 NAG L . -22.69 -46.91 -21.29
C2 NAG L . -22.78 -46.71 -22.80
C3 NAG L . -22.91 -48.04 -23.43
C4 NAG L . -21.69 -48.91 -23.11
C5 NAG L . -21.62 -49.03 -21.58
C6 NAG L . -20.38 -49.74 -21.11
C7 NAG L . -23.94 -45.09 -24.19
C8 NAG L . -25.21 -44.36 -24.47
N2 NAG L . -23.93 -45.91 -23.16
O3 NAG L . -23.03 -47.86 -24.86
O4 NAG L . -21.97 -50.20 -23.69
O5 NAG L . -21.52 -47.72 -20.98
O6 NAG L . -19.20 -48.96 -21.16
O7 NAG L . -22.94 -44.95 -24.91
C1 BMA L . -20.93 -50.67 -24.62
C2 BMA L . -21.10 -52.18 -24.78
C3 BMA L . -20.08 -52.76 -25.69
C4 BMA L . -20.26 -52.06 -27.03
C5 BMA L . -20.07 -50.54 -26.86
C6 BMA L . -20.32 -49.80 -28.23
O2 BMA L . -22.32 -52.41 -25.30
O3 BMA L . -20.29 -54.18 -25.81
O4 BMA L . -19.32 -52.56 -27.93
O5 BMA L . -21.06 -50.06 -25.93
O6 BMA L . -19.69 -50.45 -29.39
C1 NAG M . -41.64 -38.14 -13.00
C2 NAG M . -41.94 -37.38 -11.70
C3 NAG M . -43.24 -37.82 -11.17
C4 NAG M . -44.33 -37.51 -12.21
C5 NAG M . -43.98 -38.28 -13.50
C6 NAG M . -44.92 -37.96 -14.64
C7 NAG M . -40.17 -36.71 -10.20
C8 NAG M . -39.05 -37.14 -9.31
N2 NAG M . -40.88 -37.67 -10.76
O3 NAG M . -43.51 -37.14 -9.93
O4 NAG M . -45.54 -37.99 -11.65
O5 NAG M . -42.68 -37.86 -13.97
O6 NAG M . -45.09 -36.57 -14.93
O7 NAG M . -40.44 -35.53 -10.42
C1 NAG M . -46.64 -37.12 -11.79
C2 NAG M . -47.90 -37.97 -11.64
C3 NAG M . -49.11 -37.13 -11.88
C4 NAG M . -49.07 -36.04 -10.82
C5 NAG M . -47.79 -35.21 -10.95
C6 NAG M . -47.72 -34.18 -9.86
C7 NAG M . -47.42 -40.28 -12.20
C8 NAG M . -47.37 -41.36 -13.23
N2 NAG M . -47.86 -39.09 -12.58
O3 NAG M . -50.30 -37.96 -11.80
O4 NAG M . -50.21 -35.20 -10.96
O5 NAG M . -46.65 -36.06 -10.79
O6 NAG M . -48.99 -33.70 -9.41
O7 NAG M . -47.06 -40.47 -11.04
C1 FUC M . -45.59 -36.33 -16.28
C2 FUC M . -46.33 -34.99 -16.33
C3 FUC M . -45.39 -33.84 -15.99
C4 FUC M . -44.30 -33.83 -17.03
C5 FUC M . -43.57 -35.20 -16.98
C6 FUC M . -42.45 -35.24 -18.03
O2 FUC M . -47.38 -35.00 -15.38
O3 FUC M . -46.11 -32.61 -16.04
O4 FUC M . -44.91 -33.62 -18.30
O5 FUC M . -44.50 -36.27 -17.24
C1 NAG N . -36.64 -22.49 -27.72
C2 NAG N . -37.21 -22.03 -26.38
C3 NAG N . -37.99 -23.14 -25.79
C4 NAG N . -39.13 -23.50 -26.74
C5 NAG N . -38.51 -23.91 -28.07
C6 NAG N . -39.55 -24.21 -29.12
C7 NAG N . -36.09 -20.73 -24.63
C8 NAG N . -34.81 -20.47 -23.92
N2 NAG N . -36.08 -21.70 -25.52
O3 NAG N . -38.50 -22.72 -24.51
O4 NAG N . -39.85 -24.62 -26.18
O5 NAG N . -37.73 -22.84 -28.62
O6 NAG N . -39.05 -24.35 -30.45
O7 NAG N . -37.10 -20.07 -24.37
C1 NAG N . -41.24 -24.38 -26.05
C2 NAG N . -41.92 -25.71 -25.68
C3 NAG N . -43.38 -25.52 -25.58
C4 NAG N . -43.62 -24.51 -24.46
C5 NAG N . -42.94 -23.20 -24.83
C6 NAG N . -43.09 -22.22 -23.70
C7 NAG N . -41.09 -27.89 -26.28
C8 NAG N . -40.91 -28.96 -27.32
N2 NAG N . -41.64 -26.75 -26.65
O3 NAG N . -44.02 -26.80 -25.33
O4 NAG N . -45.02 -24.31 -24.30
O5 NAG N . -41.53 -23.42 -25.00
O6 NAG N . -44.26 -22.40 -22.90
O7 NAG N . -40.74 -28.07 -25.10
C1 NAG O . 22.48 29.55 -34.29
C2 NAG O . 23.14 30.71 -33.52
C3 NAG O . 24.49 30.95 -34.07
C4 NAG O . 25.27 29.64 -33.88
C5 NAG O . 24.58 28.49 -34.62
C6 NAG O . 25.27 27.17 -34.37
C7 NAG O . 21.50 32.26 -32.63
C8 NAG O . 20.53 33.38 -32.88
N2 NAG O . 22.29 31.90 -33.63
O3 NAG O . 25.13 32.03 -33.35
O4 NAG O . 26.58 29.84 -34.37
O5 NAG O . 23.26 28.34 -34.10
O6 NAG O . 24.38 26.06 -34.14
O7 NAG O . 21.56 31.70 -31.54
C1 FUC O . 24.24 25.09 -35.20
C2 FUC O . 24.51 23.76 -34.49
C3 FUC O . 23.53 23.63 -33.33
C4 FUC O . 22.20 23.74 -33.98
C5 FUC O . 21.82 25.00 -34.82
C6 FUC O . 20.48 24.39 -35.25
O2 FUC O . 25.81 23.75 -33.96
O3 FUC O . 23.64 22.35 -32.74
O4 FUC O . 22.07 22.56 -34.78
O5 FUC O . 22.88 25.09 -35.80
C1 NAG P . 40.82 24.73 -3.98
C2 NAG P . 40.03 25.54 -5.01
C3 NAG P . 40.92 25.97 -6.11
C4 NAG P . 42.00 26.88 -5.51
C5 NAG P . 42.74 26.06 -4.43
C6 NAG P . 43.75 26.92 -3.69
C7 NAG P . 37.71 25.29 -5.53
C8 NAG P . 36.58 24.42 -5.94
N2 NAG P . 38.91 24.76 -5.49
O3 NAG P . 40.15 26.65 -7.12
O4 NAG P . 42.91 27.21 -6.57
O5 NAG P . 41.85 25.60 -3.41
O6 NAG P . 43.88 26.64 -2.31
O7 NAG P . 37.55 26.48 -5.25
C1 NAG P . 43.05 28.59 -6.83
C2 NAG P . 44.44 28.81 -7.46
C3 NAG P . 44.65 30.26 -7.74
C4 NAG P . 43.56 30.69 -8.70
C5 NAG P . 42.19 30.47 -8.06
C6 NAG P . 41.10 30.82 -9.05
C7 NAG P . 46.33 27.41 -6.87
C8 NAG P . 47.31 27.01 -5.82
N2 NAG P . 45.46 28.34 -6.54
O3 NAG P . 45.97 30.44 -8.29
O4 NAG P . 43.73 32.06 -9.02
O5 NAG P . 42.03 29.07 -7.76
O6 NAG P . 41.39 31.95 -9.86
O7 NAG P . 46.33 26.90 -7.99
C1 NAG Q . 37.55 0.60 22.91
C2 NAG Q . 37.92 2.08 23.04
C3 NAG Q . 38.58 2.18 24.37
C4 NAG Q . 37.67 1.81 25.55
C5 NAG Q . 37.19 0.37 25.24
C6 NAG Q . 36.00 -0.03 26.11
C7 NAG Q . 38.52 3.24 21.02
C8 NAG Q . 39.51 3.41 19.92
N2 NAG Q . 38.85 2.42 21.99
O3 NAG Q . 39.04 3.55 24.52
O4 NAG Q . 38.63 1.92 26.63
O5 NAG Q . 36.59 0.25 23.93
O6 NAG Q . 34.81 -0.35 25.41
O7 NAG Q . 37.44 3.84 21.03
C1 NAG Q . 38.25 1.44 27.91
C2 NAG Q . 39.51 1.47 28.78
C3 NAG Q . 39.19 0.91 30.12
C4 NAG Q . 38.07 1.77 30.72
C5 NAG Q . 36.84 1.71 29.81
C6 NAG Q . 35.75 2.59 30.36
C7 NAG Q . 41.81 0.93 28.24
C8 NAG Q . 42.74 0.02 27.51
N2 NAG Q . 40.52 0.67 28.15
O3 NAG Q . 40.37 0.92 30.95
O4 NAG Q . 37.74 1.26 32.01
O5 NAG Q . 37.20 2.24 28.52
O6 NAG Q . 35.56 2.49 31.77
O7 NAG Q . 42.21 1.90 28.90
C1 NAG R . 38.09 -29.77 11.27
C2 NAG R . 37.46 -30.68 12.31
C3 NAG R . 38.46 -30.95 13.36
C4 NAG R . 39.68 -31.66 12.74
C5 NAG R . 40.21 -30.72 11.67
C6 NAG R . 41.36 -31.32 10.93
C7 NAG R . 35.19 -30.64 13.10
C8 NAG R . 34.08 -29.84 13.66
N2 NAG R . 36.32 -30.02 12.87
O3 NAG R . 37.85 -31.73 14.40
O4 NAG R . 40.72 -31.80 13.72
O5 NAG R . 39.23 -30.43 10.68
O6 NAG R . 41.17 -32.66 10.49
O7 NAG R . 35.07 -31.84 12.85
C1 NAG R . 40.83 -33.06 14.33
C2 NAG R . 42.29 -33.23 14.77
C3 NAG R . 42.48 -34.52 15.47
C4 NAG R . 41.57 -34.49 16.69
C5 NAG R . 40.12 -34.34 16.27
C6 NAG R . 39.24 -34.18 17.49
C7 NAG R . 44.15 -32.34 13.52
C8 NAG R . 44.99 -32.39 12.29
N2 NAG R . 43.15 -33.19 13.61
O3 NAG R . 43.87 -34.69 15.81
O4 NAG R . 41.75 -35.68 17.44
O5 NAG R . 40.00 -33.12 15.53
O6 NAG R . 39.78 -34.77 18.67
O7 NAG R . 44.37 -31.53 14.42
C1 NAG S . 31.48 -15.60 -6.70
C2 NAG S . 30.22 -16.45 -6.40
C3 NAG S . 30.23 -17.64 -7.28
C4 NAG S . 30.16 -17.23 -8.75
C5 NAG S . 31.40 -16.35 -8.98
C6 NAG S . 31.48 -15.76 -10.36
C7 NAG S . 29.18 -17.20 -4.36
C8 NAG S . 29.34 -17.66 -2.96
N2 NAG S . 30.27 -16.88 -5.02
O3 NAG S . 29.10 -18.48 -6.96
O4 NAG S . 30.28 -18.45 -9.52
O5 NAG S . 31.43 -15.22 -8.10
O6 NAG S . 30.28 -15.22 -10.88
O7 NAG S . 28.07 -17.11 -4.89
C1 NAG S . 29.29 -18.65 -10.48
C2 NAG S . 29.88 -19.54 -11.58
C3 NAG S . 28.88 -19.73 -12.65
C4 NAG S . 27.66 -20.44 -12.07
C5 NAG S . 27.11 -19.56 -10.94
C6 NAG S . 26.01 -20.26 -10.17
C7 NAG S . 32.24 -19.53 -12.01
C8 NAG S . 33.44 -18.77 -12.45
N2 NAG S . 31.07 -18.93 -12.09
O3 NAG S . 29.48 -20.51 -13.70
O4 NAG S . 26.70 -20.51 -13.13
O5 NAG S . 28.12 -19.32 -9.95
O6 NAG S . 26.46 -21.31 -9.33
O7 NAG S . 32.32 -20.70 -11.60
C1 BMA S . 26.17 -21.86 -13.40
C2 BMA S . 24.76 -21.69 -13.97
C3 BMA S . 24.14 -23.01 -14.27
C4 BMA S . 25.04 -23.67 -15.30
C5 BMA S . 26.47 -23.86 -14.71
C6 BMA S . 27.45 -24.46 -15.80
O2 BMA S . 24.87 -20.99 -15.11
O3 BMA S . 22.81 -22.77 -14.82
O4 BMA S . 24.49 -24.91 -15.63
O5 BMA S . 26.99 -22.56 -14.38
O6 BMA S . 27.09 -24.13 -17.20
C1 MAN S . 21.77 -23.60 -14.19
C2 MAN S . 20.44 -23.45 -14.95
C3 MAN S . 19.91 -22.05 -14.82
C4 MAN S . 19.66 -21.80 -13.35
C5 MAN S . 21.01 -21.94 -12.59
C6 MAN S . 20.82 -21.70 -11.05
O2 MAN S . 19.59 -24.34 -14.36
O3 MAN S . 18.69 -21.86 -15.57
O4 MAN S . 19.13 -20.53 -13.17
O5 MAN S . 21.52 -23.27 -12.78
O6 MAN S . 19.91 -20.58 -10.71
C1 MAN S . 18.77 -25.07 -15.34
C2 MAN S . 17.56 -25.66 -14.62
C3 MAN S . 17.94 -26.72 -13.63
C4 MAN S . 18.64 -27.82 -14.43
C5 MAN S . 19.89 -27.21 -15.13
C6 MAN S . 20.65 -28.29 -15.98
O2 MAN S . 16.77 -26.19 -15.56
O3 MAN S . 16.74 -27.23 -12.99
O4 MAN S . 19.02 -28.85 -13.59
O5 MAN S . 19.46 -26.16 -16.03
O6 MAN S . 20.56 -29.66 -15.46
C1 MAN S . 28.24 -23.98 -18.10
C2 MAN S . 28.71 -22.51 -18.11
C3 MAN S . 27.67 -21.59 -18.66
C4 MAN S . 27.40 -22.03 -20.09
C5 MAN S . 26.92 -23.50 -20.08
C6 MAN S . 26.68 -24.01 -21.55
O2 MAN S . 29.80 -22.44 -18.89
O3 MAN S . 28.16 -20.24 -18.60
O4 MAN S . 26.43 -21.21 -20.64
O5 MAN S . 27.93 -24.34 -19.49
O6 MAN S . 26.04 -23.02 -22.44
C1 NAG T . 16.62 -46.55 -0.02
C2 NAG T . 17.55 -47.04 -1.12
C3 NAG T . 16.71 -47.42 -2.30
C4 NAG T . 15.75 -48.56 -1.91
C5 NAG T . 14.90 -48.01 -0.75
C6 NAG T . 13.97 -49.03 -0.14
C7 NAG T . 19.71 -45.98 -1.16
C8 NAG T . 20.55 -44.82 -1.57
N2 NAG T . 18.45 -45.98 -1.52
O3 NAG T . 17.61 -47.80 -3.38
O4 NAG T . 14.92 -48.82 -3.06
O5 NAG T . 15.71 -47.61 0.35
O6 NAG T . 14.52 -50.32 0.08
O7 NAG T . 20.17 -46.92 -0.49
C1 NAG T . 14.76 -50.19 -3.38
C2 NAG T . 13.41 -50.34 -4.10
C3 NAG T . 13.21 -51.77 -4.42
C4 NAG T . 14.33 -52.26 -5.34
C5 NAG T . 15.65 -52.06 -4.58
C6 NAG T . 16.84 -52.41 -5.44
C7 NAG T . 11.58 -48.87 -3.54
C8 NAG T . 10.54 -48.48 -2.53
N2 NAG T . 12.34 -49.90 -3.24
O3 NAG T . 11.92 -51.93 -5.05
O4 NAG T . 14.11 -53.65 -5.61
O5 NAG T . 15.82 -50.67 -4.24
O6 NAG T . 18.05 -51.79 -5.03
O7 NAG T . 11.69 -48.26 -4.61
C1 BMA T . 14.15 -53.97 -7.05
C2 BMA T . 14.41 -55.47 -7.20
C3 BMA T . 14.48 -55.86 -8.63
C4 BMA T . 13.16 -55.49 -9.27
C5 BMA T . 12.92 -53.96 -9.11
C6 BMA T . 11.51 -53.56 -9.71
O2 BMA T . 13.38 -56.12 -6.63
O3 BMA T . 14.74 -57.28 -8.72
O4 BMA T . 13.20 -55.81 -10.62
O5 BMA T . 12.90 -53.64 -7.71
O6 BMA T . 11.16 -54.26 -10.94
C1 NAG U . 25.33 -45.54 10.40
C2 NAG U . 24.94 -46.48 11.56
C3 NAG U . 25.48 -45.97 12.84
C4 NAG U . 27.00 -45.92 12.73
C5 NAG U . 27.35 -44.96 11.59
C6 NAG U . 28.83 -44.91 11.31
C7 NAG U . 22.75 -47.54 11.38
C8 NAG U . 23.36 -48.81 10.89
N2 NAG U . 23.50 -46.51 11.69
O3 NAG U . 25.04 -46.86 13.89
O4 NAG U . 27.58 -45.43 13.97
O5 NAG U . 26.77 -45.46 10.38
O6 NAG U . 29.50 -46.17 11.39
O7 NAG U . 21.53 -47.43 11.50
C1 NAG U . 28.16 -46.44 14.81
C2 NAG U . 29.54 -45.98 15.26
C3 NAG U . 30.13 -47.07 16.08
C4 NAG U . 29.27 -47.33 17.32
C5 NAG U . 27.88 -47.72 16.80
C6 NAG U . 26.88 -47.88 17.91
C7 NAG U . 31.35 -44.82 14.13
C8 NAG U . 32.20 -44.71 12.89
N2 NAG U . 30.40 -45.74 14.12
O3 NAG U . 31.46 -46.66 16.48
O4 NAG U . 29.88 -48.45 17.98
O5 NAG U . 27.32 -46.68 15.97
O6 NAG U . 26.39 -46.66 18.45
O7 NAG U . 31.54 -44.10 15.10
C1 BMA U . 30.22 -48.19 19.39
C2 BMA U . 30.40 -49.54 20.08
C3 BMA U . 30.73 -49.38 21.52
C4 BMA U . 32.02 -48.59 21.58
C5 BMA U . 31.82 -47.21 20.89
C6 BMA U . 33.17 -46.40 20.90
O2 BMA U . 31.42 -50.18 19.47
O3 BMA U . 30.90 -50.69 22.12
O4 BMA U . 32.39 -48.40 22.91
O5 BMA U . 31.46 -47.44 19.52
O6 BMA U . 33.91 -46.44 22.17
C1 NAG V . 29.68 -49.20 -7.45
C2 NAG V . 28.68 -48.95 -8.57
C3 NAG V . 28.81 -50.04 -9.56
C4 NAG V . 30.23 -50.04 -10.12
C5 NAG V . 31.20 -50.28 -8.96
C6 NAG V . 32.66 -50.19 -9.35
C7 NAG V . 26.57 -47.89 -8.17
C8 NAG V . 25.25 -47.94 -7.47
N2 NAG V . 27.36 -48.92 -8.01
O3 NAG V . 27.84 -49.84 -10.63
O4 NAG V . 30.28 -51.13 -11.05
O5 NAG V . 31.03 -49.23 -7.98
O6 NAG V . 33.03 -49.00 -10.07
O7 NAG V . 26.91 -46.94 -8.87
C1 NAG V . 30.93 -50.85 -12.25
C2 NAG V . 31.36 -52.19 -12.86
C3 NAG V . 32.14 -51.96 -14.11
C4 NAG V . 31.19 -51.22 -15.05
C5 NAG V . 30.76 -49.90 -14.44
C6 NAG V . 29.78 -49.20 -15.34
C7 NAG V . 31.58 -53.85 -11.11
C8 NAG V . 32.42 -54.55 -10.11
N2 NAG V . 32.14 -52.94 -11.89
O3 NAG V . 32.59 -53.24 -14.63
O4 NAG V . 31.88 -50.98 -16.28
O5 NAG V . 30.07 -50.15 -13.20
O6 NAG V . 29.97 -49.45 -16.73
O7 NAG V . 30.37 -54.10 -11.22
C1 FUC V . 34.45 -48.74 -10.02
C2 FUC V . 34.87 -47.91 -11.24
C3 FUC V . 34.17 -46.56 -11.24
C4 FUC V . 34.59 -45.84 -9.99
C5 FUC V . 34.18 -46.69 -8.76
C6 FUC V . 34.60 -46.00 -7.46
O2 FUC V . 34.51 -48.60 -12.42
O3 FUC V . 34.57 -45.81 -12.38
O4 FUC V . 36.01 -45.66 -10.03
O5 FUC V . 34.81 -48.00 -8.82
C1 NAG W . 40.86 -30.29 -5.45
C2 NAG W . 39.93 -30.43 -6.65
C3 NAG W . 39.74 -31.87 -6.94
C4 NAG W . 41.11 -32.51 -7.25
C5 NAG W . 42.00 -32.29 -6.01
C6 NAG W . 43.40 -32.80 -6.24
C7 NAG W . 37.91 -29.17 -7.17
C8 NAG W . 36.70 -28.51 -6.60
N2 NAG W . 38.67 -29.81 -6.31
O3 NAG W . 38.84 -32.01 -8.06
O4 NAG W . 40.92 -33.91 -7.46
O5 NAG W . 42.14 -30.89 -5.73
O6 NAG W . 44.34 -32.42 -5.25
O7 NAG W . 38.16 -29.11 -8.38
C1 NAG W . 41.45 -34.37 -8.69
C2 NAG W . 41.38 -35.90 -8.70
C3 NAG W . 41.97 -36.43 -9.96
C4 NAG W . 41.12 -35.90 -11.10
C5 NAG W . 41.16 -34.38 -11.09
C6 NAG W . 40.25 -33.83 -12.15
C7 NAG W . 41.48 -37.29 -6.73
C8 NAG W . 42.30 -37.91 -5.64
N2 NAG W . 42.10 -36.47 -7.57
O3 NAG W . 42.02 -37.87 -9.90
O4 NAG W . 41.61 -36.39 -12.33
O5 NAG W . 40.66 -33.89 -9.83
O6 NAG W . 40.07 -34.69 -13.27
O7 NAG W . 40.28 -37.53 -6.86
C1 NAG X . 20.90 43.01 16.36
C2 NAG X . 19.94 44.15 15.98
C3 NAG X . 19.82 45.08 17.12
C4 NAG X . 19.25 44.27 18.29
C5 NAG X . 20.21 43.12 18.65
C6 NAG X . 19.64 42.23 19.73
C7 NAG X . 19.95 44.56 13.59
C8 NAG X . 20.64 45.13 12.39
N2 NAG X . 20.45 44.81 14.79
O3 NAG X . 18.91 46.16 16.78
O4 NAG X . 19.11 45.14 19.40
O5 NAG X . 20.35 42.28 17.49
O6 NAG X . 19.80 40.82 19.51
O7 NAG X . 18.93 43.87 13.47
C1 FUC X . 20.80 40.14 20.32
C2 FUC X . 20.01 38.96 20.90
C3 FUC X . 19.42 38.16 19.74
C4 FUC X . 20.61 37.78 18.93
C5 FUC X . 21.56 38.88 18.35
C6 FUC X . 22.54 37.84 17.81
O2 FUC X . 18.95 39.43 21.69
O3 FUC X . 18.81 36.98 20.23
O4 FUC X . 21.35 36.87 19.76
O5 FUC X . 21.95 39.64 19.52
C1 NAG Y . -14.55 40.79 20.45
C2 NAG Y . -13.26 41.35 19.85
C3 NAG Y . -12.68 42.36 20.76
C4 NAG Y . -13.68 43.51 20.89
C5 NAG Y . -15.00 42.92 21.42
C6 NAG Y . -16.09 43.96 21.47
C7 NAG Y . -11.73 40.19 18.42
C8 NAG Y . -10.88 39.01 18.15
N2 NAG Y . -12.33 40.27 19.58
O3 NAG Y . -11.41 42.81 20.24
O4 NAG Y . -13.15 44.43 21.85
O5 NAG Y . -15.50 41.89 20.56
O6 NAG Y . -17.39 43.48 21.14
O7 NAG Y . -11.88 41.09 17.59
C1 NAG Y . -12.95 45.75 21.37
C2 NAG Y . -13.02 46.70 22.58
C3 NAG Y . -12.84 48.11 22.13
C4 NAG Y . -11.46 48.19 21.47
C5 NAG Y . -11.41 47.24 20.28
C6 NAG Y . -10.02 47.26 19.68
C7 NAG Y . -14.44 46.23 24.49
C8 NAG Y . -15.84 46.10 25.01
N2 NAG Y . -14.31 46.57 23.22
O3 NAG Y . -12.94 48.98 23.28
O4 NAG Y . -11.23 49.53 21.05
O5 NAG Y . -11.64 45.89 20.74
O6 NAG Y . -9.40 48.54 19.67
O7 NAG Y . -13.46 46.02 25.20
C1 NAG Z . -37.54 12.77 19.05
C2 NAG Z . -37.79 14.19 18.54
C3 NAG Z . -39.26 14.30 18.45
C4 NAG Z . -39.90 13.31 17.46
C5 NAG Z . -39.45 11.91 17.93
C6 NAG Z . -39.69 10.84 16.88
C7 NAG Z . -36.24 15.89 19.24
C8 NAG Z . -35.72 16.72 20.36
N2 NAG Z . -37.27 15.13 19.51
O3 NAG Z . -39.59 15.66 18.06
O4 NAG Z . -41.31 13.62 17.69
O5 NAG Z . -38.02 11.81 18.07
O6 NAG Z . -38.53 10.17 16.41
O7 NAG Z . -35.74 15.92 18.11
C1 NAG Z . -42.28 12.77 17.13
C2 NAG Z . -43.64 13.18 17.71
C3 NAG Z . -44.69 12.26 17.21
C4 NAG Z . -44.69 12.37 15.68
C5 NAG Z . -43.33 11.96 15.14
C6 NAG Z . -43.29 12.11 13.64
C7 NAG Z . -44.21 13.86 19.97
C8 NAG Z . -44.03 13.66 21.44
N2 NAG Z . -43.55 13.07 19.16
O3 NAG Z . -45.97 12.63 17.77
O4 NAG Z . -45.70 11.51 15.16
O5 NAG Z . -42.32 12.84 15.68
O6 NAG Z . -44.45 11.64 12.98
O7 NAG Z . -44.96 14.75 19.52
C1 NAG AA . -28.18 -10.83 39.40
C2 NAG AA . -28.84 -12.12 38.95
C3 NAG AA . -30.25 -12.12 39.42
C4 NAG AA . -30.28 -12.05 40.96
C5 NAG AA . -29.54 -10.77 41.33
C6 NAG AA . -29.42 -10.61 42.82
C7 NAG AA . -28.52 -13.28 36.88
C8 NAG AA . -28.48 -13.21 35.39
N2 NAG AA . -28.82 -12.18 37.52
O3 NAG AA . -30.90 -13.30 38.92
O4 NAG AA . -31.63 -11.90 41.43
O5 NAG AA . -28.20 -10.76 40.84
O6 NAG AA . -28.97 -11.77 43.52
O7 NAG AA . -28.26 -14.32 37.48
C1 NAG AA . -32.25 -13.07 41.89
C2 NAG AA . -33.30 -12.66 42.91
C3 NAG AA . -34.05 -13.83 43.42
C4 NAG AA . -34.72 -14.46 42.21
C5 NAG AA . -33.67 -14.91 41.19
C6 NAG AA . -34.36 -15.43 39.95
C7 NAG AA . -33.03 -10.77 44.40
C8 NAG AA . -32.31 -10.18 45.57
N2 NAG AA . -32.68 -11.98 44.03
O3 NAG AA . -35.00 -13.41 44.43
O4 NAG AA . -35.49 -15.58 42.63
O5 NAG AA . -32.93 -13.75 40.79
O6 NAG AA . -35.66 -15.94 40.17
O7 NAG AA . -33.91 -10.16 43.79
C1 NAG BA . -8.84 2.21 34.58
C2 NAG BA . -8.57 0.84 33.93
C3 NAG BA . -7.80 0.00 34.89
C4 NAG BA . -6.47 0.64 35.23
C5 NAG BA . -6.81 2.01 35.84
C6 NAG BA . -5.60 2.84 36.16
C7 NAG BA . -9.91 -0.71 32.67
C8 NAG BA . -11.24 -1.33 32.45
N2 NAG BA . -9.82 0.20 33.61
O3 NAG BA . -7.60 -1.31 34.31
O4 NAG BA . -5.86 -0.20 36.24
O5 NAG BA . -7.57 2.82 34.93
O6 NAG BA . -4.58 2.88 35.18
O7 NAG BA . -8.94 -1.03 31.99
C1 NAG BA . -4.55 -0.63 35.98
C2 NAG BA . -3.88 -0.90 37.31
C3 NAG BA . -2.47 -1.29 37.09
C4 NAG BA . -2.45 -2.58 36.28
C5 NAG BA . -3.18 -2.31 34.95
C6 NAG BA . -3.37 -3.57 34.16
C7 NAG BA . -4.57 0.27 39.30
C8 NAG BA . -4.71 1.58 40.02
N2 NAG BA . -3.95 0.28 38.13
O3 NAG BA . -1.83 -1.48 38.37
O4 NAG BA . -1.06 -2.85 36.01
O5 NAG BA . -4.52 -1.85 35.20
O6 NAG BA . -4.35 -4.46 34.68
O7 NAG BA . -5.00 -0.78 39.78
C1 BMA BA . -0.62 -4.21 36.39
C2 BMA BA . 0.54 -4.59 35.46
C3 BMA BA . 1.06 -5.94 35.77
C4 BMA BA . 1.54 -5.89 37.20
C5 BMA BA . 0.36 -5.53 38.16
C6 BMA BA . 0.87 -5.37 39.64
O2 BMA BA . 1.52 -3.69 35.66
O3 BMA BA . 2.17 -6.23 34.85
O4 BMA BA . 2.05 -7.14 37.54
O5 BMA BA . -0.14 -4.23 37.77
O6 BMA BA . 2.29 -4.96 39.77
C1 MAN BA . 2.05 -7.54 34.22
C2 MAN BA . 3.35 -7.86 33.44
C3 MAN BA . 3.51 -6.92 32.29
C4 MAN BA . 2.31 -7.13 31.37
C5 MAN BA . 1.02 -6.79 32.16
C6 MAN BA . -0.26 -7.00 31.26
O2 MAN BA . 3.19 -9.14 33.00
O3 MAN BA . 4.75 -7.16 31.57
O4 MAN BA . 2.43 -6.30 30.26
O5 MAN BA . 0.93 -7.67 33.29
O6 MAN BA . -0.11 -6.52 29.87
C1 MAN BA . 4.42 -9.94 33.12
C2 MAN BA . 4.31 -11.16 32.20
C3 MAN BA . 3.25 -12.11 32.63
C4 MAN BA . 3.60 -12.57 34.03
C5 MAN BA . 3.66 -11.33 34.97
C6 MAN BA . 4.05 -11.74 36.44
O2 MAN BA . 5.50 -11.77 32.26
O3 MAN BA . 3.20 -13.23 31.71
O4 MAN BA . 2.65 -13.47 34.49
O5 MAN BA . 4.69 -10.43 34.49
O6 MAN BA . 3.59 -13.08 36.84
C1 MAN BA . 2.56 -4.11 40.95
C2 MAN BA . 2.39 -2.63 40.57
C3 MAN BA . 3.38 -2.19 39.55
C4 MAN BA . 4.76 -2.39 40.15
C5 MAN BA . 4.94 -3.89 40.50
C6 MAN BA . 6.35 -4.13 41.17
O2 MAN BA . 2.58 -1.91 41.68
O3 MAN BA . 3.14 -0.81 39.22
O4 MAN BA . 5.72 -2.01 39.21
O5 MAN BA . 3.93 -4.27 41.45
O6 MAN BA . 7.45 -3.37 40.55
C1 NAG CA . -8.74 -32.73 35.99
C2 NAG CA . -8.19 -32.51 37.39
C3 NAG CA . -6.78 -32.97 37.42
C4 NAG CA . -6.70 -34.47 37.10
C5 NAG CA . -7.33 -34.63 35.70
C6 NAG CA . -7.48 -36.06 35.26
C7 NAG CA . -9.12 -30.60 38.53
C8 NAG CA . -9.11 -29.13 38.77
N2 NAG CA . -8.23 -31.10 37.71
O3 NAG CA . -6.23 -32.66 38.74
O4 NAG CA . -5.31 -34.84 37.07
O5 NAG CA . -8.67 -34.15 35.67
O6 NAG CA . -7.96 -36.97 36.23
O7 NAG CA . -9.95 -31.34 39.07
C1 NAG CA . -4.99 -36.03 37.75
C2 NAG CA . -3.73 -36.61 37.10
C3 NAG CA . -3.40 -37.88 37.79
C4 NAG CA . -3.11 -37.60 39.27
C5 NAG CA . -4.38 -36.99 39.87
C6 NAG CA . -4.16 -36.57 41.30
C7 NAG CA . -3.36 -36.30 34.73
C8 NAG CA . -3.77 -36.64 33.34
N2 NAG CA . -4.00 -36.90 35.70
O3 NAG CA . -2.24 -38.47 37.13
O4 NAG CA . -2.80 -38.85 39.90
O5 NAG CA . -4.73 -35.78 39.16
O6 NAG CA . -5.06 -35.57 41.75
O7 NAG CA . -2.45 -35.49 34.95
C1 BMA CA . -1.54 -38.80 40.68
C2 BMA CA . -1.56 -39.95 41.68
C3 BMA CA . -0.34 -39.95 42.52
C4 BMA CA . 0.85 -40.10 41.58
C5 BMA CA . 0.85 -38.92 40.57
C6 BMA CA . 2.03 -39.09 39.54
O2 BMA CA . -1.62 -41.10 40.99
O3 BMA CA . -0.40 -41.05 43.46
O4 BMA CA . 2.03 -40.08 42.33
O5 BMA CA . -0.38 -38.95 39.82
O6 BMA CA . 3.28 -39.59 40.13
C1 NAG DA . -21.97 -30.10 37.89
C2 NAG DA . -22.84 -31.32 37.59
C3 NAG DA . -24.21 -30.92 37.22
C4 NAG DA . -24.81 -30.16 38.41
C5 NAG DA . -23.93 -28.93 38.65
C6 NAG DA . -24.36 -28.16 39.87
C7 NAG DA . -21.70 -33.20 36.52
C8 NAG DA . -21.57 -33.93 37.82
N2 NAG DA . -22.30 -32.04 36.46
O3 NAG DA . -24.96 -32.10 36.90
O4 NAG DA . -26.16 -29.73 38.10
O5 NAG DA . -22.60 -29.36 38.96
O6 NAG DA . -24.76 -28.95 40.99
O7 NAG DA . -21.23 -33.69 35.48
C1 NAG DA . -27.19 -30.51 38.70
C2 NAG DA . -28.22 -29.59 39.35
C3 NAG DA . -29.25 -30.43 40.00
C4 NAG DA . -29.95 -31.31 38.98
C5 NAG DA . -28.87 -32.17 38.32
C6 NAG DA . -29.40 -32.99 37.18
C7 NAG DA . -28.01 -27.52 40.62
C8 NAG DA . -27.31 -26.77 41.71
N2 NAG DA . -27.59 -28.74 40.36
O3 NAG DA . -30.20 -29.56 40.66
O4 NAG DA . -30.85 -32.14 39.73
O5 NAG DA . -27.86 -31.34 37.72
O6 NAG DA . -29.63 -32.27 35.98
O7 NAG DA . -28.95 -27.02 40.00
C1 BMA DA . -32.26 -32.06 39.29
C2 BMA DA . -32.98 -33.29 39.82
C3 BMA DA . -34.41 -33.31 39.41
C4 BMA DA . -35.04 -32.04 39.97
C5 BMA DA . -34.30 -30.80 39.41
C6 BMA DA . -34.89 -29.48 40.04
O2 BMA DA . -32.92 -33.26 41.17
O3 BMA DA . -35.05 -34.49 39.94
O4 BMA DA . -36.38 -32.00 39.61
O5 BMA DA . -32.92 -30.87 39.81
O6 BMA DA . -36.37 -29.45 40.10
C1 NAG EA . -8.19 -27.53 50.32
C2 NAG EA . -6.72 -27.53 49.90
C3 NAG EA . -5.92 -28.21 50.93
C4 NAG EA . -6.08 -27.45 52.26
C5 NAG EA . -7.57 -27.46 52.63
C6 NAG EA . -7.87 -26.63 53.87
C7 NAG EA . -6.08 -27.66 47.58
C8 NAG EA . -6.10 -28.45 46.31
N2 NAG EA . -6.61 -28.22 48.64
O3 NAG EA . -4.53 -28.25 50.53
O4 NAG EA . -5.30 -28.18 53.21
O5 NAG EA . -8.33 -26.83 51.59
O6 NAG EA . -7.38 -25.29 53.84
O7 NAG EA . -5.59 -26.53 47.66
C1 NAG EA . -4.52 -27.38 54.06
C2 NAG EA . -4.22 -28.22 55.30
C3 NAG EA . -3.46 -27.40 56.29
C4 NAG EA . -2.17 -26.99 55.59
C5 NAG EA . -2.48 -26.18 54.34
C6 NAG EA . -1.21 -25.82 53.61
C7 NAG EA . -5.91 -29.92 55.59
C8 NAG EA . -7.21 -30.35 56.18
N2 NAG EA . -5.45 -28.71 55.88
O3 NAG EA . -3.22 -28.19 57.49
O4 NAG EA . -1.38 -26.22 56.49
O5 NAG EA . -3.27 -26.96 53.44
O6 NAG EA . -0.07 -25.67 54.45
O7 NAG EA . -5.27 -30.66 54.83
C1 FUC EA . -8.07 -24.42 54.78
C2 FUC EA . -7.15 -23.26 55.18
C3 FUC EA . -6.81 -22.41 53.98
C4 FUC EA . -8.10 -21.86 53.42
C5 FUC EA . -9.01 -23.04 53.03
C6 FUC EA . -10.36 -22.52 52.49
O2 FUC EA . -5.96 -23.77 55.74
O3 FUC EA . -5.96 -21.33 54.37
O4 FUC EA . -8.69 -21.05 54.43
O5 FUC EA . -9.28 -23.87 54.21
C1 NAG FA . -14.61 -6.50 48.59
C2 NAG FA . -13.13 -6.79 48.44
C3 NAG FA . -12.83 -8.07 49.13
C4 NAG FA . -13.19 -7.93 50.62
C5 NAG FA . -14.68 -7.60 50.69
C6 NAG FA . -15.14 -7.36 52.11
C7 NAG FA . -11.71 -6.51 46.47
C8 NAG FA . -11.64 -6.61 44.99
N2 NAG FA . -12.83 -6.91 47.02
O3 NAG FA . -11.42 -8.35 48.98
O4 NAG FA . -12.94 -9.19 51.27
O5 NAG FA . -14.96 -6.38 49.99
O6 NAG FA . -16.44 -6.81 52.23
O7 NAG FA . -10.75 -6.09 47.13
C1 NAG FA . -12.10 -9.09 52.40
C2 NAG FA . -12.10 -10.44 53.12
C3 NAG FA . -11.27 -10.36 54.34
C4 NAG FA . -9.85 -10.06 53.89
C5 NAG FA . -9.84 -8.71 53.16
C6 NAG FA . -8.46 -8.44 52.63
C7 NAG FA . -13.93 -12.01 53.10
C8 NAG FA . -15.30 -12.41 53.58
N2 NAG FA . -13.45 -10.85 53.49
O3 NAG FA . -11.37 -11.61 55.08
O4 NAG FA . -9.00 -10.00 55.02
O5 NAG FA . -10.72 -8.79 52.02
O6 NAG FA . -7.41 -9.02 53.38
O7 NAG FA . -13.28 -12.74 52.34
C1 NAG GA . -23.07 43.28 -12.21
C2 NAG GA . -22.25 43.91 -13.36
C3 NAG GA . -23.18 44.43 -14.39
C4 NAG GA . -23.99 43.22 -14.88
C5 NAG GA . -24.76 42.58 -13.73
C6 NAG GA . -25.49 41.33 -14.16
C7 NAG GA . -20.11 44.78 -12.59
C8 NAG GA . -19.36 45.84 -11.86
N2 NAG GA . -21.41 44.98 -12.81
O3 NAG GA . -22.43 45.02 -15.48
O4 NAG GA . -24.88 43.67 -15.89
O5 NAG GA . -23.83 42.16 -12.73
O6 NAG GA . -25.40 40.23 -13.24
O7 NAG GA . -19.56 43.74 -12.98
C1 FUC GA . -26.60 39.92 -12.47
C2 FUC GA . -26.77 38.42 -12.71
C3 FUC GA . -25.50 37.71 -12.29
C4 FUC GA . -25.34 38.09 -10.86
C5 FUC GA . -25.22 39.59 -10.46
C6 FUC GA . -25.23 39.25 -8.96
O2 FUC GA . -26.98 38.18 -14.08
O3 FUC GA . -25.68 36.30 -12.37
O4 FUC GA . -26.43 37.46 -10.19
O5 FUC GA . -26.43 40.18 -11.02
C1 NAG HA . -8.75 0.18 -43.35
C2 NAG HA . -8.28 1.61 -43.63
C3 NAG HA . -7.22 1.60 -44.67
C4 NAG HA . -6.07 0.75 -44.14
C5 NAG HA . -6.57 -0.66 -43.87
C6 NAG HA . -5.47 -1.50 -43.30
C7 NAG HA . -9.46 3.70 -43.96
C8 NAG HA . -10.70 4.40 -44.41
N2 NAG HA . -9.41 2.39 -44.08
O3 NAG HA . -6.79 2.94 -44.96
O4 NAG HA . -5.02 0.72 -45.09
O5 NAG HA . -7.62 -0.60 -42.89
O6 NAG HA . -4.25 -1.46 -44.04
O7 NAG HA . -8.50 4.31 -43.49
C1 NAG IA . -25.49 -28.94 -42.63
C2 NAG IA . -26.29 -29.76 -41.60
C3 NAG IA . -26.54 -31.12 -42.13
C4 NAG IA . -27.31 -30.97 -43.43
C5 NAG IA . -26.49 -30.16 -44.42
C6 NAG IA . -27.26 -29.96 -45.69
C7 NAG IA . -25.91 -29.33 -39.23
C8 NAG IA . -24.96 -29.40 -38.08
N2 NAG IA . -25.51 -29.84 -40.37
O3 NAG IA . -27.30 -31.88 -41.16
O4 NAG IA . -27.59 -32.25 -43.97
O5 NAG IA . -26.24 -28.85 -43.87
O6 NAG IA . -28.06 -31.08 -46.09
O7 NAG IA . -27.03 -28.81 -39.12
C1 NAG JA . -30.57 -19.74 -45.92
C2 NAG JA . -31.04 -18.66 -46.91
C3 NAG JA . -31.04 -19.21 -48.29
C4 NAG JA . -29.59 -19.60 -48.57
C5 NAG JA . -29.12 -20.65 -47.57
C6 NAG JA . -27.66 -20.95 -47.82
C7 NAG JA . -32.70 -16.95 -46.68
C8 NAG JA . -34.05 -16.55 -46.17
N2 NAG JA . -32.36 -18.21 -46.53
O3 NAG JA . -31.54 -18.20 -49.21
O4 NAG JA . -29.49 -20.11 -49.89
O5 NAG JA . -29.21 -20.13 -46.23
O6 NAG JA . -27.30 -21.00 -49.19
O7 NAG JA . -31.94 -16.15 -47.23
C1 NAG KA . -36.85 -14.99 -27.09
C2 NAG KA . -37.26 -15.30 -28.52
C3 NAG KA . -38.11 -14.21 -29.05
C4 NAG KA . -39.33 -14.12 -28.14
C5 NAG KA . -38.88 -13.82 -26.71
C6 NAG KA . -40.08 -13.76 -25.79
C7 NAG KA . -35.83 -16.40 -30.14
C8 NAG KA . -34.49 -16.43 -30.79
N2 NAG KA . -36.05 -15.41 -29.32
O3 NAG KA . -38.48 -14.51 -30.43
O4 NAG KA . -40.19 -13.09 -28.61
O5 NAG KA . -38.03 -14.87 -26.24
O6 NAG KA . -41.21 -13.09 -26.34
O7 NAG KA . -36.69 -17.25 -30.37
C1 NAG LA . -30.42 -5.55 -27.99
C2 NAG LA . -30.76 -5.25 -26.54
C3 NAG LA . -32.02 -4.48 -26.42
C4 NAG LA . -31.80 -3.18 -27.18
C5 NAG LA . -31.47 -3.48 -28.63
C6 NAG LA . -31.19 -2.20 -29.36
C7 NAG LA . -30.14 -6.75 -24.77
C8 NAG LA . -30.30 -8.09 -24.13
N2 NAG LA . -30.90 -6.49 -25.80
O3 NAG LA . -32.32 -4.27 -25.02
O4 NAG LA . -32.97 -2.38 -27.08
O5 NAG LA . -30.28 -4.28 -28.69
O6 NAG LA . -31.94 -1.08 -28.91
O7 NAG LA . -29.33 -5.90 -24.36
C1 NAG MA . -39.15 -25.69 -8.25
C2 NAG MA . -40.12 -24.64 -8.79
C3 NAG MA . -40.66 -23.80 -7.70
C4 NAG MA . -41.39 -24.73 -6.75
C5 NAG MA . -40.42 -25.77 -6.22
C6 NAG MA . -41.13 -26.73 -5.31
C7 NAG MA . -39.74 -23.76 -11.00
C8 NAG MA . -38.92 -22.85 -11.85
N2 NAG MA . -39.42 -23.79 -9.73
O3 NAG MA . -41.53 -22.78 -8.26
O4 NAG MA . -41.93 -23.96 -5.68
O5 NAG MA . -39.89 -26.53 -7.32
O6 NAG MA . -42.03 -26.13 -4.40
O7 NAG MA . -40.66 -24.44 -11.45
C1 NAG NA . -16.86 -43.95 4.60
C2 NAG NA . -17.18 -44.68 3.28
C3 NAG NA . -17.69 -46.03 3.58
C4 NAG NA . -16.63 -46.79 4.36
C5 NAG NA . -16.36 -46.04 5.66
C6 NAG NA . -15.27 -46.73 6.44
C7 NAG NA . -18.07 -43.42 1.41
C8 NAG NA . -19.29 -42.83 0.80
N2 NAG NA . -18.24 -44.00 2.57
O3 NAG NA . -18.02 -46.70 2.35
O4 NAG NA . -17.10 -48.10 4.65
O5 NAG NA . -15.89 -44.72 5.35
O6 NAG NA . -15.30 -48.15 6.37
O7 NAG NA . -16.97 -43.35 0.87
C1 NAG OA . -5.19 -35.30 -14.36
C2 NAG OA . -3.91 -35.21 -15.21
C3 NAG OA . -4.26 -35.12 -16.65
C4 NAG OA . -5.06 -36.36 -17.03
C5 NAG OA . -6.33 -36.40 -16.19
C6 NAG OA . -7.11 -37.65 -16.49
C7 NAG OA . -2.12 -34.03 -14.10
C8 NAG OA . -1.47 -32.72 -13.84
N2 NAG OA . -3.17 -34.02 -14.87
O3 NAG OA . -3.03 -35.01 -17.42
O4 NAG OA . -5.38 -36.30 -18.41
O5 NAG OA . -5.96 -36.46 -14.80
O6 NAG OA . -7.06 -38.06 -17.85
O7 NAG OA . -1.67 -35.09 -13.63
C1 NAG PA . -19.33 -7.46 -55.80
C2 NAG PA . -19.11 -6.29 -56.75
C3 NAG PA . -20.09 -5.21 -56.50
C4 NAG PA . -21.47 -5.84 -56.74
C5 NAG PA . -21.68 -7.01 -55.78
C6 NAG PA . -22.99 -7.67 -56.08
C7 NAG PA . -16.83 -5.91 -57.49
C8 NAG PA . -15.48 -5.39 -57.16
N2 NAG PA . -17.76 -5.77 -56.58
O3 NAG PA . -19.84 -4.09 -57.39
O4 NAG PA . -22.46 -4.85 -56.54
O5 NAG PA . -20.66 -8.00 -56.01
O6 NAG PA . -24.00 -6.79 -56.57
O7 NAG PA . -17.07 -6.46 -58.57
C1 NAG QA . 6.62 33.86 -45.48
C2 NAG QA . 6.29 35.11 -46.30
C3 NAG QA . 5.11 34.83 -47.16
C4 NAG QA . 5.48 33.67 -48.08
C5 NAG QA . 5.84 32.45 -47.25
C6 NAG QA . 6.27 31.30 -48.13
C7 NAG QA . 6.69 37.26 -45.27
C8 NAG QA . 6.24 38.26 -44.26
N2 NAG QA . 5.95 36.20 -45.40
O3 NAG QA . 4.77 36.02 -47.90
O4 NAG QA . 4.39 33.38 -48.93
O5 NAG QA . 6.95 32.77 -46.40
O6 NAG QA . 5.44 31.10 -49.27
O7 NAG QA . 7.69 37.43 -45.96
C1 NAG RA . 15.22 15.20 -35.68
C2 NAG RA . 14.63 15.83 -36.97
C3 NAG RA . 14.00 14.79 -37.81
C4 NAG RA . 15.10 13.79 -38.16
C5 NAG RA . 15.68 13.19 -36.89
C6 NAG RA . 16.80 12.23 -37.22
C7 NAG RA . 13.72 18.08 -36.83
C8 NAG RA . 12.71 18.98 -36.17
N2 NAG RA . 13.62 16.80 -36.58
O3 NAG RA . 13.42 15.41 -38.98
O4 NAG RA . 14.56 12.77 -38.99
O5 NAG RA . 16.23 14.22 -36.07
O6 NAG RA . 16.57 11.42 -38.35
O7 NAG RA . 14.60 18.52 -37.58
C1 NAG SA . 42.53 5.30 10.89
C2 NAG SA . 42.60 6.81 10.65
C3 NAG SA . 43.04 7.49 11.89
C4 NAG SA . 42.02 7.17 12.98
C5 NAG SA . 41.98 5.67 13.20
C6 NAG SA . 40.94 5.32 14.22
C7 NAG SA . 43.49 8.15 8.85
C8 NAG SA . 44.48 8.29 7.74
N2 NAG SA . 43.55 7.06 9.57
O3 NAG SA . 43.14 8.92 11.67
O4 NAG SA . 42.38 7.83 14.18
O5 NAG SA . 41.58 5.04 11.96
O6 NAG SA . 41.05 6.07 15.43
O7 NAG SA . 42.65 9.01 9.08
C1 NAG TA . 48.84 -27.67 12.38
C2 NAG TA . 48.28 -28.96 11.76
C3 NAG TA . 48.83 -30.14 12.46
C4 NAG TA . 50.35 -30.09 12.32
C5 NAG TA . 50.87 -28.80 12.95
C6 NAG TA . 52.36 -28.72 12.78
C7 NAG TA . 46.01 -28.91 10.86
C8 NAG TA . 44.54 -28.78 11.15
N2 NAG TA . 46.82 -28.93 11.89
O3 NAG TA . 48.29 -31.34 11.86
O4 NAG TA . 50.91 -31.21 12.97
O5 NAG TA . 50.30 -27.67 12.27
O6 NAG TA . 53.04 -29.96 12.89
O7 NAG TA . 46.44 -28.99 9.71
C1 NAG UA . 54.33 -21.32 5.22
C2 NAG UA . 55.45 -20.40 4.74
C3 NAG UA . 56.66 -20.58 5.57
C4 NAG UA . 56.23 -20.20 6.99
C5 NAG UA . 55.10 -21.10 7.47
C6 NAG UA . 54.65 -20.65 8.84
C7 NAG UA . 56.04 -19.72 2.52
C8 NAG UA . 56.22 -20.09 1.09
N2 NAG UA . 55.72 -20.68 3.35
O3 NAG UA . 57.73 -19.74 5.07
O4 NAG UA . 57.34 -20.31 7.87
O5 NAG UA . 53.96 -20.97 6.59
O6 NAG UA . 55.69 -20.24 9.69
O7 NAG UA . 56.20 -18.56 2.93
C1 NAG VA . 40.59 -24.03 -9.61
C2 NAG VA . 42.04 -24.18 -9.18
C3 NAG VA . 42.92 -23.51 -10.17
C4 NAG VA . 42.67 -24.18 -11.52
C5 NAG VA . 41.20 -24.01 -11.91
C6 NAG VA . 40.94 -24.71 -13.22
C7 NAG VA . 42.79 -24.14 -6.89
C8 NAG VA . 42.75 -23.42 -5.59
N2 NAG VA . 42.19 -23.56 -7.90
O3 NAG VA . 44.30 -23.64 -9.74
O4 NAG VA . 43.50 -23.58 -12.50
O5 NAG VA . 40.38 -24.64 -10.92
O6 NAG VA . 41.96 -24.52 -14.20
O7 NAG VA . 43.37 -25.22 -7.03
C1 NAG WA . 38.67 -12.74 -9.05
C2 NAG WA . 37.54 -12.94 -10.06
C3 NAG WA . 38.03 -12.88 -11.45
C4 NAG WA . 38.63 -11.49 -11.63
C5 NAG WA . 39.77 -11.29 -10.63
C6 NAG WA . 40.32 -9.90 -10.76
C7 NAG WA . 35.65 -14.33 -9.55
C8 NAG WA . 35.12 -15.70 -9.27
N2 NAG WA . 36.92 -14.23 -9.85
O3 NAG WA . 36.94 -13.13 -12.36
O4 NAG WA . 39.11 -11.35 -12.95
O5 NAG WA . 39.25 -11.43 -9.30
O6 NAG WA . 40.29 -9.37 -12.07
O7 NAG WA . 34.94 -13.31 -9.52
C1 NAG XA . 24.63 -38.30 -13.70
C2 NAG XA . 25.59 -37.71 -14.74
C3 NAG XA . 24.89 -37.46 -16.01
C4 NAG XA . 24.36 -38.80 -16.51
C5 NAG XA . 23.41 -39.37 -15.46
C6 NAG XA . 22.90 -40.71 -15.89
C7 NAG XA . 27.39 -36.31 -13.99
C8 NAG XA . 27.79 -34.98 -13.48
N2 NAG XA . 26.12 -36.46 -14.26
O3 NAG XA . 25.81 -36.86 -16.96
O4 NAG XA . 23.67 -38.60 -17.73
O5 NAG XA . 24.13 -39.55 -14.22
O6 NAG XA . 22.52 -40.79 -17.25
O7 NAG XA . 28.19 -37.22 -14.18
C1 NAG YA . 2.56 -46.67 7.24
C2 NAG YA . 3.85 -47.17 7.89
C3 NAG YA . 3.79 -48.63 8.05
C4 NAG YA . 2.59 -48.97 8.92
C5 NAG YA . 1.33 -48.47 8.23
C6 NAG YA . 0.12 -48.74 9.08
C7 NAG YA . 5.95 -46.09 7.33
C8 NAG YA . 7.08 -46.00 6.36
N2 NAG YA . 4.98 -46.91 7.02
O3 NAG YA . 5.02 -49.11 8.63
O4 NAG YA . 2.52 -50.38 9.10
O5 NAG YA . 1.42 -47.05 8.06
O6 NAG YA . 0.17 -49.97 9.80
O7 NAG YA . 5.94 -45.42 8.37
C1 NAG ZA . 14.27 -29.90 19.54
C2 NAG ZA . 14.45 -29.06 20.82
C3 NAG ZA . 15.89 -28.83 21.10
C4 NAG ZA . 16.56 -30.19 21.26
C5 NAG ZA . 16.39 -30.97 19.97
C6 NAG ZA . 16.99 -32.35 20.12
C7 NAG ZA . 12.66 -27.44 21.16
C8 NAG ZA . 12.17 -26.08 20.88
N2 NAG ZA . 13.83 -27.76 20.66
O3 NAG ZA . 16.01 -28.02 22.29
O4 NAG ZA . 17.93 -30.00 21.54
O5 NAG ZA . 14.99 -31.15 19.71
O6 NAG ZA . 18.16 -32.40 20.92
O7 NAG ZA . 12.02 -28.27 21.83
C1 NAG AB . 58.25 -3.50 11.70
C2 NAG AB . 59.03 -2.19 11.68
C3 NAG AB . 59.29 -1.76 10.28
C4 NAG AB . 60.11 -2.88 9.64
C5 NAG AB . 59.33 -4.19 9.68
C6 NAG AB . 60.18 -5.30 9.13
C7 NAG AB . 58.65 -0.67 13.53
C8 NAG AB . 57.75 0.32 14.18
N2 NAG AB . 58.26 -1.17 12.37
O3 NAG AB . 59.98 -0.49 10.28
O4 NAG AB . 60.41 -2.51 8.30
O5 NAG AB . 59.04 -4.54 11.04
O6 NAG AB . 61.10 -4.89 8.12
O7 NAG AB . 59.71 -1.03 14.07
C1 NAG BB . 38.21 41.88 6.66
C2 NAG BB . 39.13 42.98 6.11
C3 NAG BB . 40.43 42.39 5.71
C4 NAG BB . 41.04 41.75 6.95
C5 NAG BB . 40.11 40.68 7.48
C6 NAG BB . 40.66 40.06 8.74
C7 NAG BB . 38.08 44.81 4.92
C8 NAG BB . 37.41 45.27 3.67
N2 NAG BB . 38.51 43.58 4.94
O3 NAG BB . 41.27 43.43 5.15
O4 NAG BB . 42.30 41.18 6.60
O5 NAG BB . 38.85 41.29 7.83
O6 NAG BB . 42.05 39.75 8.69
O7 NAG BB . 38.23 45.57 5.90
C1 NAG CB . 25.11 27.58 18.57
C2 NAG CB . 26.54 28.13 18.31
C3 NAG CB . 27.55 27.12 18.71
C4 NAG CB . 27.34 26.83 20.20
C5 NAG CB . 25.92 26.30 20.42
C6 NAG CB . 25.67 26.05 21.88
C7 NAG CB . 26.89 29.63 16.45
C8 NAG CB . 26.79 29.81 14.96
N2 NAG CB . 26.68 28.43 16.90
O3 NAG CB . 28.87 27.63 18.44
O4 NAG CB . 28.29 25.87 20.63
O5 NAG CB . 24.97 27.27 19.99
O6 NAG CB . 26.77 25.48 22.58
O7 NAG CB . 27.16 30.57 17.21
C1 NAG DB . -29.02 21.63 25.41
C2 NAG DB . -28.80 23.01 24.80
C3 NAG DB . -30.09 23.55 24.29
C4 NAG DB . -30.60 22.57 23.23
C5 NAG DB . -30.81 21.21 23.86
C6 NAG DB . -31.26 20.22 22.81
C7 NAG DB . -27.57 24.96 25.54
C8 NAG DB . -27.04 25.76 26.68
N2 NAG DB . -28.28 23.89 25.84
O3 NAG DB . -29.91 24.87 23.74
O4 NAG DB . -31.82 23.05 22.68
O5 NAG DB . -29.56 20.75 24.37
O6 NAG DB . -32.36 20.66 22.03
O7 NAG DB . -27.38 25.27 24.37
C1 NAG EB . -34.05 -4.35 46.12
C2 NAG EB . -33.26 -5.60 46.57
C3 NAG EB . -34.18 -6.52 47.30
C4 NAG EB . -34.75 -5.75 48.49
C5 NAG EB . -35.52 -4.53 47.99
C6 NAG EB . -36.05 -3.75 49.15
C7 NAG EB . -31.43 -6.40 45.18
C8 NAG EB . -31.02 -7.02 43.89
N2 NAG EB . -32.72 -6.26 45.40
O3 NAG EB . -33.42 -7.68 47.74
O4 NAG EB . -35.62 -6.60 49.22
O5 NAG EB . -34.62 -3.67 47.27
O6 NAG EB . -36.48 -4.54 50.25
O7 NAG EB . -30.61 -6.03 46.01
C1 NAG FB . -30.05 5.13 50.03
C2 NAG FB . -30.10 6.55 50.63
C3 NAG FB . -31.41 6.76 51.31
C4 NAG FB . -32.46 6.60 50.21
C5 NAG FB . -32.39 5.20 49.61
C6 NAG FB . -33.39 5.11 48.48
C7 NAG FB . -28.39 7.87 51.65
C8 NAG FB . -27.21 7.93 52.55
N2 NAG FB . -29.00 6.72 51.55
O3 NAG FB . -31.43 8.09 51.91
O4 NAG FB . -33.75 6.83 50.77
O5 NAG FB . -31.09 4.98 49.03
O6 NAG FB . -34.62 5.76 48.73
O7 NAG FB . -28.79 8.86 51.03
C1 NAG GB . -10.64 -0.33 46.95
C2 NAG GB . -11.69 0.11 47.96
C3 NAG GB . -11.20 1.29 48.70
C4 NAG GB . -9.90 0.89 49.39
C5 NAG GB . -8.88 0.45 48.35
C6 NAG GB . -7.61 0.00 49.02
C7 NAG GB . -14.07 0.01 47.58
C8 NAG GB . -15.18 0.33 46.65
N2 NAG GB . -12.88 0.44 47.23
O3 NAG GB . -12.21 1.71 49.64
O4 NAG GB . -9.40 1.99 50.12
O5 NAG GB . -9.40 -0.68 47.61
O6 NAG GB . -7.21 0.83 50.11
O7 NAG GB . -14.23 -0.64 48.61
C1 NAG HB . -9.98 8.45 39.61
C2 NAG HB . -8.58 7.98 39.25
C3 NAG HB . -7.56 8.55 40.17
C4 NAG HB . -7.64 10.06 40.00
C5 NAG HB . -9.04 10.54 40.37
C6 NAG HB . -9.15 12.02 40.14
C7 NAG HB . -8.19 5.81 38.30
C8 NAG HB . -8.24 4.32 38.46
N2 NAG HB . -8.51 6.53 39.34
O3 NAG HB . -6.26 8.02 39.81
O4 NAG HB . -6.68 10.67 40.84
O5 NAG HB . -9.99 9.90 39.50
O6 NAG HB . -7.95 12.74 40.39
O7 NAG HB . -7.87 6.36 37.24
C1 NAG IB . -0.05 -19.07 43.56
C2 NAG IB . 0.45 -17.91 44.42
C3 NAG IB . 1.91 -17.74 44.27
C4 NAG IB . 2.55 -19.04 44.74
C5 NAG IB . 2.05 -20.19 43.87
C6 NAG IB . 2.62 -21.49 44.33
C7 NAG IB . -1.00 -16.04 44.79
C8 NAG IB . -1.61 -14.81 44.22
N2 NAG IB . -0.19 -16.69 44.00
O3 NAG IB . 2.35 -16.61 45.06
O4 NAG IB . 3.97 -18.93 44.62
O5 NAG IB . 0.63 -20.28 44.01
O6 NAG IB . 4.01 -21.44 44.64
O7 NAG IB . -1.23 -16.42 45.94
C1 NAG JB . -8.74 -40.75 22.36
C2 NAG JB . -9.93 -40.74 23.32
C3 NAG JB . -10.08 -42.07 23.94
C4 NAG JB . -10.31 -43.09 22.84
C5 NAG JB . -9.10 -43.08 21.91
C6 NAG JB . -9.32 -44.04 20.77
C7 NAG JB . -10.38 -38.73 24.62
C8 NAG JB . -10.02 -37.94 25.84
N2 NAG JB . -9.68 -39.82 24.40
O3 NAG JB . -11.17 -42.04 24.89
O4 NAG JB . -10.47 -44.38 23.42
O5 NAG JB . -8.96 -41.78 21.35
O6 NAG JB . -10.01 -45.23 21.13
O7 NAG JB . -11.27 -38.37 23.85
C1 NAG KB . -24.64 -23.50 17.89
C2 NAG KB . -25.84 -22.97 17.08
C3 NAG KB . -26.73 -22.18 17.95
C4 NAG KB . -27.21 -23.08 19.08
C5 NAG KB . -26.01 -23.56 19.87
C6 NAG KB . -26.45 -24.52 20.95
C7 NAG KB . -25.27 -22.45 14.78
C8 NAG KB . -24.77 -21.43 13.83
N2 NAG KB . -25.37 -22.08 16.04
O3 NAG KB . -27.83 -21.67 17.16
O4 NAG KB . -28.10 -22.35 19.92
O5 NAG KB . -25.15 -24.30 18.99
O6 NAG KB . -27.70 -24.19 21.55
O7 NAG KB . -25.60 -23.60 14.42
C1 NAG LB . -37.16 20.98 41.48
C2 NAG LB . -37.47 22.48 41.44
C3 NAG LB . -36.34 23.26 41.98
C4 NAG LB . -36.17 22.80 43.43
C5 NAG LB . -35.87 21.30 43.48
C6 NAG LB . -35.80 20.85 44.91
C7 NAG LB . -38.90 23.23 39.64
C8 NAG LB . -39.04 23.54 38.19
N2 NAG LB . -37.71 22.86 40.05
O3 NAG LB . -36.62 24.68 41.88
O4 NAG LB . -35.11 23.53 44.02
O5 NAG LB . -36.96 20.58 42.87
O6 NAG LB . -35.32 21.83 45.82
O7 NAG LB . -39.87 23.29 40.41
C1 NAG MB . -22.39 52.21 5.53
C2 NAG MB . -22.30 53.70 5.90
C3 NAG MB . -22.55 53.86 7.35
C4 NAG MB . -23.95 53.33 7.64
C5 NAG MB . -24.02 51.87 7.25
C6 NAG MB . -25.41 51.32 7.47
C7 NAG MB . -20.71 55.06 4.68
C8 NAG MB . -19.28 55.41 4.45
N2 NAG MB . -20.96 54.19 5.61
O3 NAG MB . -22.41 55.26 7.71
O4 NAG MB . -24.22 53.48 9.03
O5 NAG MB . -23.73 51.75 5.84
O6 NAG MB . -26.00 51.69 8.71
O7 NAG MB . -21.63 55.58 4.02
C1 NAG NB . -27.33 31.38 -2.18
C2 NAG NB . -27.75 32.55 -1.26
C3 NAG NB . -28.57 32.06 -0.14
C4 NAG NB . -29.81 31.40 -0.77
C5 NAG NB . -29.37 30.25 -1.67
C6 NAG NB . -30.56 29.62 -2.33
C7 NAG NB . -26.20 34.41 -0.98
C8 NAG NB . -24.84 34.83 -0.54
N2 NAG NB . -26.54 33.17 -0.73
O3 NAG NB . -28.93 33.16 0.72
O4 NAG NB . -30.65 30.92 0.27
O5 NAG NB . -28.53 30.75 -2.71
O6 NAG NB . -31.70 29.48 -1.50
O7 NAG NB . -26.98 35.18 -1.55
#